data_4HAU
#
_entry.id   4HAU
#
_cell.length_a   106.177
_cell.length_b   106.177
_cell.length_c   306.017
_cell.angle_alpha   90.00
_cell.angle_beta   90.00
_cell.angle_gamma   90.00
#
_symmetry.space_group_name_H-M   'P 43 21 2'
#
loop_
_entity.id
_entity.type
_entity.pdbx_description
1 polymer 'GTP-binding nuclear protein Ran'
2 polymer 'Ran-specific GTPase-activating protein 1'
3 polymer Exportin-1
4 non-polymer 'PHOSPHOAMINOPHOSPHONIC ACID-GUANYLATE ESTER'
5 non-polymer 'MAGNESIUM ION'
6 non-polymer 1,2-ETHANEDIOL
7 non-polymer 'Ratjadone A, bound form'
8 non-polymer GLYCEROL
9 non-polymer 'CHLORIDE ION'
10 water water
#
loop_
_entity_poly.entity_id
_entity_poly.type
_entity_poly.pdbx_seq_one_letter_code
_entity_poly.pdbx_strand_id
1 'polypeptide(L)'
;MAAQGEPQVQFKLVLVGDGGTGKTTFVKRHLTGEFEKKYVATLGVEVHPLVFHTNRGPIKFNVWDTAGQEKFGGLRDGYY
IQAQCAIIMFDVTSRVTYKNVPNWHRDLVRVCENIPIVLCGNKVDIKDRKVKAKSIVFHRKKNLQYYDISAKSNYNFEKP
FLWLARKLIGDPNLEFVAMPALAPPEVVMDPALAAQYEHDLEVAQTTALPDEDDDL
;
A
2 'polypeptide(L)'
;DIHFEPVVHLEKVDVKTMEEDEEVLYKVRAKLFRFDKDAKEWKERGTGDCKFLKNKKTNKVRILMRRDKTLKICANHIIA
PEYTLKPNVGSDRSWVYACTADIAEGEAEAFTFAIRFGSKENADKFKEEFEKAQEINKKA
;
B
3 'polypeptide(L)'
;GAMEGILDFSNDLDIALLDQVVSTFYQGSGVQQKQAQEILTKFQDNPDAWQKADQILQFSTNPQSKFIALSILDKLITRK
WKLLPNDHRIGIRNFVVGMIISMCQDDEVFKTQKNLINKSDLTLVQILKQEWPQNWPEFIPELIGSSSSSVNVCENNMIV
LKLLSEEVFDFSAEQMTQAKALHLKNSMSKEFEQIFKLCFQVLEQGASSSLIVATLESLLRYLHWIPYRYIYETNILELL
STKFMTSPDTRAITLKCLTEVSNLKIPQDNDLIKRQTVLFFQNTLQQIATSVMPVTADLKATYANANGNDQSFLQDLAMF
LTTYLARNRALLESDESLRELLLNAHQYLIQLSKIEERELFKTTLDYWHNLVADLFYEPLKKHIYEEICSQLRLVIIENM
VRPEEVLVVENDEGEIVREFVKESDTIQLYKSEREVLVYLTHLNVIDTEEIMISKLARQIDGSEWSWHNINTLSWAIGSI
SGTMSEDTEKRFVVTVIKDLLDLCVKKRGKDNKAVVASDIMYVVGQYPRFLKAHWNFLRTVILKLFEFMHETHEGVQDMA
CDTFIKIVQKCKYHFVIQQPRESEPFIQTIIRDIQKTTADLQPQQVHTFYKACGIIISEERSVAERNRLLSDLMQLPNMA
WDTIVEQSTANPTLLLDSETVKIIANIIKTNVAVCTSMGADFYPQLGHIYYNMLQLYRAVSSMISAQVAAEGLIATKTPK
VRGLRTIKKEILKLVETYISKARNLDDVVKVLVEPLLNAVLEDYMNNVPDARDAEVLNCMTTVVEKVGHMIPQGVILILQ
SVFECTLDMINKDFTEYPEHRVEFYKLLKVINEKSFAAFLELPPAAFKLFVDAICWAFKHNNRDVEVNGLQIALDLVKNI
ERMGNVPFANEFHKNYFFIFVSETFFVLTDSDHKSGFSKQALLLMKLISLVYDNKISVPLYQEAEVPQGTSNQVYLSQYL
ANMLSNAFPHLTSEQIASFLSALTKQCKDLVVFKGTLRDFLVQIKEVGGDPTDYLFAEDKENA
;
C
#
loop_
_chem_comp.id
_chem_comp.type
_chem_comp.name
_chem_comp.formula
CL non-polymer 'CHLORIDE ION' 'Cl -1'
EDO non-polymer 1,2-ETHANEDIOL 'C2 H6 O2'
GNP non-polymer 'PHOSPHOAMINOPHOSPHONIC ACID-GUANYLATE ESTER' 'C10 H17 N6 O13 P3'
GOL non-polymer GLYCEROL 'C3 H8 O3'
MG non-polymer 'MAGNESIUM ION' 'Mg 2'
RJA non-polymer 'Ratjadone A, bound form' 'C28 H44 O6'
#
# COMPACT_ATOMS: atom_id res chain seq x y z
N VAL A 9 19.09 4.08 -25.64
CA VAL A 9 17.89 3.86 -26.50
C VAL A 9 16.84 3.16 -25.61
N GLN A 10 17.02 1.86 -25.39
CA GLN A 10 16.00 1.05 -24.67
C GLN A 10 16.55 0.11 -23.59
N PHE A 11 15.75 -0.10 -22.56
CA PHE A 11 16.13 -0.90 -21.40
C PHE A 11 15.07 -1.92 -21.03
N LYS A 12 15.50 -3.14 -20.73
CA LYS A 12 14.59 -4.18 -20.26
C LYS A 12 14.25 -3.95 -18.77
N LEU A 13 12.95 -3.85 -18.50
CA LEU A 13 12.44 -3.63 -17.16
C LEU A 13 11.58 -4.81 -16.82
N VAL A 14 11.86 -5.47 -15.70
CA VAL A 14 10.98 -6.55 -15.24
C VAL A 14 10.16 -6.08 -14.06
N LEU A 15 8.89 -6.45 -14.10
CA LEU A 15 7.94 -6.05 -13.09
C LEU A 15 7.43 -7.32 -12.39
N VAL A 16 7.67 -7.41 -11.09
CA VAL A 16 7.35 -8.60 -10.30
C VAL A 16 6.62 -8.27 -9.01
N GLY A 17 5.92 -9.26 -8.47
CA GLY A 17 5.18 -9.06 -7.22
C GLY A 17 3.94 -9.92 -7.19
N ASP A 18 3.35 -10.04 -6.02
CA ASP A 18 2.19 -10.93 -5.84
C ASP A 18 1.04 -10.67 -6.84
N GLY A 19 0.27 -11.72 -7.07
CA GLY A 19 -0.93 -11.59 -7.89
C GLY A 19 -1.88 -10.56 -7.29
N GLY A 20 -2.47 -9.74 -8.12
CA GLY A 20 -3.48 -8.77 -7.64
C GLY A 20 -2.95 -7.47 -7.07
N THR A 21 -1.64 -7.26 -7.13
CA THR A 21 -1.00 -6.06 -6.51
C THR A 21 -1.13 -4.80 -7.40
N GLY A 22 -1.44 -5.01 -8.67
CA GLY A 22 -1.69 -3.90 -9.63
C GLY A 22 -0.64 -3.65 -10.69
N LYS A 23 0.20 -4.63 -10.93
CA LYS A 23 1.32 -4.53 -11.89
C LYS A 23 0.82 -4.17 -13.29
N THR A 24 -0.09 -4.98 -13.80
CA THR A 24 -0.64 -4.77 -15.14
C THR A 24 -1.42 -3.45 -15.23
N THR A 25 -2.24 -3.20 -14.22
CA THR A 25 -3.03 -1.96 -14.14
C THR A 25 -2.13 -0.73 -14.18
N PHE A 26 -1.04 -0.79 -13.43
CA PHE A 26 -0.01 0.27 -13.42
C PHE A 26 0.62 0.47 -14.79
N VAL A 27 1.08 -0.60 -15.42
CA VAL A 27 1.62 -0.52 -16.78
C VAL A 27 0.58 0.07 -17.77
N LYS A 28 -0.64 -0.46 -17.74
CA LYS A 28 -1.70 0.01 -18.68
C LYS A 28 -1.94 1.51 -18.53
N ARG A 29 -1.99 1.96 -17.30
CA ARG A 29 -2.17 3.40 -17.01
C ARG A 29 -1.10 4.22 -17.76
N HIS A 30 0.13 3.74 -17.69
CA HIS A 30 1.24 4.40 -18.36
C HIS A 30 1.16 4.29 -19.86
N LEU A 31 0.68 3.15 -20.37
CA LEU A 31 0.59 2.89 -21.81
C LEU A 31 -0.49 3.73 -22.50
N THR A 32 -1.71 3.65 -21.97
CA THR A 32 -2.89 4.23 -22.64
C THR A 32 -3.57 5.35 -21.87
N GLY A 33 -3.28 5.47 -20.58
CA GLY A 33 -3.93 6.44 -19.70
C GLY A 33 -5.12 5.86 -18.94
N GLU A 34 -5.50 4.64 -19.27
CA GLU A 34 -6.73 4.06 -18.73
C GLU A 34 -6.53 3.47 -17.34
N PHE A 35 -7.63 3.32 -16.60
CA PHE A 35 -7.64 2.53 -15.37
C PHE A 35 -8.52 1.29 -15.55
N GLU A 36 -7.90 0.13 -15.61
CA GLU A 36 -8.62 -1.14 -15.75
C GLU A 36 -9.07 -1.64 -14.39
N LYS A 37 -10.39 -1.63 -14.18
CA LYS A 37 -10.98 -2.07 -12.90
C LYS A 37 -10.99 -3.59 -12.73
N LYS A 38 -11.06 -4.32 -13.82
CA LYS A 38 -11.20 -5.78 -13.74
C LYS A 38 -9.85 -6.39 -13.42
N TYR A 39 -9.90 -7.53 -12.74
CA TYR A 39 -8.68 -8.32 -12.49
C TYR A 39 -8.64 -9.52 -13.43
N VAL A 40 -7.83 -9.39 -14.46
CA VAL A 40 -7.54 -10.51 -15.37
C VAL A 40 -6.06 -10.87 -15.13
N ALA A 41 -5.85 -12.04 -14.56
CA ALA A 41 -4.50 -12.50 -14.18
C ALA A 41 -3.60 -12.61 -15.40
N THR A 42 -2.41 -12.05 -15.30
CA THR A 42 -1.40 -12.15 -16.37
C THR A 42 -0.94 -13.60 -16.48
N LEU A 43 -0.76 -14.07 -17.70
CA LEU A 43 -0.35 -15.46 -17.96
C LEU A 43 1.12 -15.46 -18.39
N GLY A 44 2.00 -15.86 -17.48
CA GLY A 44 3.44 -15.87 -17.74
C GLY A 44 4.02 -14.46 -17.74
N VAL A 45 4.08 -13.82 -18.90
CA VAL A 45 4.54 -12.42 -19.03
C VAL A 45 3.84 -11.70 -20.19
N GLU A 46 3.70 -10.39 -20.08
CA GLU A 46 3.35 -9.56 -21.23
C GLU A 46 4.37 -8.47 -21.41
N VAL A 47 4.86 -8.35 -22.64
CA VAL A 47 5.92 -7.38 -22.97
C VAL A 47 5.32 -6.17 -23.65
N HIS A 48 5.60 -5.00 -23.11
CA HIS A 48 5.16 -3.73 -23.71
C HIS A 48 6.26 -2.72 -23.77
N PRO A 49 6.45 -2.10 -24.95
CA PRO A 49 7.35 -0.96 -25.00
C PRO A 49 6.66 0.31 -24.46
N LEU A 50 7.41 1.11 -23.75
CA LEU A 50 6.91 2.30 -23.08
C LEU A 50 7.98 3.38 -23.18
N VAL A 51 7.65 4.47 -23.86
CA VAL A 51 8.64 5.52 -24.12
C VAL A 51 8.31 6.76 -23.30
N PHE A 52 9.36 7.36 -22.75
CA PHE A 52 9.26 8.64 -22.05
C PHE A 52 10.18 9.66 -22.73
N HIS A 53 9.74 10.90 -22.74
CA HIS A 53 10.52 12.00 -23.27
C HIS A 53 11.15 12.76 -22.16
N THR A 54 12.46 12.92 -22.25
CA THR A 54 13.22 13.60 -21.19
C THR A 54 14.07 14.72 -21.75
N ASN A 55 14.58 15.56 -20.87
CA ASN A 55 15.57 16.59 -21.25
C ASN A 55 16.88 16.00 -21.82
N ARG A 56 17.06 14.71 -21.63
CA ARG A 56 18.23 13.98 -22.15
C ARG A 56 17.87 13.11 -23.36
N GLY A 57 16.70 13.36 -23.92
CA GLY A 57 16.20 12.60 -25.07
C GLY A 57 15.16 11.57 -24.65
N PRO A 58 14.68 10.75 -25.60
CA PRO A 58 13.73 9.70 -25.30
C PRO A 58 14.37 8.49 -24.67
N ILE A 59 13.67 7.88 -23.73
CA ILE A 59 14.09 6.64 -23.11
C ILE A 59 12.95 5.64 -23.28
N LYS A 60 13.32 4.46 -23.78
CA LYS A 60 12.34 3.41 -24.04
C LYS A 60 12.54 2.29 -23.03
N PHE A 61 11.48 1.98 -22.32
CA PHE A 61 11.45 0.83 -21.44
C PHE A 61 10.69 -0.29 -22.12
N ASN A 62 11.36 -1.41 -22.33
N ASN A 62 11.37 -1.40 -22.27
CA ASN A 62 10.66 -2.63 -22.73
CA ASN A 62 10.78 -2.67 -22.71
C ASN A 62 10.22 -3.35 -21.46
C ASN A 62 10.24 -3.38 -21.45
N VAL A 63 8.96 -3.15 -21.14
CA VAL A 63 8.39 -3.61 -19.86
C VAL A 63 7.91 -5.05 -19.92
N TRP A 64 8.56 -5.90 -19.14
CA TRP A 64 8.16 -7.31 -18.98
C TRP A 64 7.32 -7.42 -17.74
N ASP A 65 6.02 -7.37 -17.95
CA ASP A 65 5.03 -7.42 -16.87
C ASP A 65 4.71 -8.89 -16.59
N THR A 66 5.27 -9.41 -15.49
CA THR A 66 5.22 -10.84 -15.17
C THR A 66 4.03 -11.24 -14.30
N ALA A 67 3.69 -12.52 -14.37
CA ALA A 67 2.57 -13.06 -13.58
C ALA A 67 3.00 -13.23 -12.13
N GLY A 68 2.14 -12.78 -11.22
CA GLY A 68 2.33 -12.98 -9.79
C GLY A 68 1.65 -14.20 -9.18
N GLN A 69 0.61 -14.72 -9.82
CA GLN A 69 -0.01 -15.96 -9.35
CA GLN A 69 0.00 -15.97 -9.34
C GLN A 69 0.92 -17.13 -9.66
N GLU A 70 1.22 -17.93 -8.67
CA GLU A 70 2.11 -19.08 -8.86
C GLU A 70 1.64 -20.00 -9.98
N LYS A 71 0.33 -20.20 -10.07
CA LYS A 71 -0.21 -21.11 -11.10
C LYS A 71 -0.10 -20.53 -12.52
N PHE A 72 0.17 -19.24 -12.64
CA PHE A 72 0.36 -18.61 -13.96
C PHE A 72 1.78 -18.10 -14.17
N GLY A 73 2.72 -18.58 -13.37
CA GLY A 73 4.09 -18.03 -13.33
C GLY A 73 4.95 -18.22 -14.57
N GLY A 74 4.58 -19.20 -15.39
CA GLY A 74 5.27 -19.44 -16.65
C GLY A 74 6.76 -19.70 -16.40
N LEU A 75 7.61 -18.99 -17.11
CA LEU A 75 9.06 -19.23 -17.00
C LEU A 75 9.66 -18.69 -15.69
N ARG A 76 8.86 -17.97 -14.90
CA ARG A 76 9.31 -17.47 -13.58
CA ARG A 76 9.29 -17.44 -13.58
C ARG A 76 10.60 -16.65 -13.72
N ASP A 77 11.66 -17.03 -13.00
CA ASP A 77 12.94 -16.27 -13.08
C ASP A 77 13.58 -16.23 -14.47
N GLY A 78 13.15 -17.10 -15.36
CA GLY A 78 13.60 -17.06 -16.75
C GLY A 78 13.31 -15.72 -17.42
N TYR A 79 12.28 -15.04 -16.94
CA TYR A 79 11.93 -13.70 -17.44
C TYR A 79 12.97 -12.65 -17.08
N TYR A 80 13.75 -12.92 -16.04
CA TYR A 80 14.64 -11.89 -15.49
C TYR A 80 15.94 -11.77 -16.26
N ILE A 81 16.21 -12.75 -17.10
CA ILE A 81 17.51 -12.84 -17.77
C ILE A 81 17.76 -11.54 -18.54
N GLN A 82 18.88 -10.91 -18.24
CA GLN A 82 19.30 -9.65 -18.92
C GLN A 82 18.40 -8.42 -18.63
N ALA A 83 17.53 -8.47 -17.62
CA ALA A 83 16.82 -7.27 -17.18
C ALA A 83 17.87 -6.22 -16.80
N GLN A 84 17.60 -4.96 -17.12
CA GLN A 84 18.50 -3.83 -16.75
C GLN A 84 17.97 -2.98 -15.60
N CYS A 85 16.74 -3.26 -15.19
CA CYS A 85 16.09 -2.57 -14.07
C CYS A 85 14.82 -3.34 -13.70
N ALA A 86 14.21 -2.98 -12.59
CA ALA A 86 13.03 -3.70 -12.11
C ALA A 86 12.16 -2.84 -11.21
N ILE A 87 10.89 -3.22 -11.18
CA ILE A 87 9.94 -2.75 -10.17
C ILE A 87 9.42 -3.95 -9.39
N ILE A 88 9.46 -3.88 -8.06
CA ILE A 88 8.84 -4.88 -7.19
C ILE A 88 7.61 -4.22 -6.60
N MET A 89 6.46 -4.84 -6.84
N MET A 89 6.45 -4.82 -6.84
CA MET A 89 5.17 -4.29 -6.42
CA MET A 89 5.20 -4.23 -6.37
C MET A 89 4.60 -5.06 -5.23
C MET A 89 4.57 -5.04 -5.25
N PHE A 90 4.00 -4.32 -4.31
CA PHE A 90 3.12 -4.91 -3.31
C PHE A 90 1.88 -4.01 -3.17
N ASP A 91 0.97 -4.44 -2.32
CA ASP A 91 -0.33 -3.80 -2.10
C ASP A 91 -0.40 -3.42 -0.62
N VAL A 92 -0.47 -2.12 -0.32
CA VAL A 92 -0.50 -1.65 1.08
C VAL A 92 -1.77 -2.09 1.83
N THR A 93 -2.78 -2.57 1.11
CA THR A 93 -3.98 -3.11 1.77
C THR A 93 -3.88 -4.63 2.00
N SER A 94 -2.74 -5.22 1.66
CA SER A 94 -2.55 -6.67 1.83
C SER A 94 -1.16 -7.01 2.35
N ARG A 95 -1.12 -7.36 3.63
CA ARG A 95 0.15 -7.59 4.35
C ARG A 95 0.95 -8.76 3.80
N VAL A 96 0.26 -9.81 3.37
CA VAL A 96 0.93 -10.97 2.75
C VAL A 96 1.79 -10.55 1.57
N THR A 97 1.33 -9.54 0.81
CA THR A 97 2.06 -9.08 -0.38
C THR A 97 3.38 -8.37 -0.02
N TYR A 98 3.37 -7.61 1.07
CA TYR A 98 4.65 -7.07 1.61
C TYR A 98 5.55 -8.17 2.20
N LYS A 99 4.94 -9.14 2.89
N LYS A 99 4.95 -9.13 2.90
CA LYS A 99 5.68 -10.31 3.42
CA LYS A 99 5.68 -10.29 3.41
C LYS A 99 6.42 -11.05 2.31
C LYS A 99 6.41 -11.06 2.32
N ASN A 100 5.83 -11.08 1.12
CA ASN A 100 6.44 -11.79 -0.02
C ASN A 100 7.48 -10.99 -0.78
N VAL A 101 7.65 -9.72 -0.44
CA VAL A 101 8.65 -8.86 -1.13
C VAL A 101 10.09 -9.43 -1.09
N PRO A 102 10.56 -9.87 0.09
CA PRO A 102 11.91 -10.48 0.10
C PRO A 102 12.05 -11.71 -0.81
N ASN A 103 10.97 -12.44 -1.01
CA ASN A 103 10.99 -13.62 -1.91
C ASN A 103 11.16 -13.23 -3.37
N TRP A 104 10.37 -12.25 -3.79
CA TRP A 104 10.51 -11.71 -5.15
C TRP A 104 11.88 -11.14 -5.39
N HIS A 105 12.35 -10.32 -4.45
CA HIS A 105 13.69 -9.69 -4.53
C HIS A 105 14.79 -10.74 -4.62
N ARG A 106 14.68 -11.77 -3.79
CA ARG A 106 15.64 -12.89 -3.79
C ARG A 106 15.75 -13.51 -5.17
N ASP A 107 14.60 -13.86 -5.75
CA ASP A 107 14.59 -14.53 -7.07
C ASP A 107 15.14 -13.62 -8.15
N LEU A 108 14.75 -12.35 -8.08
CA LEU A 108 15.20 -11.33 -9.03
C LEU A 108 16.72 -11.10 -9.00
N VAL A 109 17.28 -10.83 -7.81
CA VAL A 109 18.71 -10.45 -7.75
C VAL A 109 19.64 -11.64 -7.94
N ARG A 110 19.15 -12.86 -7.74
CA ARG A 110 19.92 -14.06 -8.11
C ARG A 110 20.22 -14.12 -9.63
N VAL A 111 19.31 -13.57 -10.41
CA VAL A 111 19.51 -13.46 -11.88
C VAL A 111 20.11 -12.10 -12.26
N CYS A 112 19.67 -11.03 -11.62
CA CYS A 112 20.07 -9.67 -12.00
C CYS A 112 20.84 -9.04 -10.86
N GLU A 113 22.16 -9.22 -10.91
CA GLU A 113 22.98 -9.03 -9.72
C GLU A 113 23.24 -7.58 -9.35
N ASN A 114 23.18 -6.69 -10.31
CA ASN A 114 23.46 -5.28 -10.04
C ASN A 114 22.65 -4.33 -10.92
N ILE A 115 21.36 -4.23 -10.64
CA ILE A 115 20.46 -3.35 -11.40
C ILE A 115 19.69 -2.41 -10.46
N PRO A 116 19.30 -1.23 -10.94
CA PRO A 116 18.45 -0.37 -10.12
C PRO A 116 17.04 -0.97 -9.98
N ILE A 117 16.52 -0.97 -8.77
CA ILE A 117 15.21 -1.55 -8.48
C ILE A 117 14.40 -0.56 -7.63
N VAL A 118 13.14 -0.38 -7.99
CA VAL A 118 12.21 0.41 -7.20
C VAL A 118 11.20 -0.53 -6.56
N LEU A 119 10.98 -0.33 -5.27
CA LEU A 119 9.93 -1.00 -4.51
C LEU A 119 8.72 -0.04 -4.48
N CYS A 120 7.53 -0.53 -4.82
CA CYS A 120 6.31 0.29 -4.84
C CYS A 120 5.20 -0.35 -4.04
N GLY A 121 4.67 0.40 -3.09
CA GLY A 121 3.51 -0.01 -2.32
C GLY A 121 2.30 0.64 -2.96
N ASN A 122 1.54 -0.17 -3.70
CA ASN A 122 0.39 0.27 -4.47
C ASN A 122 -0.89 0.31 -3.64
N LYS A 123 -1.88 1.00 -4.19
CA LYS A 123 -3.27 1.06 -3.66
C LYS A 123 -3.41 1.92 -2.40
N VAL A 124 -2.62 2.99 -2.34
CA VAL A 124 -2.68 3.90 -1.18
C VAL A 124 -3.95 4.74 -1.19
N ASP A 125 -4.68 4.73 -2.29
CA ASP A 125 -6.02 5.36 -2.38
C ASP A 125 -7.07 4.72 -1.49
N ILE A 126 -6.86 3.45 -1.13
CA ILE A 126 -7.81 2.73 -0.27
C ILE A 126 -7.66 3.20 1.19
N LYS A 127 -8.79 3.57 1.80
CA LYS A 127 -8.76 4.20 3.13
C LYS A 127 -8.14 3.27 4.19
N ASP A 128 -8.59 2.02 4.21
CA ASP A 128 -8.10 1.08 5.23
C ASP A 128 -6.75 0.48 4.82
N ARG A 129 -5.70 1.24 5.05
CA ARG A 129 -4.34 0.78 4.81
C ARG A 129 -3.90 -0.24 5.87
N LYS A 130 -3.25 -1.30 5.43
CA LYS A 130 -2.83 -2.40 6.33
C LYS A 130 -1.31 -2.48 6.54
N VAL A 131 -0.55 -2.24 5.48
CA VAL A 131 0.93 -2.17 5.62
C VAL A 131 1.30 -0.76 6.01
N LYS A 132 1.55 -0.56 7.30
CA LYS A 132 1.82 0.77 7.85
C LYS A 132 3.13 1.34 7.28
N ALA A 133 3.10 2.64 7.02
CA ALA A 133 4.25 3.36 6.45
C ALA A 133 5.53 3.03 7.22
N LYS A 134 5.42 3.12 8.54
CA LYS A 134 6.51 2.84 9.46
C LYS A 134 7.13 1.44 9.28
N SER A 135 6.34 0.47 8.84
CA SER A 135 6.79 -0.92 8.67
C SER A 135 7.65 -1.15 7.43
N ILE A 136 7.57 -0.23 6.48
CA ILE A 136 8.20 -0.47 5.16
C ILE A 136 9.68 -0.10 5.25
N VAL A 137 10.51 -1.10 5.47
CA VAL A 137 11.95 -0.90 5.65
C VAL A 137 12.83 -1.86 4.85
N PHE A 138 12.24 -2.86 4.20
CA PHE A 138 13.03 -3.89 3.48
C PHE A 138 14.00 -3.30 2.46
N HIS A 139 13.60 -2.20 1.86
CA HIS A 139 14.40 -1.55 0.81
C HIS A 139 15.73 -0.99 1.27
N ARG A 140 15.86 -0.70 2.56
CA ARG A 140 17.03 0.06 3.04
C ARG A 140 18.33 -0.72 2.87
N LYS A 141 18.40 -1.91 3.44
CA LYS A 141 19.60 -2.75 3.34
C LYS A 141 19.83 -3.24 1.92
N LYS A 142 18.79 -3.26 1.11
CA LYS A 142 18.90 -3.72 -0.27
C LYS A 142 19.14 -2.61 -1.31
N ASN A 143 19.19 -1.36 -0.85
CA ASN A 143 19.42 -0.22 -1.75
C ASN A 143 18.34 -0.08 -2.83
N LEU A 144 17.11 -0.45 -2.50
CA LEU A 144 15.99 -0.20 -3.40
C LEU A 144 15.43 1.17 -3.11
N GLN A 145 14.98 1.85 -4.15
CA GLN A 145 14.19 3.06 -3.98
C GLN A 145 12.80 2.62 -3.54
N TYR A 146 12.13 3.42 -2.71
CA TYR A 146 10.74 3.12 -2.31
C TYR A 146 9.76 4.26 -2.64
N TYR A 147 8.58 3.93 -3.15
CA TYR A 147 7.45 4.90 -3.30
C TYR A 147 6.11 4.26 -2.97
N ASP A 148 5.34 4.96 -2.15
CA ASP A 148 3.89 4.78 -2.04
C ASP A 148 3.36 5.20 -3.41
N ILE A 149 2.48 4.39 -4.00
CA ILE A 149 1.84 4.76 -5.26
C ILE A 149 0.37 4.35 -5.29
N SER A 150 -0.37 4.90 -6.25
CA SER A 150 -1.72 4.42 -6.60
C SER A 150 -1.88 4.48 -8.11
N ALA A 151 -2.13 3.33 -8.74
CA ALA A 151 -2.45 3.32 -10.16
C ALA A 151 -3.83 3.97 -10.40
N LYS A 152 -4.70 3.88 -9.39
CA LYS A 152 -6.08 4.39 -9.48
C LYS A 152 -6.17 5.93 -9.38
N SER A 153 -5.53 6.48 -8.36
CA SER A 153 -5.51 7.95 -8.19
C SER A 153 -4.37 8.63 -8.97
N ASN A 154 -3.45 7.84 -9.49
CA ASN A 154 -2.16 8.31 -10.08
C ASN A 154 -1.15 8.88 -9.10
N TYR A 155 -1.42 8.73 -7.80
CA TYR A 155 -0.48 9.21 -6.79
C TYR A 155 0.93 8.62 -7.02
N ASN A 156 1.91 9.50 -7.17
CA ASN A 156 3.32 9.14 -7.46
C ASN A 156 3.53 8.21 -8.67
N PHE A 157 2.60 8.20 -9.61
CA PHE A 157 2.62 7.13 -10.63
C PHE A 157 3.84 7.22 -11.55
N GLU A 158 4.37 8.42 -11.72
CA GLU A 158 5.49 8.67 -12.62
C GLU A 158 6.83 8.41 -11.93
N LYS A 159 6.81 8.38 -10.60
CA LYS A 159 8.06 8.35 -9.79
C LYS A 159 9.01 7.19 -10.07
N PRO A 160 8.47 5.96 -10.20
CA PRO A 160 9.38 4.82 -10.43
C PRO A 160 10.11 4.90 -11.75
N PHE A 161 9.43 5.39 -12.78
CA PHE A 161 10.05 5.53 -14.10
C PHE A 161 11.04 6.68 -14.17
N LEU A 162 10.73 7.78 -13.50
CA LEU A 162 11.65 8.90 -13.43
C LEU A 162 12.96 8.51 -12.70
N TRP A 163 12.81 7.80 -11.60
CA TRP A 163 13.99 7.37 -10.82
C TRP A 163 14.85 6.43 -11.61
N LEU A 164 14.23 5.42 -12.20
CA LEU A 164 14.95 4.41 -13.00
C LEU A 164 15.67 5.05 -14.19
N ALA A 165 14.99 6.00 -14.82
CA ALA A 165 15.57 6.72 -15.97
C ALA A 165 16.82 7.48 -15.56
N ARG A 166 16.75 8.15 -14.42
CA ARG A 166 17.90 8.87 -13.86
C ARG A 166 19.09 7.94 -13.59
N LYS A 167 18.80 6.78 -13.02
CA LYS A 167 19.84 5.76 -12.76
C LYS A 167 20.40 5.19 -14.06
N LEU A 168 19.52 4.89 -15.01
CA LEU A 168 19.94 4.22 -16.25
C LEU A 168 20.74 5.16 -17.16
N ILE A 169 20.27 6.39 -17.29
CA ILE A 169 20.94 7.39 -18.12
C ILE A 169 22.20 7.91 -17.42
N GLY A 170 22.17 7.87 -16.11
CA GLY A 170 23.30 8.32 -15.27
C GLY A 170 23.25 9.80 -15.00
N ASP A 171 22.05 10.37 -15.02
CA ASP A 171 21.89 11.80 -14.82
C ASP A 171 20.80 12.08 -13.79
N PRO A 172 21.19 12.53 -12.58
CA PRO A 172 20.22 12.73 -11.50
C PRO A 172 19.31 13.95 -11.63
N ASN A 173 19.58 14.79 -12.62
CA ASN A 173 18.77 15.98 -12.89
C ASN A 173 17.89 15.80 -14.13
N LEU A 174 17.85 14.58 -14.63
CA LEU A 174 16.96 14.24 -15.74
C LEU A 174 15.51 14.51 -15.32
N GLU A 175 14.75 15.02 -16.27
CA GLU A 175 13.35 15.39 -16.05
C GLU A 175 12.50 14.97 -17.22
N PHE A 176 11.24 14.64 -16.98
CA PHE A 176 10.29 14.44 -18.10
C PHE A 176 10.05 15.81 -18.70
N VAL A 177 9.91 15.86 -20.02
CA VAL A 177 9.61 17.12 -20.71
C VAL A 177 8.43 16.93 -21.67
N ALA A 178 7.74 18.02 -21.97
CA ALA A 178 6.72 18.03 -23.04
C ALA A 178 7.44 18.09 -24.38
N MET A 179 7.10 17.21 -25.31
CA MET A 179 7.65 17.28 -26.67
C MET A 179 6.73 18.12 -27.54
N PRO A 180 7.30 18.91 -28.47
CA PRO A 180 6.48 19.78 -29.31
C PRO A 180 5.38 18.98 -29.99
N ALA A 181 4.23 19.63 -30.13
CA ALA A 181 3.03 18.97 -30.64
C ALA A 181 2.79 19.42 -32.07
N LEU A 182 2.98 18.50 -33.01
CA LEU A 182 2.75 18.74 -34.45
C LEU A 182 1.35 19.31 -34.71
N ALA A 183 1.25 20.22 -35.67
CA ALA A 183 -0.05 20.75 -36.09
C ALA A 183 -0.90 19.57 -36.60
N PRO A 184 -2.15 19.41 -36.13
CA PRO A 184 -2.98 18.31 -36.60
C PRO A 184 -3.67 18.67 -37.90
N PRO A 185 -4.14 17.65 -38.67
CA PRO A 185 -4.74 17.87 -39.99
C PRO A 185 -6.19 18.31 -39.97
N GLU A 186 -6.70 18.72 -41.11
CA GLU A 186 -8.10 19.21 -41.24
C GLU A 186 -9.10 18.07 -41.44
N GLN A 196 -23.47 5.74 -40.20
CA GLN A 196 -23.13 4.93 -39.04
C GLN A 196 -22.52 5.76 -37.90
N TYR A 197 -21.88 6.87 -38.27
CA TYR A 197 -21.46 7.89 -37.28
C TYR A 197 -22.55 8.14 -36.24
N GLU A 198 -23.77 8.33 -36.75
CA GLU A 198 -24.95 8.58 -35.91
C GLU A 198 -25.12 7.50 -34.84
N HIS A 199 -25.09 6.25 -35.28
CA HIS A 199 -25.32 5.11 -34.38
C HIS A 199 -24.24 4.95 -33.34
N ASP A 200 -22.99 5.09 -33.77
CA ASP A 200 -21.86 4.89 -32.85
C ASP A 200 -21.82 5.96 -31.75
N LEU A 201 -22.22 7.16 -32.13
CA LEU A 201 -22.26 8.30 -31.18
C LEU A 201 -23.38 8.11 -30.16
N GLU A 202 -24.53 7.63 -30.63
CA GLU A 202 -25.68 7.44 -29.75
C GLU A 202 -25.37 6.39 -28.67
N VAL A 203 -24.65 5.35 -29.07
CA VAL A 203 -24.18 4.32 -28.13
C VAL A 203 -23.23 4.90 -27.07
N ALA A 204 -22.33 5.76 -27.52
CA ALA A 204 -21.37 6.42 -26.60
C ALA A 204 -22.08 7.41 -25.67
N GLN A 205 -23.06 8.11 -26.20
CA GLN A 205 -23.80 9.09 -25.41
C GLN A 205 -24.57 8.43 -24.29
N THR A 206 -25.01 7.21 -24.55
CA THR A 206 -25.90 6.48 -23.65
C THR A 206 -25.19 5.38 -22.84
N THR A 207 -23.87 5.35 -22.89
CA THR A 207 -23.06 4.54 -21.95
C THR A 207 -22.49 5.53 -20.95
N ALA A 208 -22.84 5.36 -19.67
CA ALA A 208 -22.44 6.30 -18.62
C ALA A 208 -20.92 6.35 -18.43
N LEU A 209 -20.41 7.52 -18.11
CA LEU A 209 -18.98 7.66 -17.80
C LEU A 209 -18.76 7.04 -16.42
N PRO A 210 -17.60 6.39 -16.23
CA PRO A 210 -17.26 5.79 -14.94
C PRO A 210 -16.90 6.80 -13.87
N ASP A 211 -17.11 6.44 -12.62
CA ASP A 211 -16.65 7.22 -11.46
C ASP A 211 -17.12 8.69 -11.49
N GLU A 212 -18.42 8.87 -11.69
CA GLU A 212 -19.00 10.21 -11.80
C GLU A 212 -18.88 10.99 -10.47
N ASP A 213 -18.56 10.28 -9.40
CA ASP A 213 -18.33 10.94 -8.10
C ASP A 213 -16.89 11.45 -7.91
N ASP A 214 -16.03 11.18 -8.87
CA ASP A 214 -14.63 11.64 -8.81
C ASP A 214 -14.54 13.16 -9.00
N ASP A 215 -13.50 13.74 -8.43
CA ASP A 215 -13.27 15.19 -8.52
C ASP A 215 -13.17 15.64 -9.96
N LEU A 216 -12.51 14.82 -10.75
CA LEU A 216 -12.49 14.98 -12.20
C LEU A 216 -13.03 13.70 -12.84
N GLU B 19 5.21 25.25 -29.10
CA GLU B 19 3.88 25.93 -29.10
C GLU B 19 4.02 27.41 -28.74
N GLU B 20 5.10 27.99 -29.25
CA GLU B 20 5.40 29.43 -29.08
C GLU B 20 4.79 30.26 -30.22
N ASP B 21 4.47 29.57 -31.32
CA ASP B 21 3.74 30.17 -32.43
C ASP B 21 2.22 30.13 -32.21
N GLU B 22 1.81 29.94 -30.95
CA GLU B 22 0.39 29.75 -30.60
C GLU B 22 -0.10 30.58 -29.41
N GLU B 23 -1.30 31.13 -29.56
CA GLU B 23 -1.96 31.89 -28.49
C GLU B 23 -2.89 30.95 -27.70
N VAL B 24 -2.84 31.03 -26.38
CA VAL B 24 -3.73 30.26 -25.49
C VAL B 24 -5.07 31.00 -25.32
N LEU B 25 -6.07 30.60 -26.08
CA LEU B 25 -7.41 31.22 -26.00
C LEU B 25 -8.15 30.80 -24.72
N TYR B 26 -7.89 29.59 -24.27
CA TYR B 26 -8.65 28.99 -23.17
C TYR B 26 -7.92 27.79 -22.58
N LYS B 27 -7.96 27.70 -21.27
CA LYS B 27 -7.35 26.59 -20.52
C LYS B 27 -8.26 26.11 -19.40
N VAL B 28 -8.36 24.81 -19.22
CA VAL B 28 -9.18 24.23 -18.18
C VAL B 28 -8.72 22.81 -17.79
N ARG B 29 -8.79 22.47 -16.52
CA ARG B 29 -8.45 21.14 -16.04
C ARG B 29 -9.53 20.18 -16.49
N ALA B 30 -9.15 19.01 -16.97
CA ALA B 30 -10.14 18.06 -17.44
C ALA B 30 -9.67 16.63 -17.44
N LYS B 31 -10.61 15.70 -17.52
CA LYS B 31 -10.35 14.29 -17.74
C LYS B 31 -10.97 13.93 -19.09
N LEU B 32 -10.13 13.42 -19.98
CA LEU B 32 -10.53 12.96 -21.31
C LEU B 32 -10.72 11.45 -21.28
N PHE B 33 -11.80 11.02 -21.91
CA PHE B 33 -12.08 9.60 -22.14
C PHE B 33 -12.19 9.34 -23.64
N ARG B 34 -11.94 8.11 -24.03
CA ARG B 34 -12.21 7.66 -25.39
C ARG B 34 -13.10 6.45 -25.29
N PHE B 35 -14.01 6.32 -26.24
CA PHE B 35 -14.96 5.21 -26.19
C PHE B 35 -14.40 4.03 -26.96
N ASP B 36 -14.28 2.90 -26.28
CA ASP B 36 -13.90 1.66 -26.92
C ASP B 36 -15.19 1.04 -27.38
N LYS B 37 -15.40 0.98 -28.68
CA LYS B 37 -16.64 0.40 -29.23
C LYS B 37 -16.74 -1.11 -29.00
N ASP B 38 -15.63 -1.81 -29.19
CA ASP B 38 -15.64 -3.28 -29.12
C ASP B 38 -16.05 -3.78 -27.73
N ALA B 39 -15.37 -3.27 -26.71
CA ALA B 39 -15.86 -3.40 -25.35
C ALA B 39 -16.91 -2.32 -25.35
N LYS B 40 -17.94 -2.38 -24.54
CA LYS B 40 -18.85 -1.23 -24.58
C LYS B 40 -18.52 -0.27 -23.45
N GLU B 41 -17.34 0.31 -23.48
CA GLU B 41 -16.92 1.17 -22.36
C GLU B 41 -16.05 2.36 -22.70
N TRP B 42 -16.20 3.36 -21.85
CA TRP B 42 -15.35 4.53 -21.84
C TRP B 42 -14.07 4.21 -21.14
N LYS B 43 -12.96 4.66 -21.70
CA LYS B 43 -11.65 4.45 -21.06
C LYS B 43 -10.95 5.81 -20.90
N GLU B 44 -10.39 6.08 -19.73
N GLU B 44 -10.41 6.10 -19.72
CA GLU B 44 -9.67 7.35 -19.53
CA GLU B 44 -9.71 7.39 -19.54
C GLU B 44 -8.47 7.39 -20.47
C GLU B 44 -8.49 7.40 -20.46
N ARG B 45 -8.22 8.55 -21.06
CA ARG B 45 -7.03 8.74 -21.90
C ARG B 45 -6.01 9.66 -21.23
N GLY B 46 -6.51 10.54 -20.37
CA GLY B 46 -5.62 11.45 -19.64
C GLY B 46 -6.35 12.50 -18.81
N THR B 47 -5.67 12.95 -17.78
CA THR B 47 -6.13 14.03 -16.92
C THR B 47 -5.09 15.13 -16.95
N GLY B 48 -5.54 16.36 -17.12
CA GLY B 48 -4.63 17.52 -17.15
C GLY B 48 -5.25 18.76 -17.73
N ASP B 49 -4.41 19.70 -18.12
CA ASP B 49 -4.88 20.95 -18.72
C ASP B 49 -5.25 20.75 -20.17
N CYS B 50 -6.50 21.05 -20.49
CA CYS B 50 -6.96 21.10 -21.86
C CYS B 50 -6.83 22.54 -22.33
N LYS B 51 -6.02 22.78 -23.36
CA LYS B 51 -5.88 24.14 -23.90
C LYS B 51 -6.45 24.26 -25.33
N PHE B 52 -7.04 25.42 -25.61
CA PHE B 52 -7.41 25.79 -26.98
C PHE B 52 -6.30 26.71 -27.48
N LEU B 53 -5.57 26.25 -28.48
CA LEU B 53 -4.44 27.01 -29.03
C LEU B 53 -4.72 27.54 -30.44
N LYS B 54 -4.57 28.85 -30.62
CA LYS B 54 -4.69 29.50 -31.95
C LYS B 54 -3.30 29.74 -32.57
N ASN B 55 -3.06 29.12 -33.72
CA ASN B 55 -1.82 29.30 -34.48
C ASN B 55 -1.72 30.72 -35.04
N LYS B 56 -0.61 31.38 -34.72
CA LYS B 56 -0.43 32.81 -35.07
C LYS B 56 -0.27 33.05 -36.58
N LYS B 57 0.20 32.04 -37.30
CA LYS B 57 0.40 32.11 -38.77
C LYS B 57 -0.83 31.68 -39.56
N THR B 58 -1.51 30.66 -39.10
CA THR B 58 -2.68 30.11 -39.83
C THR B 58 -4.04 30.45 -39.22
N ASN B 59 -4.04 31.00 -38.01
CA ASN B 59 -5.29 31.37 -37.27
C ASN B 59 -6.20 30.19 -36.90
N LYS B 60 -5.69 28.98 -37.08
CA LYS B 60 -6.46 27.77 -36.81
C LYS B 60 -6.36 27.40 -35.33
N VAL B 61 -7.47 26.96 -34.78
CA VAL B 61 -7.58 26.68 -33.33
C VAL B 61 -7.71 25.17 -33.10
N ARG B 62 -6.79 24.65 -32.31
CA ARG B 62 -6.77 23.22 -31.97
C ARG B 62 -7.00 23.02 -30.48
N ILE B 63 -7.42 21.81 -30.14
CA ILE B 63 -7.36 21.33 -28.75
C ILE B 63 -6.03 20.63 -28.56
N LEU B 64 -5.29 21.03 -27.52
CA LEU B 64 -4.08 20.32 -27.10
C LEU B 64 -4.12 20.07 -25.59
N MET B 65 -4.05 18.80 -25.23
CA MET B 65 -4.16 18.41 -23.83
C MET B 65 -3.02 17.46 -23.48
N ARG B 66 -2.40 17.67 -22.33
CA ARG B 66 -1.27 16.86 -21.89
C ARG B 66 -1.54 16.30 -20.51
N ARG B 67 -1.11 15.07 -20.31
CA ARG B 67 -1.22 14.40 -19.00
C ARG B 67 -0.35 15.05 -17.96
N ASP B 68 -0.88 15.20 -16.76
CA ASP B 68 -0.08 15.67 -15.63
C ASP B 68 1.15 14.79 -15.42
N LYS B 69 2.25 15.42 -15.04
CA LYS B 69 3.48 14.72 -14.65
C LYS B 69 4.31 14.18 -15.80
N THR B 70 3.74 13.30 -16.62
CA THR B 70 4.47 12.77 -17.76
C THR B 70 4.49 13.76 -18.91
N LEU B 71 3.51 14.66 -18.93
CA LEU B 71 3.40 15.70 -19.95
C LEU B 71 3.10 15.14 -21.34
N LYS B 72 2.66 13.90 -21.39
CA LYS B 72 2.38 13.22 -22.65
C LYS B 72 1.08 13.74 -23.25
N ILE B 73 1.05 13.82 -24.57
CA ILE B 73 -0.09 14.39 -25.30
C ILE B 73 -1.22 13.37 -25.30
N CYS B 74 -2.39 13.77 -24.80
CA CYS B 74 -3.55 12.86 -24.82
C CYS B 74 -4.66 13.35 -25.76
N ALA B 75 -4.53 14.58 -26.24
CA ALA B 75 -5.42 15.11 -27.27
C ALA B 75 -4.68 16.16 -28.10
N ASN B 76 -4.81 16.04 -29.41
CA ASN B 76 -4.21 17.00 -30.36
C ASN B 76 -5.06 17.00 -31.65
N HIS B 77 -6.03 17.90 -31.73
CA HIS B 77 -6.92 17.95 -32.92
C HIS B 77 -7.51 19.31 -33.16
N ILE B 78 -7.76 19.60 -34.42
CA ILE B 78 -8.45 20.84 -34.79
C ILE B 78 -9.89 20.79 -34.22
N ILE B 79 -10.37 21.94 -33.79
CA ILE B 79 -11.75 22.09 -33.35
C ILE B 79 -12.60 22.35 -34.61
N ALA B 80 -12.91 21.27 -35.32
CA ALA B 80 -13.61 21.35 -36.61
C ALA B 80 -14.98 21.95 -36.43
N PRO B 81 -15.34 22.94 -37.28
CA PRO B 81 -16.69 23.52 -37.33
C PRO B 81 -17.84 22.50 -37.34
N GLU B 82 -17.60 21.32 -37.89
CA GLU B 82 -18.65 20.27 -38.01
C GLU B 82 -18.90 19.46 -36.73
N TYR B 83 -17.99 19.56 -35.76
CA TYR B 83 -18.14 18.81 -34.50
C TYR B 83 -19.30 19.35 -33.68
N THR B 84 -19.96 18.48 -32.93
CA THR B 84 -21.05 18.90 -32.02
C THR B 84 -20.88 18.27 -30.64
N LEU B 85 -20.92 19.12 -29.62
CA LEU B 85 -20.84 18.66 -28.22
C LEU B 85 -22.20 18.15 -27.74
N LYS B 86 -22.22 16.90 -27.27
CA LYS B 86 -23.46 16.23 -26.83
C LYS B 86 -23.33 15.80 -25.37
N PRO B 87 -24.45 15.77 -24.62
CA PRO B 87 -24.42 15.26 -23.25
C PRO B 87 -24.17 13.77 -23.16
N ASN B 88 -23.55 13.36 -22.06
CA ASN B 88 -23.50 11.97 -21.68
C ASN B 88 -24.63 11.74 -20.69
N VAL B 89 -25.30 10.59 -20.81
CA VAL B 89 -26.45 10.27 -19.96
C VAL B 89 -26.14 10.32 -18.45
N GLY B 90 -24.90 10.07 -18.09
CA GLY B 90 -24.52 9.99 -16.68
C GLY B 90 -24.04 11.26 -16.02
N SER B 91 -23.96 12.35 -16.76
CA SER B 91 -23.20 13.50 -16.26
C SER B 91 -23.82 14.82 -16.71
N ASP B 92 -23.76 15.80 -15.82
CA ASP B 92 -24.13 17.18 -16.18
C ASP B 92 -22.90 18.09 -16.27
N ARG B 93 -21.72 17.48 -16.36
CA ARG B 93 -20.46 18.24 -16.39
C ARG B 93 -19.45 17.66 -17.40
N SER B 94 -19.98 17.13 -18.49
CA SER B 94 -19.21 16.41 -19.51
C SER B 94 -19.76 16.65 -20.90
N TRP B 95 -18.91 16.51 -21.91
CA TRP B 95 -19.38 16.51 -23.31
C TRP B 95 -18.82 15.36 -24.04
N VAL B 96 -19.61 14.83 -24.95
CA VAL B 96 -19.14 13.80 -25.87
C VAL B 96 -19.21 14.30 -27.30
N TYR B 97 -18.22 13.93 -28.09
CA TYR B 97 -18.19 14.30 -29.50
C TYR B 97 -17.28 13.37 -30.30
N ALA B 98 -17.53 13.34 -31.60
CA ALA B 98 -16.72 12.56 -32.55
C ALA B 98 -15.62 13.43 -33.11
N CYS B 99 -14.42 12.88 -33.11
CA CYS B 99 -13.25 13.52 -33.70
C CYS B 99 -12.77 12.65 -34.85
N THR B 100 -12.57 13.24 -36.02
CA THR B 100 -12.20 12.45 -37.20
C THR B 100 -10.69 12.29 -37.33
N ALA B 101 -9.94 13.15 -36.64
CA ALA B 101 -8.48 13.16 -36.82
C ALA B 101 -7.72 13.71 -35.61
N ASP B 102 -7.41 12.80 -34.68
CA ASP B 102 -6.57 13.12 -33.52
C ASP B 102 -5.19 12.47 -33.70
N ILE B 103 -4.13 13.22 -33.39
CA ILE B 103 -2.74 12.70 -33.54
C ILE B 103 -1.92 12.65 -32.24
N ALA B 104 -2.61 12.55 -31.11
CA ALA B 104 -1.92 12.43 -29.80
C ALA B 104 -0.92 11.27 -29.77
N GLU B 105 -1.30 10.14 -30.37
CA GLU B 105 -0.51 8.90 -30.36
C GLU B 105 0.33 8.64 -31.63
N GLY B 106 0.30 9.59 -32.56
CA GLY B 106 1.06 9.47 -33.82
C GLY B 106 0.22 9.68 -35.07
N GLU B 107 -0.05 8.62 -35.80
N GLU B 107 -0.06 8.61 -35.79
CA GLU B 107 -0.82 8.73 -37.05
CA GLU B 107 -0.85 8.68 -37.03
C GLU B 107 -2.29 9.08 -36.74
C GLU B 107 -2.28 9.11 -36.71
N ALA B 108 -2.83 9.98 -37.56
CA ALA B 108 -4.20 10.49 -37.38
C ALA B 108 -5.22 9.35 -37.31
N GLU B 109 -6.15 9.50 -36.37
CA GLU B 109 -7.07 8.43 -36.01
C GLU B 109 -8.38 9.04 -35.53
N ALA B 110 -9.49 8.36 -35.82
CA ALA B 110 -10.82 8.81 -35.43
C ALA B 110 -11.17 8.26 -34.05
N PHE B 111 -11.88 9.06 -33.28
CA PHE B 111 -12.25 8.69 -31.92
C PHE B 111 -13.58 9.32 -31.59
N THR B 112 -14.32 8.66 -30.73
CA THR B 112 -15.41 9.29 -30.00
C THR B 112 -14.84 9.64 -28.63
N PHE B 113 -14.80 10.94 -28.34
CA PHE B 113 -14.26 11.44 -27.08
C PHE B 113 -15.38 11.83 -26.12
N ALA B 114 -15.07 11.75 -24.83
CA ALA B 114 -15.83 12.41 -23.76
C ALA B 114 -14.84 13.18 -22.90
N ILE B 115 -15.25 14.36 -22.47
CA ILE B 115 -14.39 15.21 -21.64
C ILE B 115 -15.22 15.72 -20.46
N ARG B 116 -14.72 15.50 -19.26
CA ARG B 116 -15.41 15.84 -18.01
C ARG B 116 -14.59 16.88 -17.22
N PHE B 117 -15.29 17.77 -16.55
CA PHE B 117 -14.67 18.88 -15.84
C PHE B 117 -15.03 18.83 -14.36
N GLY B 118 -14.41 19.70 -13.60
CA GLY B 118 -14.64 19.79 -12.16
C GLY B 118 -16.06 20.21 -11.79
N SER B 119 -16.69 20.97 -12.67
CA SER B 119 -18.07 21.43 -12.42
C SER B 119 -18.85 21.65 -13.70
N LYS B 120 -20.16 21.76 -13.53
CA LYS B 120 -21.06 22.07 -14.64
C LYS B 120 -20.73 23.43 -15.25
N GLU B 121 -20.36 24.36 -14.40
CA GLU B 121 -20.01 25.72 -14.81
C GLU B 121 -18.81 25.65 -15.76
N ASN B 122 -17.83 24.85 -15.40
CA ASN B 122 -16.66 24.61 -16.25
C ASN B 122 -17.04 23.95 -17.56
N ALA B 123 -17.91 22.95 -17.49
CA ALA B 123 -18.39 22.28 -18.72
C ALA B 123 -19.11 23.27 -19.64
N ASP B 124 -19.93 24.14 -19.06
CA ASP B 124 -20.69 25.13 -19.85
C ASP B 124 -19.77 26.22 -20.47
N LYS B 125 -18.71 26.57 -19.74
CA LYS B 125 -17.71 27.52 -20.26
C LYS B 125 -16.96 26.91 -21.43
N PHE B 126 -16.56 25.66 -21.26
CA PHE B 126 -15.87 24.92 -22.31
C PHE B 126 -16.69 24.88 -23.61
N LYS B 127 -17.99 24.64 -23.49
CA LYS B 127 -18.87 24.54 -24.67
C LYS B 127 -18.92 25.89 -25.42
N GLU B 128 -19.09 26.93 -24.64
CA GLU B 128 -19.06 28.31 -25.16
C GLU B 128 -17.76 28.60 -25.91
N GLU B 129 -16.63 28.26 -25.30
CA GLU B 129 -15.31 28.52 -25.91
C GLU B 129 -15.08 27.61 -27.12
N PHE B 130 -15.53 26.37 -27.00
CA PHE B 130 -15.43 25.38 -28.09
C PHE B 130 -16.13 25.94 -29.33
N GLU B 131 -17.31 26.50 -29.12
CA GLU B 131 -18.11 27.03 -30.23
C GLU B 131 -17.54 28.31 -30.81
N LYS B 132 -16.99 29.16 -29.96
CA LYS B 132 -16.26 30.35 -30.43
C LYS B 132 -15.11 29.90 -31.34
N ALA B 133 -14.29 28.99 -30.83
CA ALA B 133 -13.15 28.45 -31.60
C ALA B 133 -13.59 27.92 -32.98
N GLN B 134 -14.77 27.31 -33.02
CA GLN B 134 -15.30 26.75 -34.28
C GLN B 134 -15.57 27.85 -35.31
N GLU B 135 -16.07 28.98 -34.84
CA GLU B 135 -16.32 30.15 -35.72
C GLU B 135 -15.01 30.70 -36.27
N ILE B 136 -14.00 30.77 -35.41
CA ILE B 136 -12.66 31.22 -35.80
C ILE B 136 -12.13 30.33 -36.93
N ASN B 137 -12.24 29.02 -36.73
CA ASN B 137 -11.83 28.04 -37.74
C ASN B 137 -12.62 28.12 -39.07
N LYS B 138 -13.82 28.69 -39.01
CA LYS B 138 -14.60 28.99 -40.23
C LYS B 138 -14.08 30.21 -41.02
N LYS B 139 -13.62 31.23 -40.31
N LYS B 139 -13.73 31.27 -40.30
CA LYS B 139 -12.99 32.42 -40.94
CA LYS B 139 -13.37 32.56 -40.93
C LYS B 139 -11.91 32.00 -41.94
C LYS B 139 -11.94 32.53 -41.47
N GLY C 1 2.91 -22.88 -36.17
CA GLY C 1 4.03 -22.68 -37.14
C GLY C 1 5.20 -23.63 -36.90
N ALA C 2 6.36 -23.26 -37.44
CA ALA C 2 7.63 -24.01 -37.25
C ALA C 2 7.97 -24.22 -35.77
N MET C 3 7.78 -23.16 -34.98
CA MET C 3 8.23 -23.14 -33.58
C MET C 3 7.53 -24.20 -32.71
N GLU C 4 6.29 -24.51 -33.04
CA GLU C 4 5.51 -25.47 -32.22
C GLU C 4 6.07 -26.89 -32.24
N GLY C 5 7.05 -27.14 -33.11
CA GLY C 5 7.64 -28.49 -33.26
C GLY C 5 8.29 -29.06 -32.01
N ILE C 6 8.90 -28.18 -31.21
CA ILE C 6 9.55 -28.63 -29.97
C ILE C 6 8.54 -29.22 -28.96
N LEU C 7 7.26 -28.90 -29.15
CA LEU C 7 6.16 -29.44 -28.32
C LEU C 7 5.78 -30.89 -28.64
N ASP C 8 6.25 -31.41 -29.78
CA ASP C 8 5.93 -32.79 -30.22
C ASP C 8 6.96 -33.78 -29.66
N PHE C 9 6.65 -34.37 -28.53
CA PHE C 9 7.60 -35.26 -27.83
C PHE C 9 7.70 -36.67 -28.45
N SER C 10 6.83 -36.94 -29.40
CA SER C 10 6.89 -38.21 -30.17
C SER C 10 8.08 -38.23 -31.13
N ASN C 11 8.60 -37.06 -31.45
CA ASN C 11 9.83 -36.92 -32.25
C ASN C 11 11.00 -36.48 -31.38
N ASP C 12 12.21 -36.66 -31.89
CA ASP C 12 13.42 -36.16 -31.20
C ASP C 12 13.37 -34.65 -31.08
N LEU C 13 13.93 -34.12 -30.00
CA LEU C 13 14.00 -32.67 -29.80
C LEU C 13 15.01 -32.03 -30.75
N ASP C 14 14.53 -31.18 -31.64
CA ASP C 14 15.41 -30.40 -32.51
C ASP C 14 15.96 -29.24 -31.68
N ILE C 15 17.18 -29.42 -31.18
CA ILE C 15 17.82 -28.43 -30.28
C ILE C 15 18.00 -27.09 -30.97
N ALA C 16 18.37 -27.13 -32.24
CA ALA C 16 18.50 -25.90 -33.04
C ALA C 16 17.19 -25.12 -33.08
N LEU C 17 16.09 -25.83 -33.23
CA LEU C 17 14.76 -25.20 -33.28
C LEU C 17 14.47 -24.59 -31.91
N LEU C 18 14.83 -25.33 -30.87
CA LEU C 18 14.67 -24.83 -29.49
C LEU C 18 15.43 -23.52 -29.31
N ASP C 19 16.68 -23.49 -29.73
CA ASP C 19 17.51 -22.27 -29.65
C ASP C 19 16.90 -21.11 -30.44
N GLN C 20 16.26 -21.43 -31.55
CA GLN C 20 15.55 -20.41 -32.35
C GLN C 20 14.31 -19.89 -31.60
N VAL C 21 13.57 -20.79 -30.97
CA VAL C 21 12.37 -20.40 -30.22
C VAL C 21 12.75 -19.50 -29.06
N VAL C 22 13.79 -19.91 -28.34
CA VAL C 22 14.34 -19.16 -27.19
C VAL C 22 14.85 -17.78 -27.60
N SER C 23 15.59 -17.71 -28.70
CA SER C 23 16.11 -16.43 -29.24
C SER C 23 14.99 -15.51 -29.69
N THR C 24 14.00 -16.11 -30.33
CA THR C 24 12.79 -15.36 -30.72
C THR C 24 12.13 -14.75 -29.49
N PHE C 25 12.05 -15.52 -28.42
CA PHE C 25 11.44 -15.00 -27.20
C PHE C 25 12.26 -13.87 -26.54
N TYR C 26 13.54 -14.10 -26.28
CA TYR C 26 14.36 -13.10 -25.56
C TYR C 26 14.74 -11.90 -26.42
N GLN C 27 15.08 -12.15 -27.67
CA GLN C 27 15.56 -11.06 -28.57
C GLN C 27 14.52 -10.54 -29.56
N GLY C 28 13.42 -11.24 -29.72
CA GLY C 28 12.39 -10.82 -30.69
C GLY C 28 11.41 -9.80 -30.13
N SER C 29 10.34 -9.55 -30.87
CA SER C 29 9.29 -8.61 -30.42
C SER C 29 7.94 -8.95 -31.02
N GLY C 30 6.89 -8.34 -30.48
CA GLY C 30 5.54 -8.45 -31.04
C GLY C 30 4.92 -9.84 -30.96
N VAL C 31 4.25 -10.23 -32.03
CA VAL C 31 3.51 -11.52 -32.08
C VAL C 31 4.44 -12.74 -32.00
N GLN C 32 5.58 -12.64 -32.69
N GLN C 32 5.57 -12.63 -32.70
CA GLN C 32 6.56 -13.73 -32.71
CA GLN C 32 6.59 -13.70 -32.72
C GLN C 32 7.13 -14.03 -31.31
C GLN C 32 7.12 -14.02 -31.33
N GLN C 33 7.44 -12.97 -30.58
CA GLN C 33 7.86 -13.10 -29.17
C GLN C 33 6.76 -13.72 -28.32
N LYS C 34 5.54 -13.24 -28.55
CA LYS C 34 4.37 -13.70 -27.80
C LYS C 34 4.11 -15.20 -28.07
N GLN C 35 4.12 -15.57 -29.33
CA GLN C 35 4.00 -17.00 -29.72
C GLN C 35 5.12 -17.84 -29.11
N ALA C 36 6.36 -17.41 -29.31
CA ALA C 36 7.53 -18.11 -28.74
C ALA C 36 7.41 -18.28 -27.22
N GLN C 37 6.97 -17.24 -26.52
CA GLN C 37 6.75 -17.33 -25.06
C GLN C 37 5.79 -18.44 -24.68
N GLU C 38 4.66 -18.51 -25.37
CA GLU C 38 3.62 -19.54 -25.08
C GLU C 38 4.15 -20.95 -25.32
N ILE C 39 4.90 -21.09 -26.41
CA ILE C 39 5.54 -22.36 -26.76
C ILE C 39 6.51 -22.82 -25.67
N LEU C 40 7.38 -21.92 -25.22
CA LEU C 40 8.38 -22.26 -24.19
C LEU C 40 7.71 -22.62 -22.87
N THR C 41 6.64 -21.90 -22.52
CA THR C 41 5.93 -22.18 -21.29
C THR C 41 5.32 -23.59 -21.36
N LYS C 42 4.65 -23.87 -22.47
CA LYS C 42 4.13 -25.23 -22.72
C LYS C 42 5.24 -26.29 -22.66
N PHE C 43 6.37 -25.97 -23.28
CA PHE C 43 7.51 -26.89 -23.26
C PHE C 43 7.99 -27.10 -21.82
N GLN C 44 8.29 -26.00 -21.14
CA GLN C 44 8.70 -26.05 -19.74
C GLN C 44 7.75 -26.90 -18.87
N ASP C 45 6.46 -26.70 -19.04
CA ASP C 45 5.43 -27.35 -18.23
C ASP C 45 5.18 -28.83 -18.56
N ASN C 46 5.69 -29.29 -19.69
CA ASN C 46 5.57 -30.71 -20.04
C ASN C 46 6.24 -31.58 -18.96
N PRO C 47 5.46 -32.49 -18.33
CA PRO C 47 6.02 -33.28 -17.22
C PRO C 47 7.15 -34.23 -17.61
N ASP C 48 7.40 -34.42 -18.89
CA ASP C 48 8.58 -35.16 -19.34
C ASP C 48 9.71 -34.28 -19.87
N ALA C 49 9.47 -32.97 -19.96
CA ALA C 49 10.49 -32.04 -20.49
C ALA C 49 11.86 -32.20 -19.82
N TRP C 50 11.84 -32.56 -18.54
CA TRP C 50 13.09 -32.76 -17.78
C TRP C 50 14.00 -33.79 -18.38
N GLN C 51 13.40 -34.76 -19.05
CA GLN C 51 14.18 -35.80 -19.76
C GLN C 51 15.05 -35.23 -20.87
N LYS C 52 14.66 -34.08 -21.40
CA LYS C 52 15.41 -33.38 -22.46
C LYS C 52 16.56 -32.52 -21.91
N ALA C 53 16.61 -32.36 -20.60
CA ALA C 53 17.55 -31.39 -19.98
C ALA C 53 19.00 -31.68 -20.33
N ASP C 54 19.39 -32.94 -20.22
CA ASP C 54 20.78 -33.37 -20.50
C ASP C 54 21.20 -33.00 -21.94
N GLN C 55 20.35 -33.37 -22.89
CA GLN C 55 20.54 -33.08 -24.32
C GLN C 55 20.70 -31.58 -24.61
N ILE C 56 19.83 -30.77 -24.00
CA ILE C 56 19.90 -29.30 -24.16
C ILE C 56 21.22 -28.76 -23.60
N LEU C 57 21.58 -29.23 -22.42
CA LEU C 57 22.83 -28.77 -21.80
C LEU C 57 24.03 -29.15 -22.67
N GLN C 58 23.99 -30.34 -23.25
CA GLN C 58 25.09 -30.86 -24.09
C GLN C 58 25.22 -30.18 -25.45
N PHE C 59 24.08 -29.92 -26.09
CA PHE C 59 24.07 -29.55 -27.51
C PHE C 59 23.68 -28.10 -27.84
N SER C 60 23.10 -27.42 -26.87
CA SER C 60 22.62 -26.06 -27.13
C SER C 60 23.78 -25.09 -27.26
N THR C 61 23.60 -24.12 -28.14
CA THR C 61 24.55 -23.03 -28.27
C THR C 61 23.97 -21.73 -27.70
N ASN C 62 22.85 -21.84 -26.99
CA ASN C 62 22.12 -20.68 -26.47
C ASN C 62 22.04 -20.77 -24.94
N PRO C 63 22.73 -19.88 -24.23
CA PRO C 63 22.74 -19.95 -22.76
C PRO C 63 21.34 -19.85 -22.10
N GLN C 64 20.44 -19.09 -22.72
CA GLN C 64 19.06 -18.99 -22.18
C GLN C 64 18.31 -20.31 -22.31
N SER C 65 18.59 -21.07 -23.38
CA SER C 65 18.04 -22.44 -23.52
C SER C 65 18.47 -23.32 -22.35
N LYS C 66 19.72 -23.18 -21.97
CA LYS C 66 20.27 -23.99 -20.88
C LYS C 66 19.74 -23.52 -19.51
N PHE C 67 19.53 -22.23 -19.36
CA PHE C 67 18.86 -21.67 -18.17
C PHE C 67 17.49 -22.32 -18.00
N ILE C 68 16.73 -22.33 -19.09
CA ILE C 68 15.38 -22.93 -19.11
C ILE C 68 15.41 -24.43 -18.81
N ALA C 69 16.39 -25.14 -19.38
CA ALA C 69 16.60 -26.55 -19.04
C ALA C 69 16.77 -26.71 -17.51
N LEU C 70 17.55 -25.81 -16.92
CA LEU C 70 17.81 -25.85 -15.48
C LEU C 70 16.57 -25.49 -14.66
N SER C 71 15.75 -24.57 -15.15
CA SER C 71 14.45 -24.26 -14.49
C SER C 71 13.54 -25.49 -14.52
N ILE C 72 13.59 -26.22 -15.63
CA ILE C 72 12.79 -27.44 -15.79
C ILE C 72 13.23 -28.46 -14.75
N LEU C 73 14.55 -28.62 -14.60
CA LEU C 73 15.10 -29.51 -13.57
C LEU C 73 14.75 -29.05 -12.13
N ASP C 74 14.87 -27.75 -11.90
CA ASP C 74 14.53 -27.15 -10.60
C ASP C 74 13.12 -27.56 -10.16
N LYS C 75 12.18 -27.45 -11.09
CA LYS C 75 10.79 -27.81 -10.82
C LYS C 75 10.65 -29.30 -10.46
N LEU C 76 11.37 -30.14 -11.20
CA LEU C 76 11.41 -31.59 -10.94
C LEU C 76 12.00 -31.87 -9.58
N ILE C 77 13.13 -31.23 -9.29
CA ILE C 77 13.82 -31.48 -8.03
C ILE C 77 12.95 -31.04 -6.84
N THR C 78 12.37 -29.87 -6.95
CA THR C 78 11.67 -29.29 -5.80
C THR C 78 10.33 -30.01 -5.53
N ARG C 79 9.72 -30.57 -6.56
CA ARG C 79 8.36 -31.14 -6.40
C ARG C 79 8.22 -32.66 -6.59
N LYS C 80 9.09 -33.27 -7.37
CA LYS C 80 8.90 -34.69 -7.77
C LYS C 80 10.15 -35.57 -7.61
N TRP C 81 11.15 -35.04 -6.94
CA TRP C 81 12.46 -35.72 -6.79
C TRP C 81 12.35 -37.16 -6.33
N LYS C 82 11.55 -37.38 -5.31
CA LYS C 82 11.38 -38.73 -4.71
C LYS C 82 10.44 -39.64 -5.47
N LEU C 83 9.78 -39.11 -6.48
CA LEU C 83 9.00 -39.91 -7.45
C LEU C 83 9.95 -40.62 -8.44
N LEU C 84 11.15 -40.07 -8.62
CA LEU C 84 12.12 -40.59 -9.61
C LEU C 84 12.74 -41.92 -9.20
N PRO C 85 13.00 -42.81 -10.17
CA PRO C 85 13.88 -43.95 -9.91
C PRO C 85 15.26 -43.47 -9.43
N ASN C 86 15.90 -44.29 -8.63
CA ASN C 86 17.20 -43.91 -8.03
C ASN C 86 18.31 -43.58 -9.02
N ASP C 87 18.30 -44.20 -10.20
CA ASP C 87 19.33 -43.97 -11.22
CA ASP C 87 19.34 -43.97 -11.20
C ASP C 87 19.13 -42.64 -11.94
N HIS C 88 17.88 -42.18 -12.00
CA HIS C 88 17.63 -40.84 -12.56
C HIS C 88 18.10 -39.78 -11.60
N ARG C 89 18.00 -40.06 -10.30
CA ARG C 89 18.50 -39.12 -9.27
C ARG C 89 20.02 -38.99 -9.31
N ILE C 90 20.69 -40.13 -9.38
CA ILE C 90 22.14 -40.17 -9.47
C ILE C 90 22.65 -39.48 -10.75
N GLY C 91 21.95 -39.76 -11.85
CA GLY C 91 22.26 -39.20 -13.18
C GLY C 91 22.13 -37.70 -13.22
N ILE C 92 21.05 -37.19 -12.64
CA ILE C 92 20.79 -35.75 -12.63
C ILE C 92 21.85 -35.03 -11.79
N ARG C 93 22.15 -35.56 -10.62
CA ARG C 93 23.21 -35.02 -9.77
C ARG C 93 24.53 -34.99 -10.54
N ASN C 94 24.84 -36.10 -11.20
CA ASN C 94 26.11 -36.22 -11.95
C ASN C 94 26.21 -35.18 -13.05
N PHE C 95 25.17 -35.00 -13.86
CA PHE C 95 25.30 -34.04 -14.97
C PHE C 95 25.23 -32.56 -14.54
N VAL C 96 24.63 -32.28 -13.40
CA VAL C 96 24.64 -30.90 -12.86
C VAL C 96 26.01 -30.56 -12.28
N VAL C 97 26.50 -31.43 -11.41
CA VAL C 97 27.88 -31.32 -10.89
C VAL C 97 28.89 -31.20 -12.04
N GLY C 98 28.74 -32.05 -13.04
CA GLY C 98 29.68 -32.10 -14.17
C GLY C 98 29.65 -30.83 -15.01
N MET C 99 28.45 -30.34 -15.25
CA MET C 99 28.28 -29.08 -15.99
C MET C 99 28.97 -27.92 -15.27
N ILE C 100 28.81 -27.88 -13.95
CA ILE C 100 29.39 -26.81 -13.13
C ILE C 100 30.92 -26.86 -13.23
N ILE C 101 31.47 -28.02 -12.94
CA ILE C 101 32.93 -28.29 -13.04
C ILE C 101 33.46 -27.82 -14.39
N SER C 102 32.80 -28.31 -15.43
CA SER C 102 33.16 -28.01 -16.84
C SER C 102 33.16 -26.50 -17.15
N MET C 103 32.13 -25.82 -16.69
N MET C 103 32.13 -25.82 -16.68
CA MET C 103 32.00 -24.36 -16.92
CA MET C 103 31.99 -24.36 -16.91
C MET C 103 33.03 -23.53 -16.14
C MET C 103 33.04 -23.54 -16.15
N CYS C 104 33.42 -24.02 -14.97
CA CYS C 104 34.43 -23.32 -14.14
C CYS C 104 35.87 -23.48 -14.65
N GLN C 105 36.17 -24.64 -15.20
CA GLN C 105 37.53 -24.93 -15.71
C GLN C 105 37.87 -24.20 -17.02
N ASP C 106 36.84 -23.85 -17.77
CA ASP C 106 37.00 -23.02 -18.98
C ASP C 106 36.89 -21.54 -18.59
N ASP C 107 38.02 -20.84 -18.60
CA ASP C 107 38.06 -19.43 -18.15
C ASP C 107 37.10 -18.51 -18.92
N GLU C 108 36.97 -18.78 -20.21
CA GLU C 108 36.14 -17.94 -21.09
C GLU C 108 34.65 -18.08 -20.71
N VAL C 109 34.22 -19.31 -20.50
CA VAL C 109 32.83 -19.61 -20.04
C VAL C 109 32.58 -19.05 -18.64
N PHE C 110 33.51 -19.32 -17.75
CA PHE C 110 33.44 -18.79 -16.37
C PHE C 110 33.29 -17.28 -16.34
N LYS C 111 34.00 -16.61 -17.23
CA LYS C 111 33.99 -15.15 -17.29
C LYS C 111 32.69 -14.62 -17.89
N THR C 112 32.22 -15.28 -18.94
CA THR C 112 31.13 -14.73 -19.76
C THR C 112 29.72 -15.29 -19.52
N GLN C 113 29.62 -16.42 -18.84
CA GLN C 113 28.32 -17.08 -18.60
CA GLN C 113 28.32 -17.08 -18.60
C GLN C 113 27.95 -17.13 -17.10
N LYS C 114 28.14 -16.01 -16.43
CA LYS C 114 27.85 -15.93 -14.99
C LYS C 114 26.40 -16.29 -14.61
N ASN C 115 25.44 -15.84 -15.41
CA ASN C 115 24.02 -16.14 -15.17
C ASN C 115 23.71 -17.62 -15.19
N LEU C 116 24.27 -18.29 -16.18
CA LEU C 116 24.07 -19.73 -16.33
C LEU C 116 24.74 -20.49 -15.18
N ILE C 117 25.94 -20.05 -14.80
CA ILE C 117 26.64 -20.72 -13.70
C ILE C 117 25.93 -20.51 -12.36
N ASN C 118 25.46 -19.29 -12.11
CA ASN C 118 24.63 -19.02 -10.91
C ASN C 118 23.37 -19.89 -10.86
N LYS C 119 22.75 -20.05 -12.02
CA LYS C 119 21.53 -20.88 -12.12
C LYS C 119 21.87 -22.35 -11.85
N SER C 120 23.01 -22.80 -12.36
CA SER C 120 23.48 -24.19 -12.12
C SER C 120 23.74 -24.42 -10.63
N ASP C 121 24.42 -23.47 -10.03
CA ASP C 121 24.73 -23.50 -8.58
C ASP C 121 23.45 -23.61 -7.74
N LEU C 122 22.47 -22.77 -8.04
CA LEU C 122 21.15 -22.82 -7.37
C LEU C 122 20.48 -24.19 -7.56
N THR C 123 20.59 -24.74 -8.77
CA THR C 123 19.99 -26.06 -9.06
C THR C 123 20.70 -27.16 -8.23
N LEU C 124 22.02 -27.10 -8.18
CA LEU C 124 22.79 -27.98 -7.28
C LEU C 124 22.30 -27.85 -5.83
N VAL C 125 22.09 -26.62 -5.36
CA VAL C 125 21.59 -26.39 -4.00
C VAL C 125 20.21 -27.05 -3.79
N GLN C 126 19.36 -27.07 -4.82
CA GLN C 126 18.04 -27.74 -4.69
CA GLN C 126 18.05 -27.74 -4.69
C GLN C 126 18.24 -29.25 -4.49
N ILE C 127 19.26 -29.81 -5.14
CA ILE C 127 19.59 -31.24 -4.99
C ILE C 127 20.12 -31.49 -3.58
N LEU C 128 20.98 -30.59 -3.10
CA LEU C 128 21.46 -30.69 -1.71
C LEU C 128 20.31 -30.68 -0.70
N LYS C 129 19.32 -29.83 -0.95
CA LYS C 129 18.17 -29.75 -0.04
C LYS C 129 17.48 -31.10 0.09
N GLN C 130 17.50 -31.87 -0.99
CA GLN C 130 16.90 -33.21 -1.01
C GLN C 130 17.82 -34.34 -0.50
N GLU C 131 19.11 -34.22 -0.76
CA GLU C 131 20.03 -35.36 -0.62
C GLU C 131 21.07 -35.25 0.47
N TRP C 132 21.31 -34.04 0.94
CA TRP C 132 22.48 -33.76 1.77
C TRP C 132 22.08 -33.51 3.21
N PRO C 133 22.87 -34.03 4.19
CA PRO C 133 24.06 -34.87 4.13
C PRO C 133 23.78 -36.39 4.09
N GLN C 134 22.57 -36.79 4.45
CA GLN C 134 22.20 -38.23 4.57
C GLN C 134 22.66 -39.11 3.39
N ASN C 135 22.50 -38.61 2.17
CA ASN C 135 22.90 -39.35 0.94
CA ASN C 135 22.89 -39.33 0.95
C ASN C 135 24.01 -38.63 0.16
N TRP C 136 24.80 -37.84 0.87
CA TRP C 136 25.89 -37.08 0.26
C TRP C 136 26.81 -36.55 1.34
N PRO C 137 27.31 -37.44 2.21
CA PRO C 137 28.01 -36.99 3.41
C PRO C 137 29.32 -36.28 3.14
N GLU C 138 29.94 -36.56 2.02
CA GLU C 138 31.24 -35.95 1.72
C GLU C 138 31.18 -34.68 0.88
N PHE C 139 29.99 -34.13 0.69
CA PHE C 139 29.84 -32.95 -0.17
C PHE C 139 30.76 -31.79 0.27
N ILE C 140 30.68 -31.44 1.55
CA ILE C 140 31.45 -30.31 2.09
C ILE C 140 32.96 -30.55 2.11
N PRO C 141 33.41 -31.71 2.64
CA PRO C 141 34.86 -31.97 2.58
C PRO C 141 35.41 -31.94 1.15
N GLU C 142 34.65 -32.49 0.21
CA GLU C 142 35.08 -32.51 -1.20
C GLU C 142 35.01 -31.12 -1.84
N LEU C 143 34.07 -30.30 -1.38
CA LEU C 143 33.99 -28.91 -1.85
C LEU C 143 35.24 -28.15 -1.40
N ILE C 144 35.58 -28.35 -0.14
CA ILE C 144 36.75 -27.71 0.46
C ILE C 144 38.04 -28.12 -0.27
N GLY C 145 38.14 -29.40 -0.59
CA GLY C 145 39.33 -29.93 -1.27
C GLY C 145 39.45 -29.38 -2.67
N SER C 146 38.34 -29.41 -3.39
CA SER C 146 38.26 -28.90 -4.77
CA SER C 146 38.26 -28.90 -4.77
C SER C 146 38.60 -27.41 -4.85
N SER C 147 38.40 -26.70 -3.75
CA SER C 147 38.67 -25.25 -3.72
C SER C 147 40.15 -24.93 -3.94
N SER C 148 41.04 -25.81 -3.50
CA SER C 148 42.49 -25.58 -3.64
C SER C 148 43.00 -25.76 -5.07
N SER C 149 42.29 -26.56 -5.86
CA SER C 149 42.73 -26.91 -7.22
C SER C 149 42.54 -25.80 -8.27
N SER C 150 41.75 -24.78 -7.96
CA SER C 150 41.42 -23.73 -8.94
C SER C 150 40.79 -22.48 -8.30
N VAL C 151 41.27 -21.31 -8.72
CA VAL C 151 40.71 -20.02 -8.27
C VAL C 151 39.25 -19.85 -8.73
N ASN C 152 38.96 -20.36 -9.91
CA ASN C 152 37.60 -20.34 -10.47
C ASN C 152 36.64 -21.22 -9.67
N VAL C 153 37.01 -22.49 -9.52
CA VAL C 153 36.25 -23.45 -8.71
C VAL C 153 36.07 -22.92 -7.29
N CYS C 154 37.15 -22.41 -6.71
CA CYS C 154 37.09 -21.88 -5.34
C CYS C 154 36.06 -20.75 -5.22
N GLU C 155 36.12 -19.82 -6.15
CA GLU C 155 35.17 -18.69 -6.18
C GLU C 155 33.72 -19.17 -6.31
N ASN C 156 33.52 -20.08 -7.25
CA ASN C 156 32.19 -20.64 -7.49
C ASN C 156 31.67 -21.42 -6.27
N ASN C 157 32.57 -22.06 -5.54
CA ASN C 157 32.19 -22.79 -4.33
C ASN C 157 31.64 -21.84 -3.27
N MET C 158 32.19 -20.64 -3.22
CA MET C 158 31.69 -19.60 -2.31
C MET C 158 30.26 -19.17 -2.66
N ILE C 159 29.96 -19.17 -3.95
CA ILE C 159 28.59 -18.87 -4.46
C ILE C 159 27.63 -19.98 -4.02
N VAL C 160 28.03 -21.21 -4.26
CA VAL C 160 27.26 -22.39 -3.82
C VAL C 160 26.96 -22.34 -2.29
N LEU C 161 27.99 -22.08 -1.51
CA LEU C 161 27.86 -22.01 -0.04
C LEU C 161 26.95 -20.85 0.41
N LYS C 162 27.05 -19.71 -0.27
CA LYS C 162 26.17 -18.57 -0.01
C LYS C 162 24.71 -18.98 -0.25
N LEU C 163 24.46 -19.62 -1.37
CA LEU C 163 23.08 -20.03 -1.75
C LEU C 163 22.54 -21.08 -0.76
N LEU C 164 23.38 -22.04 -0.37
CA LEU C 164 22.97 -23.05 0.63
C LEU C 164 22.59 -22.39 1.98
N SER C 165 23.44 -21.50 2.45
CA SER C 165 23.16 -20.76 3.70
C SER C 165 21.81 -20.03 3.62
N GLU C 166 21.60 -19.34 2.51
CA GLU C 166 20.31 -18.64 2.29
C GLU C 166 19.14 -19.59 2.31
N GLU C 167 19.25 -20.69 1.60
CA GLU C 167 18.12 -21.62 1.46
C GLU C 167 17.82 -22.30 2.80
N VAL C 168 18.86 -22.50 3.60
CA VAL C 168 18.70 -23.20 4.88
C VAL C 168 18.26 -22.25 6.01
N PHE C 169 18.92 -21.10 6.10
CA PHE C 169 18.71 -20.20 7.23
C PHE C 169 17.79 -19.02 6.95
N ASP C 170 17.81 -18.47 5.75
CA ASP C 170 17.04 -17.25 5.48
C ASP C 170 15.68 -17.53 4.84
N PHE C 171 15.58 -18.54 4.01
CA PHE C 171 14.33 -18.78 3.25
C PHE C 171 13.69 -20.14 3.47
N SER C 172 14.00 -20.79 4.58
CA SER C 172 13.49 -22.15 4.84
C SER C 172 12.11 -22.19 5.50
N ALA C 173 11.79 -21.16 6.27
CA ALA C 173 10.59 -21.18 7.12
C ALA C 173 9.31 -21.45 6.33
N GLU C 174 9.22 -20.90 5.12
CA GLU C 174 8.03 -21.09 4.27
C GLU C 174 8.13 -22.30 3.33
N GLN C 175 9.32 -22.83 3.18
CA GLN C 175 9.60 -23.78 2.09
C GLN C 175 9.87 -25.22 2.55
N MET C 176 9.97 -25.41 3.86
CA MET C 176 10.39 -26.68 4.46
C MET C 176 9.58 -26.95 5.68
N THR C 177 9.39 -28.22 6.04
CA THR C 177 8.76 -28.54 7.31
C THR C 177 9.68 -28.08 8.46
N GLN C 178 9.11 -27.86 9.63
CA GLN C 178 9.90 -27.55 10.83
C GLN C 178 11.02 -28.57 11.02
N ALA C 179 10.69 -29.84 10.88
CA ALA C 179 11.68 -30.94 11.08
C ALA C 179 12.80 -30.91 10.05
N LYS C 180 12.44 -30.67 8.79
CA LYS C 180 13.46 -30.66 7.72
C LYS C 180 14.38 -29.43 7.83
N ALA C 181 13.79 -28.27 8.11
CA ALA C 181 14.57 -27.04 8.38
C ALA C 181 15.60 -27.25 9.51
N LEU C 182 15.16 -27.86 10.60
CA LEU C 182 16.05 -28.20 11.74
C LEU C 182 17.21 -29.14 11.33
N HIS C 183 16.86 -30.20 10.61
CA HIS C 183 17.87 -31.13 10.03
C HIS C 183 18.95 -30.43 9.22
N LEU C 184 18.53 -29.56 8.32
CA LEU C 184 19.48 -28.84 7.44
C LEU C 184 20.30 -27.78 8.17
N LYS C 185 19.68 -27.06 9.10
CA LYS C 185 20.39 -26.09 9.96
C LYS C 185 21.43 -26.79 10.85
N ASN C 186 21.04 -27.93 11.42
CA ASN C 186 21.94 -28.72 12.27
C ASN C 186 23.11 -29.25 11.46
N SER C 187 22.80 -29.71 10.25
CA SER C 187 23.81 -30.26 9.35
C SER C 187 24.84 -29.20 8.93
N MET C 188 24.36 -27.99 8.61
CA MET C 188 25.28 -26.89 8.22
C MET C 188 26.13 -26.44 9.43
N SER C 189 25.48 -26.31 10.58
CA SER C 189 26.17 -25.97 11.84
CA SER C 189 26.19 -25.96 11.82
C SER C 189 27.31 -26.95 12.12
N LYS C 190 27.02 -28.24 12.02
CA LYS C 190 28.02 -29.29 12.35
C LYS C 190 29.25 -29.28 11.44
N GLU C 191 29.11 -28.77 10.23
CA GLU C 191 30.26 -28.71 9.31
C GLU C 191 30.82 -27.31 9.10
N PHE C 192 30.32 -26.36 9.87
CA PHE C 192 30.71 -24.96 9.63
C PHE C 192 32.16 -24.63 10.00
N GLU C 193 32.68 -25.31 11.01
N GLU C 193 32.71 -25.30 11.02
CA GLU C 193 34.07 -25.13 11.45
CA GLU C 193 34.13 -25.07 11.42
C GLU C 193 35.04 -25.23 10.27
C GLU C 193 35.06 -25.19 10.21
N GLN C 194 34.75 -26.15 9.35
CA GLN C 194 35.62 -26.31 8.19
CA GLN C 194 35.55 -26.40 8.14
C GLN C 194 35.27 -25.35 7.06
N ILE C 195 34.00 -25.04 6.90
CA ILE C 195 33.59 -23.98 5.94
C ILE C 195 34.31 -22.67 6.32
N PHE C 196 34.26 -22.33 7.60
CA PHE C 196 34.87 -21.08 8.08
C PHE C 196 36.38 -21.06 7.85
N LYS C 197 37.03 -22.17 8.21
CA LYS C 197 38.47 -22.35 7.99
C LYS C 197 38.86 -21.96 6.56
N LEU C 198 38.12 -22.48 5.58
CA LEU C 198 38.36 -22.18 4.15
C LEU C 198 38.14 -20.69 3.85
N CYS C 199 37.03 -20.17 4.34
CA CYS C 199 36.67 -18.75 4.23
CA CYS C 199 36.70 -18.75 4.18
C CYS C 199 37.79 -17.85 4.77
N PHE C 200 38.20 -18.10 6.00
CA PHE C 200 39.22 -17.29 6.66
C PHE C 200 40.57 -17.33 5.92
N GLN C 201 40.95 -18.51 5.44
CA GLN C 201 42.20 -18.68 4.69
C GLN C 201 42.22 -17.88 3.39
N VAL C 202 41.13 -17.95 2.64
CA VAL C 202 41.00 -17.17 1.41
C VAL C 202 41.13 -15.66 1.72
N LEU C 203 40.42 -15.22 2.75
CA LEU C 203 40.45 -13.83 3.18
C LEU C 203 41.84 -13.38 3.63
N GLU C 204 42.53 -14.23 4.36
CA GLU C 204 43.92 -13.93 4.79
C GLU C 204 44.86 -13.79 3.60
N GLN C 205 44.74 -14.70 2.65
CA GLN C 205 45.67 -14.80 1.51
C GLN C 205 45.32 -13.94 0.30
N GLY C 206 44.50 -12.92 0.52
CA GLY C 206 44.11 -11.92 -0.51
C GLY C 206 44.34 -12.34 -1.95
N SER C 208 43.20 -12.48 -5.12
CA SER C 208 42.21 -12.46 -6.20
C SER C 208 40.96 -11.71 -5.74
N SER C 209 40.67 -10.59 -6.36
CA SER C 209 39.62 -9.70 -5.82
C SER C 209 38.23 -10.29 -5.99
N SER C 210 37.94 -10.84 -7.16
CA SER C 210 36.60 -11.42 -7.39
C SER C 210 36.35 -12.59 -6.44
N LEU C 211 37.39 -13.36 -6.15
CA LEU C 211 37.31 -14.45 -5.14
C LEU C 211 37.04 -13.89 -3.75
N ILE C 212 37.76 -12.84 -3.39
CA ILE C 212 37.57 -12.19 -2.08
C ILE C 212 36.13 -11.68 -1.92
N VAL C 213 35.65 -10.98 -2.93
CA VAL C 213 34.27 -10.47 -2.90
C VAL C 213 33.25 -11.59 -2.70
N ALA C 214 33.41 -12.67 -3.45
CA ALA C 214 32.52 -13.85 -3.34
C ALA C 214 32.56 -14.45 -1.93
N THR C 215 33.75 -14.55 -1.38
CA THR C 215 33.96 -15.08 -0.03
C THR C 215 33.25 -14.17 0.99
N LEU C 216 33.41 -12.86 0.82
CA LEU C 216 32.76 -11.87 1.70
C LEU C 216 31.22 -11.87 1.55
N GLU C 217 30.75 -12.07 0.33
N GLU C 217 30.77 -12.08 0.34
CA GLU C 217 29.31 -12.21 0.09
CA GLU C 217 29.34 -12.21 0.06
C GLU C 217 28.79 -13.42 0.87
C GLU C 217 28.78 -13.43 0.82
N SER C 218 29.53 -14.52 0.83
CA SER C 218 29.15 -15.73 1.62
C SER C 218 29.17 -15.43 3.14
N LEU C 219 30.21 -14.74 3.59
CA LEU C 219 30.33 -14.36 5.01
C LEU C 219 29.12 -13.53 5.47
N LEU C 220 28.64 -12.62 4.63
CA LEU C 220 27.47 -11.80 4.97
C LEU C 220 26.29 -12.71 5.37
N ARG C 221 26.05 -13.73 4.59
CA ARG C 221 24.98 -14.71 4.87
C ARG C 221 25.26 -15.48 6.17
N TYR C 222 26.48 -15.96 6.34
CA TYR C 222 26.84 -16.75 7.55
C TYR C 222 26.56 -15.95 8.81
N LEU C 223 26.84 -14.65 8.74
CA LEU C 223 26.67 -13.77 9.90
C LEU C 223 25.23 -13.77 10.43
N HIS C 224 24.28 -14.15 9.57
CA HIS C 224 22.87 -14.24 10.01
C HIS C 224 22.65 -15.27 11.10
N TRP C 225 23.55 -16.24 11.23
CA TRP C 225 23.31 -17.39 12.13
C TRP C 225 24.48 -17.96 12.88
N ILE C 226 25.70 -17.72 12.42
CA ILE C 226 26.87 -18.37 13.05
C ILE C 226 27.13 -17.85 14.48
N PRO C 227 27.75 -18.68 15.33
CA PRO C 227 28.08 -18.19 16.66
C PRO C 227 29.15 -17.09 16.62
N TYR C 228 29.04 -16.14 17.53
CA TYR C 228 29.93 -14.96 17.56
C TYR C 228 31.44 -15.29 17.69
N ARG C 229 31.76 -16.44 18.28
CA ARG C 229 33.18 -16.79 18.49
C ARG C 229 33.96 -16.86 17.19
N TYR C 230 33.29 -17.23 16.11
CA TYR C 230 33.96 -17.27 14.80
C TYR C 230 34.43 -15.88 14.39
N ILE C 231 33.70 -14.88 14.83
CA ILE C 231 34.04 -13.47 14.54
C ILE C 231 34.98 -12.86 15.58
N TYR C 232 34.76 -13.15 16.85
CA TYR C 232 35.58 -12.54 17.92
C TYR C 232 36.84 -13.29 18.34
N GLU C 233 36.90 -14.59 18.08
CA GLU C 233 38.07 -15.38 18.50
C GLU C 233 39.09 -15.60 17.39
N THR C 234 38.81 -15.04 16.24
CA THR C 234 39.73 -15.08 15.12
C THR C 234 40.16 -13.65 14.83
N ASN C 235 41.05 -13.50 13.87
CA ASN C 235 41.52 -12.15 13.51
C ASN C 235 40.67 -11.51 12.40
N ILE C 236 39.45 -12.03 12.21
CA ILE C 236 38.64 -11.61 11.06
C ILE C 236 38.16 -10.15 11.14
N LEU C 237 37.93 -9.64 12.34
CA LEU C 237 37.47 -8.25 12.52
C LEU C 237 38.49 -7.20 12.06
N GLU C 238 39.75 -7.49 12.32
CA GLU C 238 40.87 -6.65 11.86
CA GLU C 238 40.86 -6.64 11.87
C GLU C 238 40.87 -6.58 10.34
N LEU C 239 40.77 -7.75 9.70
CA LEU C 239 40.76 -7.83 8.23
C LEU C 239 39.59 -7.02 7.63
N LEU C 240 38.40 -7.25 8.17
CA LEU C 240 37.17 -6.62 7.67
C LEU C 240 37.24 -5.10 7.85
N SER C 241 37.68 -4.67 9.03
CA SER C 241 37.69 -3.22 9.37
C SER C 241 38.91 -2.43 8.87
N THR C 242 39.92 -3.10 8.34
CA THR C 242 41.10 -2.41 7.82
C THR C 242 41.32 -2.77 6.36
N LYS C 243 41.96 -3.91 6.14
CA LYS C 243 42.34 -4.40 4.82
C LYS C 243 41.18 -4.25 3.81
N PHE C 244 40.04 -4.84 4.13
CA PHE C 244 38.93 -4.90 3.15
C PHE C 244 38.15 -3.59 2.97
N MET C 245 38.35 -2.64 3.88
CA MET C 245 37.79 -1.29 3.70
C MET C 245 38.59 -0.46 2.68
N THR C 246 39.83 -0.83 2.45
CA THR C 246 40.72 0.04 1.64
C THR C 246 40.47 -0.04 0.11
N SER C 247 40.20 -1.24 -0.39
N SER C 247 40.24 -1.24 -0.42
CA SER C 247 39.88 -1.46 -1.81
CA SER C 247 39.88 -1.40 -1.84
C SER C 247 38.38 -1.27 -2.07
C SER C 247 38.38 -1.19 -2.02
N PRO C 248 37.98 -0.38 -3.02
CA PRO C 248 36.53 -0.13 -3.22
C PRO C 248 35.70 -1.35 -3.63
N ASP C 249 36.33 -2.26 -4.36
CA ASP C 249 35.67 -3.52 -4.78
CA ASP C 249 35.66 -3.50 -4.78
C ASP C 249 35.24 -4.37 -3.57
N THR C 250 36.06 -4.38 -2.52
CA THR C 250 35.72 -5.15 -1.29
C THR C 250 35.00 -4.34 -0.19
N ARG C 251 35.09 -3.03 -0.30
CA ARG C 251 34.57 -2.09 0.73
C ARG C 251 33.05 -2.17 0.90
N ALA C 252 32.37 -2.28 -0.22
CA ALA C 252 30.89 -2.34 -0.25
C ALA C 252 30.35 -3.50 0.58
N ILE C 253 30.87 -4.68 0.30
CA ILE C 253 30.42 -5.90 0.99
C ILE C 253 30.94 -5.95 2.45
N THR C 254 32.16 -5.48 2.65
CA THR C 254 32.74 -5.47 4.02
C THR C 254 31.90 -4.65 4.98
N LEU C 255 31.44 -3.51 4.48
CA LEU C 255 30.65 -2.61 5.28
C LEU C 255 29.33 -3.26 5.72
N LYS C 256 28.70 -3.97 4.80
CA LYS C 256 27.46 -4.73 5.10
CA LYS C 256 27.47 -4.74 5.10
C LYS C 256 27.71 -5.88 6.08
N CYS C 257 28.87 -6.52 5.94
CA CYS C 257 29.29 -7.59 6.88
C CYS C 257 29.44 -6.99 8.28
N LEU C 258 30.10 -5.83 8.36
CA LEU C 258 30.34 -5.14 9.64
C LEU C 258 29.06 -4.66 10.30
N THR C 259 28.10 -4.26 9.48
CA THR C 259 26.77 -3.97 9.97
C THR C 259 26.15 -5.21 10.64
N GLU C 260 26.23 -6.35 9.96
CA GLU C 260 25.70 -7.59 10.54
C GLU C 260 26.52 -8.03 11.76
N VAL C 261 27.83 -7.84 11.73
CA VAL C 261 28.66 -8.12 12.93
C VAL C 261 28.12 -7.37 14.14
N SER C 262 27.69 -6.14 13.90
CA SER C 262 27.16 -5.29 14.94
C SER C 262 25.85 -5.84 15.55
N ASN C 263 25.18 -6.74 14.83
CA ASN C 263 23.94 -7.39 15.31
C ASN C 263 24.13 -8.79 15.90
N LEU C 264 25.36 -9.26 15.96
CA LEU C 264 25.62 -10.60 16.53
C LEU C 264 25.13 -10.69 17.98
N LYS C 265 24.73 -11.88 18.43
CA LYS C 265 24.48 -12.06 19.86
C LYS C 265 25.84 -12.21 20.55
N ILE C 266 26.04 -11.39 21.58
CA ILE C 266 27.38 -11.21 22.20
C ILE C 266 27.29 -11.04 23.73
N PRO C 267 28.15 -11.74 24.49
CA PRO C 267 28.23 -11.55 25.95
C PRO C 267 28.36 -10.08 26.36
N GLN C 268 27.60 -9.70 27.38
CA GLN C 268 27.49 -8.29 27.81
C GLN C 268 28.43 -7.88 28.95
N ASP C 269 29.09 -8.86 29.53
CA ASP C 269 29.82 -8.68 30.77
C ASP C 269 31.32 -8.88 30.59
N ASN C 270 31.78 -8.80 29.35
CA ASN C 270 33.16 -9.19 29.00
C ASN C 270 33.97 -8.01 28.43
N ASP C 271 34.89 -7.49 29.23
CA ASP C 271 35.66 -6.29 28.84
C ASP C 271 36.49 -6.48 27.57
N LEU C 272 37.07 -7.66 27.40
CA LEU C 272 37.89 -7.96 26.23
C LEU C 272 37.09 -7.87 24.91
N ILE C 273 35.89 -8.43 24.94
CA ILE C 273 34.97 -8.39 23.79
C ILE C 273 34.49 -6.96 23.51
N LYS C 274 34.19 -6.23 24.57
CA LYS C 274 33.88 -4.80 24.44
C LYS C 274 35.01 -4.05 23.73
N ARG C 275 36.25 -4.35 24.12
CA ARG C 275 37.43 -3.72 23.48
C ARG C 275 37.48 -4.02 21.98
N GLN C 276 37.12 -5.24 21.63
CA GLN C 276 37.12 -5.68 20.23
C GLN C 276 36.03 -4.98 19.43
N THR C 277 34.90 -4.74 20.07
CA THR C 277 33.76 -4.09 19.42
C THR C 277 34.09 -2.63 19.16
N VAL C 278 34.81 -2.02 20.10
CA VAL C 278 35.30 -0.63 19.92
C VAL C 278 36.33 -0.56 18.79
N LEU C 279 37.30 -1.46 18.84
CA LEU C 279 38.42 -1.49 17.89
C LEU C 279 37.99 -1.58 16.41
N PHE C 280 37.07 -2.47 16.09
CA PHE C 280 36.63 -2.59 14.68
C PHE C 280 35.93 -1.32 14.19
N PHE C 281 35.17 -0.68 15.07
CA PHE C 281 34.51 0.60 14.78
C PHE C 281 35.54 1.71 14.55
N GLN C 282 36.47 1.79 15.47
CA GLN C 282 37.59 2.73 15.37
C GLN C 282 38.36 2.51 14.06
N ASN C 283 38.73 1.27 13.78
CA ASN C 283 39.42 0.91 12.51
C ASN C 283 38.59 1.36 11.29
N THR C 284 37.32 1.02 11.29
CA THR C 284 36.45 1.33 10.17
C THR C 284 36.33 2.84 9.89
N LEU C 285 36.10 3.60 10.95
CA LEU C 285 35.99 5.07 10.84
C LEU C 285 37.30 5.70 10.38
N GLN C 286 38.43 5.16 10.84
CA GLN C 286 39.76 5.63 10.38
CA GLN C 286 39.74 5.66 10.39
C GLN C 286 39.93 5.42 8.88
N GLN C 287 39.49 4.25 8.41
CA GLN C 287 39.54 3.95 6.95
C GLN C 287 38.65 4.91 6.13
N ILE C 288 37.45 5.18 6.62
CA ILE C 288 36.54 6.11 5.94
CA ILE C 288 36.55 6.11 5.93
C ILE C 288 37.21 7.48 5.79
N ALA C 289 37.75 7.97 6.91
CA ALA C 289 38.37 9.31 6.96
C ALA C 289 39.61 9.42 6.07
N THR C 290 40.40 8.35 6.00
CA THR C 290 41.67 8.42 5.25
C THR C 290 41.53 8.01 3.77
N SER C 291 40.68 7.02 3.50
CA SER C 291 40.52 6.46 2.14
C SER C 291 39.28 6.88 1.32
N VAL C 292 38.25 7.37 2.00
CA VAL C 292 36.98 7.74 1.33
C VAL C 292 36.69 9.24 1.34
N MET C 293 36.41 9.79 2.52
CA MET C 293 36.20 11.24 2.67
C MET C 293 36.33 11.68 4.12
N PRO C 294 36.82 12.91 4.35
CA PRO C 294 36.93 13.43 5.72
C PRO C 294 35.54 13.77 6.25
N VAL C 295 35.45 13.99 7.55
CA VAL C 295 34.14 14.23 8.20
CA VAL C 295 34.13 14.23 8.20
C VAL C 295 33.52 15.55 7.77
N THR C 296 34.35 16.46 7.30
CA THR C 296 33.88 17.76 6.77
C THR C 296 33.24 17.64 5.36
N ALA C 297 33.42 16.52 4.69
CA ALA C 297 32.96 16.37 3.28
C ALA C 297 31.46 16.62 3.12
N ASP C 298 31.12 17.21 1.98
CA ASP C 298 29.73 17.58 1.68
C ASP C 298 29.04 16.37 1.05
N LEU C 299 28.48 15.54 1.91
CA LEU C 299 27.88 14.27 1.47
C LEU C 299 26.59 14.53 0.66
N LYS C 300 25.90 15.62 1.00
CA LYS C 300 24.74 16.06 0.25
C LYS C 300 25.11 16.19 -1.23
N ALA C 301 26.22 16.88 -1.48
CA ALA C 301 26.71 17.12 -2.84
C ALA C 301 27.14 15.80 -3.49
N THR C 302 27.90 15.01 -2.76
CA THR C 302 28.41 13.72 -3.29
C THR C 302 27.25 12.80 -3.73
N TYR C 303 26.23 12.72 -2.89
CA TYR C 303 25.04 11.89 -3.17
C TYR C 303 24.32 12.39 -4.42
N ALA C 304 24.14 13.70 -4.49
CA ALA C 304 23.42 14.34 -5.60
C ALA C 304 24.15 14.10 -6.93
N ASN C 305 25.49 14.06 -6.89
CA ASN C 305 26.29 13.71 -8.09
C ASN C 305 26.11 12.28 -8.58
N ALA C 306 25.85 11.37 -7.65
CA ALA C 306 25.50 9.98 -8.01
C ALA C 306 26.54 9.29 -8.89
N ASN C 307 27.82 9.54 -8.65
CA ASN C 307 28.88 8.81 -9.38
C ASN C 307 28.94 7.35 -8.95
N GLY C 308 29.27 6.49 -9.89
CA GLY C 308 29.47 5.06 -9.63
C GLY C 308 28.49 4.50 -8.60
N ASN C 309 29.03 3.96 -7.52
CA ASN C 309 28.19 3.36 -6.46
C ASN C 309 28.10 4.23 -5.21
N ASP C 310 28.34 5.53 -5.36
CA ASP C 310 28.38 6.46 -4.21
C ASP C 310 27.07 6.46 -3.40
N GLN C 311 25.94 6.40 -4.09
CA GLN C 311 24.65 6.48 -3.40
C GLN C 311 24.42 5.27 -2.50
N SER C 312 24.68 4.08 -3.03
CA SER C 312 24.53 2.85 -2.24
CA SER C 312 24.55 2.84 -2.26
C SER C 312 25.57 2.79 -1.12
N PHE C 313 26.77 3.28 -1.38
CA PHE C 313 27.80 3.31 -0.33
C PHE C 313 27.38 4.24 0.83
N LEU C 314 26.89 5.42 0.49
CA LEU C 314 26.45 6.37 1.54
C LEU C 314 25.23 5.82 2.32
N GLN C 315 24.33 5.16 1.61
CA GLN C 315 23.23 4.42 2.26
C GLN C 315 23.75 3.34 3.23
N ASP C 316 24.69 2.53 2.76
CA ASP C 316 25.24 1.47 3.60
C ASP C 316 26.03 2.04 4.79
N LEU C 317 26.69 3.19 4.59
CA LEU C 317 27.41 3.84 5.70
C LEU C 317 26.44 4.29 6.79
N ALA C 318 25.36 4.93 6.35
CA ALA C 318 24.26 5.29 7.25
C ALA C 318 23.75 4.09 8.02
N MET C 319 23.52 2.98 7.31
CA MET C 319 23.04 1.76 7.95
C MET C 319 24.06 1.23 8.95
N PHE C 320 25.34 1.26 8.58
CA PHE C 320 26.39 0.81 9.49
C PHE C 320 26.46 1.64 10.76
N LEU C 321 26.56 2.95 10.59
CA LEU C 321 26.75 3.87 11.73
C LEU C 321 25.55 3.83 12.69
N THR C 322 24.34 3.86 12.14
CA THR C 322 23.11 3.85 12.96
C THR C 322 22.95 2.52 13.70
N THR C 323 23.26 1.43 13.02
CA THR C 323 23.15 0.09 13.60
C THR C 323 24.14 -0.05 14.75
N TYR C 324 25.41 0.27 14.49
CA TYR C 324 26.45 0.16 15.51
C TYR C 324 26.17 1.04 16.72
N LEU C 325 25.88 2.31 16.45
CA LEU C 325 25.77 3.29 17.52
C LEU C 325 24.53 3.06 18.40
N ALA C 326 23.43 2.63 17.78
CA ALA C 326 22.20 2.32 18.54
C ALA C 326 22.47 1.19 19.52
N ARG C 327 23.32 0.26 19.14
CA ARG C 327 23.68 -0.85 20.03
C ARG C 327 24.81 -0.50 21.00
N ASN C 328 25.81 0.23 20.54
CA ASN C 328 27.12 0.26 21.21
C ASN C 328 27.64 1.63 21.63
N ARG C 329 26.89 2.69 21.40
CA ARG C 329 27.46 4.03 21.68
C ARG C 329 27.89 4.22 23.15
N ALA C 330 27.25 3.53 24.08
CA ALA C 330 27.66 3.54 25.50
C ALA C 330 29.12 3.10 25.70
N LEU C 331 29.58 2.15 24.89
CA LEU C 331 31.01 1.74 24.90
C LEU C 331 31.98 2.91 24.67
N LEU C 332 31.49 3.96 24.02
CA LEU C 332 32.33 5.11 23.61
C LEU C 332 32.13 6.37 24.46
N GLU C 333 31.19 6.32 25.39
CA GLU C 333 30.72 7.53 26.09
C GLU C 333 31.45 7.86 27.38
N SER C 334 32.08 6.87 27.99
CA SER C 334 32.67 7.04 29.32
C SER C 334 34.17 7.28 29.33
N ASP C 335 34.83 6.81 28.29
CA ASP C 335 36.28 6.82 28.18
C ASP C 335 36.65 8.05 27.34
N GLU C 336 37.37 8.99 27.97
CA GLU C 336 37.83 10.22 27.30
C GLU C 336 38.57 9.97 25.97
N SER C 337 39.35 8.90 25.93
CA SER C 337 40.11 8.56 24.72
C SER C 337 39.21 8.14 23.54
N LEU C 338 37.93 7.89 23.81
CA LEU C 338 36.97 7.46 22.76
C LEU C 338 35.98 8.53 22.35
N ARG C 339 36.07 9.69 23.00
CA ARG C 339 35.10 10.76 22.76
C ARG C 339 35.17 11.27 21.32
N GLU C 340 36.36 11.45 20.81
CA GLU C 340 36.57 11.96 19.45
C GLU C 340 35.92 11.02 18.40
N LEU C 341 36.13 9.72 18.58
CA LEU C 341 35.50 8.69 17.72
C LEU C 341 33.98 8.76 17.77
N LEU C 342 33.46 8.85 18.98
CA LEU C 342 31.99 8.91 19.19
C LEU C 342 31.40 10.08 18.41
N LEU C 343 32.04 11.23 18.54
CA LEU C 343 31.53 12.48 17.95
C LEU C 343 31.77 12.54 16.44
N ASN C 344 32.90 12.03 15.98
CA ASN C 344 33.15 11.93 14.53
C ASN C 344 32.15 11.03 13.86
N ALA C 345 31.88 9.88 14.49
CA ALA C 345 30.85 8.97 13.99
C ALA C 345 29.54 9.73 13.83
N HIS C 346 29.17 10.44 14.88
CA HIS C 346 27.92 11.22 14.83
C HIS C 346 27.97 12.40 13.87
N GLN C 347 29.15 12.94 13.64
CA GLN C 347 29.30 14.05 12.68
C GLN C 347 29.07 13.53 11.26
N TYR C 348 29.59 12.34 10.96
CA TYR C 348 29.27 11.71 9.67
C TYR C 348 27.75 11.59 9.50
N LEU C 349 27.08 11.25 10.59
CA LEU C 349 25.62 11.07 10.55
C LEU C 349 24.92 12.40 10.31
N ILE C 350 25.42 13.45 10.93
CA ILE C 350 24.91 14.78 10.66
C ILE C 350 25.05 15.08 9.15
N GLN C 351 26.20 14.76 8.58
CA GLN C 351 26.45 15.04 7.14
C GLN C 351 25.52 14.20 6.27
N LEU C 352 25.35 12.93 6.64
CA LEU C 352 24.43 12.03 5.92
C LEU C 352 22.98 12.53 5.96
N SER C 353 22.61 13.17 7.06
CA SER C 353 21.24 13.66 7.28
C SER C 353 20.92 14.89 6.45
N LYS C 354 21.93 15.45 5.80
CA LYS C 354 21.72 16.60 4.93
C LYS C 354 21.42 16.16 3.49
N ILE C 355 21.63 14.88 3.20
CA ILE C 355 21.38 14.31 1.85
C ILE C 355 19.90 14.44 1.49
N GLU C 356 19.63 14.82 0.25
CA GLU C 356 18.26 14.89 -0.28
C GLU C 356 17.88 13.50 -0.82
N GLU C 357 17.21 12.74 0.01
CA GLU C 357 16.78 11.39 -0.31
C GLU C 357 15.85 10.99 0.84
N ARG C 358 14.56 11.08 0.57
CA ARG C 358 13.52 10.87 1.58
C ARG C 358 13.71 9.61 2.37
N GLU C 359 13.91 8.50 1.67
CA GLU C 359 13.96 7.20 2.34
C GLU C 359 15.22 7.09 3.22
N LEU C 360 16.32 7.68 2.75
CA LEU C 360 17.57 7.65 3.52
C LEU C 360 17.40 8.52 4.77
N PHE C 361 16.72 9.65 4.60
CA PHE C 361 16.43 10.57 5.70
C PHE C 361 15.61 9.88 6.80
N LYS C 362 14.66 9.06 6.39
CA LYS C 362 13.85 8.28 7.34
C LYS C 362 14.72 7.36 8.18
N THR C 363 15.74 6.80 7.54
CA THR C 363 16.66 5.88 8.21
C THR C 363 17.49 6.60 9.26
N THR C 364 18.08 7.73 8.88
CA THR C 364 18.88 8.51 9.83
C THR C 364 17.97 9.13 10.92
N LEU C 365 16.78 9.57 10.53
CA LEU C 365 15.84 10.17 11.50
C LEU C 365 15.42 9.18 12.61
N ASP C 366 15.22 7.93 12.19
CA ASP C 366 14.99 6.81 13.11
C ASP C 366 16.11 6.72 14.13
N TYR C 367 17.33 6.83 13.66
CA TYR C 367 18.49 6.83 14.55
C TYR C 367 18.45 8.04 15.51
N TRP C 368 18.18 9.22 14.97
CA TRP C 368 18.15 10.41 15.83
C TRP C 368 17.10 10.29 16.90
N HIS C 369 15.97 9.69 16.55
CA HIS C 369 14.91 9.45 17.52
C HIS C 369 15.37 8.54 18.64
N ASN C 370 16.06 7.47 18.24
CA ASN C 370 16.69 6.54 19.19
C ASN C 370 17.64 7.27 20.14
N LEU C 371 18.48 8.13 19.58
CA LEU C 371 19.44 8.89 20.38
C LEU C 371 18.72 9.83 21.33
N VAL C 372 17.86 10.70 20.80
CA VAL C 372 17.32 11.81 21.63
C VAL C 372 16.39 11.26 22.72
N ALA C 373 15.70 10.16 22.42
CA ALA C 373 14.78 9.53 23.39
C ALA C 373 15.59 9.01 24.59
N ASP C 374 16.77 8.48 24.30
CA ASP C 374 17.73 8.01 25.31
C ASP C 374 18.32 9.18 26.12
N LEU C 375 18.71 10.24 25.44
CA LEU C 375 19.25 11.45 26.11
C LEU C 375 18.24 12.13 27.04
N PHE C 376 16.98 11.98 26.69
CA PHE C 376 15.85 12.52 27.46
C PHE C 376 15.75 11.90 28.84
N TYR C 377 16.22 10.67 28.97
CA TYR C 377 16.06 9.87 30.19
C TYR C 377 17.35 9.51 30.92
N GLU C 378 18.36 9.11 30.18
CA GLU C 378 19.58 8.58 30.78
C GLU C 378 20.45 9.68 31.39
N PRO C 379 20.65 9.62 32.70
CA PRO C 379 21.40 10.67 33.42
C PRO C 379 22.82 10.90 32.89
N LEU C 380 23.23 12.16 32.83
CA LEU C 380 24.59 12.53 32.51
C LEU C 380 25.06 12.29 31.07
N LYS C 381 24.13 12.05 30.16
CA LYS C 381 24.48 11.79 28.75
C LYS C 381 24.31 12.98 27.79
N LYS C 382 23.23 13.74 27.95
CA LYS C 382 22.92 14.79 26.95
C LYS C 382 24.09 15.79 26.71
N HIS C 383 24.85 16.14 27.74
CA HIS C 383 25.95 17.11 27.57
C HIS C 383 26.97 16.64 26.54
N ILE C 384 27.16 15.33 26.45
CA ILE C 384 28.12 14.73 25.49
C ILE C 384 27.81 15.15 24.04
N TYR C 385 26.53 15.26 23.74
CA TYR C 385 26.03 15.43 22.37
C TYR C 385 25.48 16.82 22.11
N GLU C 386 25.77 17.76 22.99
CA GLU C 386 25.16 19.09 22.89
CA GLU C 386 25.24 19.13 22.93
C GLU C 386 25.45 19.75 21.53
N GLU C 387 26.65 19.60 21.01
CA GLU C 387 27.01 20.17 19.68
C GLU C 387 26.38 19.39 18.50
N ILE C 388 26.35 18.08 18.60
CA ILE C 388 25.62 17.24 17.64
C ILE C 388 24.12 17.65 17.60
N CYS C 389 23.52 17.78 18.77
CA CYS C 389 22.08 18.11 18.88
C CYS C 389 21.79 19.48 18.32
N SER C 390 22.69 20.41 18.60
CA SER C 390 22.56 21.77 18.08
C SER C 390 22.57 21.78 16.52
N GLN C 391 23.49 21.03 15.94
CA GLN C 391 23.51 20.88 14.47
C GLN C 391 22.25 20.18 13.96
N LEU C 392 21.78 19.19 14.72
CA LEU C 392 20.58 18.45 14.36
C LEU C 392 19.32 19.35 14.34
N ARG C 393 19.21 20.24 15.32
CA ARG C 393 18.10 21.21 15.38
C ARG C 393 17.99 21.95 14.03
N LEU C 394 19.12 22.46 13.56
N LEU C 394 19.13 22.43 13.56
CA LEU C 394 19.20 23.14 12.25
CA LEU C 394 19.20 23.16 12.28
C LEU C 394 18.73 22.24 11.10
C LEU C 394 18.76 22.27 11.10
N VAL C 395 19.27 21.04 11.06
CA VAL C 395 18.92 20.08 9.98
C VAL C 395 17.40 19.82 9.92
N ILE C 396 16.81 19.50 11.06
CA ILE C 396 15.38 19.17 11.11
CA ILE C 396 15.38 19.16 11.08
C ILE C 396 14.51 20.37 10.75
N ILE C 397 14.84 21.51 11.35
CA ILE C 397 14.09 22.73 11.10
C ILE C 397 14.09 23.05 9.60
N GLU C 398 15.23 22.88 8.95
CA GLU C 398 15.37 23.23 7.52
C GLU C 398 14.79 22.20 6.54
N ASN C 399 14.43 21.03 7.05
CA ASN C 399 13.86 19.96 6.21
C ASN C 399 12.50 19.50 6.71
N MET C 400 11.74 20.40 7.34
CA MET C 400 10.37 20.04 7.80
C MET C 400 9.50 19.84 6.56
N VAL C 401 8.85 18.70 6.49
CA VAL C 401 7.90 18.41 5.40
C VAL C 401 6.60 19.19 5.65
N ARG C 402 5.84 19.44 4.59
CA ARG C 402 4.60 20.22 4.69
C ARG C 402 3.61 19.44 5.58
N PRO C 403 3.09 20.08 6.64
CA PRO C 403 2.06 19.42 7.44
C PRO C 403 0.79 19.15 6.63
N GLU C 404 0.04 18.15 7.05
N GLU C 404 0.04 18.14 7.05
CA GLU C 404 -1.23 17.77 6.41
CA GLU C 404 -1.23 17.80 6.39
C GLU C 404 -2.21 18.95 6.36
C GLU C 404 -2.18 19.00 6.33
N GLU C 405 -2.13 19.82 7.37
CA GLU C 405 -3.04 20.97 7.51
C GLU C 405 -2.77 22.07 6.50
N VAL C 406 -1.53 22.14 6.00
CA VAL C 406 -1.15 23.24 5.09
C VAL C 406 -1.57 22.87 3.67
N LEU C 407 -2.62 23.52 3.19
CA LEU C 407 -3.33 23.10 1.95
C LEU C 407 -2.86 23.77 0.66
N VAL C 408 -1.96 24.73 0.79
CA VAL C 408 -1.41 25.43 -0.36
C VAL C 408 -0.04 24.86 -0.73
N VAL C 409 0.24 24.86 -2.02
CA VAL C 409 1.52 24.37 -2.57
C VAL C 409 1.90 25.19 -3.81
N GLU C 410 3.19 25.24 -4.12
CA GLU C 410 3.67 25.97 -5.30
C GLU C 410 3.58 25.08 -6.55
N ASN C 411 2.89 25.57 -7.57
N ASN C 411 2.94 25.66 -7.57
CA ASN C 411 2.80 24.81 -8.83
CA ASN C 411 2.80 25.06 -8.90
C ASN C 411 4.05 25.01 -9.68
C ASN C 411 4.13 24.95 -9.63
N ASP C 412 4.12 24.30 -10.79
CA ASP C 412 5.31 24.31 -11.69
C ASP C 412 5.52 25.67 -12.36
N GLU C 413 4.48 26.49 -12.36
CA GLU C 413 4.51 27.86 -12.92
C GLU C 413 4.83 28.93 -11.86
N GLY C 414 5.15 28.50 -10.64
CA GLY C 414 5.47 29.44 -9.54
C GLY C 414 4.30 30.18 -8.89
N GLU C 415 3.12 29.58 -9.01
CA GLU C 415 1.90 30.12 -8.40
C GLU C 415 1.55 29.31 -7.17
N ILE C 416 1.07 29.98 -6.14
CA ILE C 416 0.70 29.34 -4.88
C ILE C 416 -0.78 28.96 -4.96
N VAL C 417 -1.02 27.67 -5.09
CA VAL C 417 -2.38 27.13 -5.33
C VAL C 417 -2.77 26.07 -4.32
N ARG C 418 -4.07 25.84 -4.22
CA ARG C 418 -4.62 24.75 -3.45
C ARG C 418 -4.12 23.43 -4.03
N GLU C 419 -3.69 22.52 -3.16
CA GLU C 419 -3.26 21.18 -3.56
C GLU C 419 -4.39 20.46 -4.30
N PHE C 420 -4.01 19.65 -5.28
CA PHE C 420 -4.99 18.86 -6.02
C PHE C 420 -5.47 17.69 -5.16
N VAL C 421 -4.55 17.16 -4.37
CA VAL C 421 -4.83 16.01 -3.51
C VAL C 421 -4.00 16.08 -2.24
N LYS C 422 -4.33 15.22 -1.29
CA LYS C 422 -3.54 15.08 -0.06
C LYS C 422 -2.16 14.44 -0.35
N GLU C 423 -1.11 15.00 0.27
CA GLU C 423 0.24 14.37 0.24
C GLU C 423 0.29 13.24 1.29
N SER C 424 -0.37 12.14 0.96
CA SER C 424 -0.55 11.02 1.88
C SER C 424 0.76 10.38 2.31
N ASP C 425 1.77 10.44 1.46
CA ASP C 425 3.02 9.75 1.79
C ASP C 425 4.00 10.53 2.69
N THR C 426 3.65 11.75 3.09
CA THR C 426 4.48 12.50 4.07
C THR C 426 3.87 12.57 5.48
N ILE C 427 2.73 11.93 5.68
CA ILE C 427 2.05 11.92 6.99
CA ILE C 427 2.07 11.94 6.99
C ILE C 427 2.96 11.33 8.08
N GLN C 428 3.51 10.15 7.82
CA GLN C 428 4.39 9.51 8.82
C GLN C 428 5.68 10.31 9.00
N LEU C 429 6.21 10.81 7.89
CA LEU C 429 7.45 11.59 7.90
C LEU C 429 7.29 12.78 8.85
N TYR C 430 6.20 13.53 8.70
CA TYR C 430 5.93 14.68 9.58
CA TYR C 430 5.95 14.68 9.57
C TYR C 430 5.94 14.28 11.05
N LYS C 431 5.22 13.21 11.37
CA LYS C 431 5.14 12.74 12.77
C LYS C 431 6.52 12.43 13.34
N SER C 432 7.34 11.76 12.54
CA SER C 432 8.73 11.42 12.93
C SER C 432 9.61 12.65 13.12
N GLU C 433 9.48 13.62 12.22
CA GLU C 433 10.23 14.88 12.34
C GLU C 433 9.83 15.65 13.61
N ARG C 434 8.52 15.77 13.80
CA ARG C 434 7.96 16.40 14.99
C ARG C 434 8.47 15.75 16.29
N GLU C 435 8.43 14.43 16.32
CA GLU C 435 8.86 13.64 17.47
CA GLU C 435 8.85 13.67 17.50
C GLU C 435 10.32 13.96 17.86
N VAL C 436 11.19 13.96 16.88
CA VAL C 436 12.60 14.26 17.13
C VAL C 436 12.79 15.72 17.56
N LEU C 437 12.13 16.63 16.85
CA LEU C 437 12.26 18.05 17.16
C LEU C 437 11.72 18.39 18.55
N VAL C 438 10.65 17.69 18.96
CA VAL C 438 10.11 17.86 20.32
C VAL C 438 11.13 17.43 21.38
N TYR C 439 11.73 16.26 21.22
CA TYR C 439 12.79 15.84 22.14
C TYR C 439 13.94 16.87 22.15
N LEU C 440 14.34 17.33 20.97
CA LEU C 440 15.48 18.25 20.87
C LEU C 440 15.19 19.55 21.58
N THR C 441 13.93 19.97 21.49
CA THR C 441 13.48 21.20 22.18
C THR C 441 13.57 21.02 23.70
N HIS C 442 13.08 19.91 24.20
N HIS C 442 13.06 19.91 24.22
CA HIS C 442 13.16 19.61 25.64
CA HIS C 442 13.14 19.60 25.66
C HIS C 442 14.59 19.58 26.09
C HIS C 442 14.57 19.53 26.12
N LEU C 443 15.45 18.95 25.30
CA LEU C 443 16.88 18.83 25.65
C LEU C 443 17.60 20.20 25.77
N ASN C 444 17.19 21.17 24.96
CA ASN C 444 17.74 22.55 25.09
C ASN C 444 16.76 23.58 24.52
N VAL C 445 15.88 24.04 25.39
CA VAL C 445 14.82 24.93 24.98
C VAL C 445 15.42 26.30 24.60
N ILE C 446 16.50 26.68 25.26
CA ILE C 446 17.13 27.99 24.99
C ILE C 446 17.71 28.01 23.56
N ASP C 447 18.50 26.99 23.22
CA ASP C 447 19.07 26.86 21.87
C ASP C 447 17.97 26.81 20.78
N THR C 448 16.89 26.10 21.04
CA THR C 448 15.83 25.93 20.02
C THR C 448 15.12 27.25 19.74
N GLU C 449 14.79 27.93 20.82
CA GLU C 449 14.15 29.22 20.71
C GLU C 449 15.05 30.22 19.97
N GLU C 450 16.31 30.27 20.37
N GLU C 450 16.32 30.29 20.31
CA GLU C 450 17.31 31.17 19.74
CA GLU C 450 17.18 31.29 19.67
C GLU C 450 17.42 30.90 18.24
C GLU C 450 17.47 30.93 18.20
N ILE C 451 17.48 29.63 17.87
CA ILE C 451 17.56 29.24 16.45
C ILE C 451 16.31 29.73 15.69
N MET C 452 15.13 29.47 16.23
CA MET C 452 13.87 29.83 15.55
C MET C 452 13.64 31.35 15.45
N ILE C 453 13.86 32.02 16.57
CA ILE C 453 13.64 33.48 16.68
C ILE C 453 14.63 34.28 15.81
N SER C 454 15.84 33.77 15.67
CA SER C 454 16.84 34.46 14.84
C SER C 454 16.60 34.13 13.35
N LYS C 455 16.22 32.89 13.04
CA LYS C 455 15.86 32.53 11.65
C LYS C 455 14.66 33.34 11.19
N LEU C 456 13.68 33.46 12.07
CA LEU C 456 12.48 34.26 11.79
C LEU C 456 12.88 35.72 11.53
N ALA C 457 13.77 36.23 12.37
CA ALA C 457 14.24 37.63 12.22
C ALA C 457 14.89 37.90 10.85
N ARG C 458 15.52 36.89 10.29
CA ARG C 458 16.19 37.01 8.99
CA ARG C 458 16.19 37.00 8.99
C ARG C 458 15.24 36.78 7.81
N GLN C 459 14.03 36.30 8.11
CA GLN C 459 12.94 36.31 7.10
C GLN C 459 12.38 37.73 7.00
N ILE C 460 12.16 38.32 8.17
CA ILE C 460 11.52 39.66 8.30
C ILE C 460 12.38 40.77 7.72
N ASP C 461 13.65 40.80 8.10
CA ASP C 461 14.58 41.82 7.58
C ASP C 461 14.94 41.58 6.10
N GLY C 462 14.47 40.47 5.55
CA GLY C 462 14.65 40.15 4.13
C GLY C 462 15.93 39.40 3.79
N SER C 463 16.87 39.32 4.70
CA SER C 463 18.18 38.70 4.39
C SER C 463 18.09 37.24 3.89
N GLU C 464 17.13 36.48 4.41
CA GLU C 464 16.99 35.04 4.07
C GLU C 464 15.61 34.64 3.53
N TRP C 465 14.77 35.64 3.32
CA TRP C 465 13.40 35.45 2.83
C TRP C 465 13.31 34.53 1.62
N SER C 466 12.48 33.52 1.75
CA SER C 466 12.00 32.74 0.61
C SER C 466 10.77 31.98 1.07
N TRP C 467 9.95 31.53 0.13
CA TRP C 467 8.78 30.73 0.51
C TRP C 467 9.24 29.50 1.26
N HIS C 468 10.19 28.79 0.69
CA HIS C 468 10.77 27.60 1.33
C HIS C 468 11.19 27.85 2.76
N ASN C 469 11.86 28.98 3.00
CA ASN C 469 12.44 29.28 4.34
C ASN C 469 11.39 29.65 5.40
N ILE C 470 10.45 30.50 5.03
CA ILE C 470 9.37 30.86 5.95
C ILE C 470 8.49 29.64 6.26
N ASN C 471 8.27 28.82 5.25
CA ASN C 471 7.48 27.58 5.35
C ASN C 471 8.08 26.57 6.34
N THR C 472 9.33 26.15 6.09
CA THR C 472 9.97 25.13 6.94
CA THR C 472 9.97 25.14 6.94
C THR C 472 10.02 25.64 8.39
N LEU C 473 10.36 26.91 8.55
CA LEU C 473 10.45 27.53 9.86
C LEU C 473 9.10 27.55 10.58
N SER C 474 8.05 27.95 9.87
CA SER C 474 6.70 28.08 10.44
C SER C 474 6.17 26.72 10.89
N TRP C 475 6.38 25.75 10.03
CA TRP C 475 6.01 24.36 10.31
C TRP C 475 6.75 23.85 11.53
N ALA C 476 8.03 24.17 11.62
CA ALA C 476 8.86 23.80 12.78
C ALA C 476 8.34 24.43 14.07
N ILE C 477 8.05 25.71 14.00
CA ILE C 477 7.54 26.47 15.16
C ILE C 477 6.21 25.88 15.65
N GLY C 478 5.33 25.57 14.72
CA GLY C 478 4.04 24.94 15.04
C GLY C 478 4.23 23.56 15.65
N SER C 479 5.19 22.82 15.12
CA SER C 479 5.38 21.43 15.51
C SER C 479 5.87 21.25 16.96
N ILE C 480 6.52 22.27 17.53
CA ILE C 480 7.07 22.15 18.90
C ILE C 480 6.12 22.60 20.02
N SER C 481 4.87 22.87 19.66
CA SER C 481 3.83 23.20 20.63
C SER C 481 3.74 22.15 21.75
N GLY C 482 3.83 22.60 22.98
CA GLY C 482 3.77 21.69 24.14
C GLY C 482 5.10 21.55 24.87
N THR C 483 6.19 21.94 24.21
CA THR C 483 7.53 21.73 24.78
C THR C 483 7.89 22.80 25.80
N MET C 484 7.37 23.99 25.61
CA MET C 484 7.71 25.07 26.52
C MET C 484 6.73 25.12 27.68
N SER C 485 7.15 25.74 28.76
CA SER C 485 6.25 26.02 29.87
C SER C 485 5.21 27.04 29.40
N GLU C 486 4.02 26.98 29.99
CA GLU C 486 2.93 27.89 29.59
C GLU C 486 3.48 29.31 29.53
N ASP C 487 4.28 29.62 30.54
CA ASP C 487 4.86 30.96 30.70
C ASP C 487 5.87 31.30 29.60
N THR C 488 6.79 30.39 29.30
CA THR C 488 7.77 30.63 28.23
C THR C 488 7.10 30.64 26.84
N GLU C 489 6.16 29.73 26.66
CA GLU C 489 5.38 29.65 25.41
C GLU C 489 4.71 30.99 25.09
N LYS C 490 4.10 31.58 26.10
CA LYS C 490 3.45 32.90 25.99
C LYS C 490 4.34 33.95 25.29
N ARG C 491 5.56 34.10 25.77
CA ARG C 491 6.49 35.12 25.19
C ARG C 491 6.92 34.74 23.79
N PHE C 492 7.25 33.47 23.64
CA PHE C 492 7.65 32.90 22.35
C PHE C 492 6.56 33.15 21.30
N VAL C 493 5.32 32.76 21.62
CA VAL C 493 4.21 32.88 20.63
C VAL C 493 3.95 34.34 20.26
N VAL C 494 3.96 35.20 21.27
CA VAL C 494 3.81 36.65 21.06
C VAL C 494 4.90 37.20 20.11
N THR C 495 6.14 36.77 20.32
CA THR C 495 7.26 37.20 19.47
C THR C 495 7.07 36.70 18.04
N VAL C 496 6.78 35.43 17.90
CA VAL C 496 6.59 34.81 16.59
C VAL C 496 5.45 35.48 15.79
N ILE C 497 4.32 35.68 16.46
CA ILE C 497 3.14 36.27 15.80
C ILE C 497 3.39 37.74 15.40
N LYS C 498 4.04 38.51 16.27
CA LYS C 498 4.43 39.90 15.92
C LYS C 498 5.19 39.90 14.59
N ASP C 499 6.18 39.03 14.48
CA ASP C 499 6.99 38.91 13.26
C ASP C 499 6.21 38.43 12.02
N LEU C 500 5.41 37.40 12.21
CA LEU C 500 4.61 36.88 11.09
C LEU C 500 3.60 37.93 10.60
N LEU C 501 3.06 38.72 11.52
CA LEU C 501 2.10 39.78 11.13
C LEU C 501 2.82 40.87 10.31
N ASP C 502 4.05 41.20 10.72
CA ASP C 502 4.89 42.14 9.94
C ASP C 502 5.09 41.62 8.52
N LEU C 503 5.43 40.35 8.43
CA LEU C 503 5.67 39.70 7.13
C LEU C 503 4.41 39.76 6.24
N CYS C 504 3.26 39.59 6.85
CA CYS C 504 1.96 39.64 6.16
C CYS C 504 1.62 41.02 5.57
N VAL C 505 1.97 42.06 6.32
CA VAL C 505 1.84 43.45 5.83
C VAL C 505 2.82 43.73 4.68
N LYS C 506 4.02 43.20 4.79
CA LYS C 506 5.10 43.52 3.85
C LYS C 506 5.08 42.71 2.55
N LYS C 507 4.59 41.48 2.60
CA LYS C 507 4.64 40.58 1.42
C LYS C 507 3.27 40.43 0.74
N ARG C 508 3.07 41.22 -0.32
CA ARG C 508 1.77 41.32 -1.00
C ARG C 508 1.69 40.49 -2.29
N GLY C 509 0.54 40.55 -2.94
CA GLY C 509 0.26 39.72 -4.11
C GLY C 509 -0.34 38.41 -3.63
N LYS C 510 -1.22 37.82 -4.42
CA LYS C 510 -2.00 36.67 -3.95
C LYS C 510 -1.11 35.49 -3.54
N ASP C 511 0.00 35.30 -4.24
CA ASP C 511 0.95 34.22 -3.93
C ASP C 511 1.58 34.38 -2.55
N ASN C 512 2.23 35.52 -2.33
CA ASN C 512 2.82 35.84 -1.01
C ASN C 512 1.80 35.77 0.12
N LYS C 513 0.66 36.41 -0.09
CA LYS C 513 -0.41 36.46 0.93
C LYS C 513 -0.87 35.02 1.26
N ALA C 514 -1.01 34.19 0.25
CA ALA C 514 -1.40 32.79 0.44
C ALA C 514 -0.38 32.03 1.30
N VAL C 515 0.90 32.18 0.96
CA VAL C 515 1.98 31.49 1.69
C VAL C 515 2.00 31.91 3.17
N VAL C 516 1.98 33.21 3.42
CA VAL C 516 2.07 33.71 4.79
C VAL C 516 0.79 33.40 5.60
N ALA C 517 -0.37 33.56 4.98
CA ALA C 517 -1.65 33.20 5.63
C ALA C 517 -1.67 31.73 6.06
N SER C 518 -1.24 30.86 5.17
CA SER C 518 -1.23 29.43 5.47
C SER C 518 -0.31 29.14 6.66
N ASP C 519 0.83 29.82 6.71
CA ASP C 519 1.81 29.59 7.76
C ASP C 519 1.31 30.09 9.11
N ILE C 520 0.63 31.22 9.14
CA ILE C 520 0.12 31.80 10.41
C ILE C 520 -1.06 30.98 10.96
N MET C 521 -1.94 30.57 10.05
CA MET C 521 -3.06 29.67 10.39
C MET C 521 -2.52 28.37 10.98
N TYR C 522 -1.48 27.82 10.35
CA TYR C 522 -0.87 26.62 10.90
C TYR C 522 -0.37 26.88 12.33
N VAL C 523 0.39 27.95 12.51
CA VAL C 523 0.96 28.25 13.82
C VAL C 523 -0.12 28.48 14.89
N VAL C 524 -1.11 29.31 14.59
CA VAL C 524 -2.14 29.65 15.62
C VAL C 524 -2.94 28.39 15.98
N GLY C 525 -3.28 27.58 14.99
CA GLY C 525 -4.02 26.33 15.25
C GLY C 525 -3.25 25.34 16.11
N GLN C 526 -1.92 25.46 16.08
CA GLN C 526 -1.03 24.59 16.84
C GLN C 526 -0.84 24.97 18.32
N TYR C 527 -1.32 26.14 18.71
CA TYR C 527 -1.14 26.64 20.08
C TYR C 527 -2.46 26.95 20.81
N PRO C 528 -3.37 25.95 20.92
CA PRO C 528 -4.64 26.19 21.63
C PRO C 528 -4.44 26.65 23.08
N ARG C 529 -3.39 26.17 23.75
CA ARG C 529 -3.17 26.56 25.15
C ARG C 529 -3.08 28.08 25.22
N PHE C 530 -2.35 28.64 24.27
CA PHE C 530 -2.22 30.09 24.20
C PHE C 530 -3.57 30.78 23.93
N LEU C 531 -4.26 30.29 22.92
CA LEU C 531 -5.60 30.83 22.55
C LEU C 531 -6.54 30.84 23.74
N LYS C 532 -6.52 29.75 24.49
CA LYS C 532 -7.43 29.61 25.64
C LYS C 532 -7.19 30.67 26.72
N ALA C 533 -5.95 31.13 26.81
CA ALA C 533 -5.51 32.06 27.86
C ALA C 533 -5.62 33.52 27.44
N HIS C 534 -5.94 33.76 26.17
CA HIS C 534 -5.93 35.11 25.61
C HIS C 534 -7.13 35.34 24.74
N TRP C 535 -8.27 35.51 25.40
CA TRP C 535 -9.56 35.61 24.69
C TRP C 535 -9.58 36.62 23.58
N ASN C 536 -9.09 37.82 23.87
N ASN C 536 -9.08 37.82 23.85
CA ASN C 536 -9.05 38.91 22.88
CA ASN C 536 -9.09 38.89 22.82
C ASN C 536 -8.32 38.50 21.60
C ASN C 536 -8.32 38.48 21.57
N PHE C 537 -7.24 37.75 21.77
CA PHE C 537 -6.45 37.24 20.65
C PHE C 537 -7.22 36.14 19.90
N LEU C 538 -7.79 35.21 20.65
CA LEU C 538 -8.60 34.13 20.08
C LEU C 538 -9.75 34.71 19.24
N ARG C 539 -10.48 35.66 19.82
N ARG C 539 -10.48 35.65 19.83
CA ARG C 539 -11.59 36.31 19.11
CA ARG C 539 -11.59 36.33 19.12
C ARG C 539 -11.09 36.94 17.79
C ARG C 539 -11.10 36.94 17.81
N THR C 540 -9.96 37.62 17.87
CA THR C 540 -9.35 38.23 16.66
C THR C 540 -8.95 37.19 15.58
N VAL C 541 -8.36 36.10 16.02
CA VAL C 541 -8.05 34.99 15.10
C VAL C 541 -9.33 34.50 14.38
N ILE C 542 -10.37 34.21 15.15
CA ILE C 542 -11.62 33.67 14.57
C ILE C 542 -12.23 34.63 13.54
N LEU C 543 -12.26 35.90 13.88
CA LEU C 543 -12.82 36.93 12.98
C LEU C 543 -12.01 37.04 11.70
N LYS C 544 -10.69 36.86 11.83
CA LYS C 544 -9.81 36.82 10.66
C LYS C 544 -10.10 35.59 9.80
N LEU C 545 -10.32 34.45 10.45
CA LEU C 545 -10.65 33.23 9.72
C LEU C 545 -11.95 33.43 8.93
N PHE C 546 -12.92 34.10 9.57
CA PHE C 546 -14.21 34.39 8.94
C PHE C 546 -14.00 35.29 7.72
N GLU C 547 -13.12 36.27 7.85
CA GLU C 547 -12.71 37.07 6.67
C GLU C 547 -12.22 36.18 5.53
N PHE C 548 -11.31 35.25 5.86
CA PHE C 548 -10.77 34.31 4.85
C PHE C 548 -11.82 33.40 4.22
N MET C 549 -12.94 33.21 4.91
CA MET C 549 -14.05 32.43 4.34
C MET C 549 -14.68 33.11 3.12
N HIS C 550 -14.32 34.37 2.92
CA HIS C 550 -14.65 35.11 1.68
C HIS C 550 -13.50 35.26 0.72
N GLU C 551 -12.37 34.60 0.98
CA GLU C 551 -11.22 34.68 0.08
C GLU C 551 -11.55 34.10 -1.29
N THR C 552 -11.03 34.74 -2.33
CA THR C 552 -11.10 34.18 -3.69
C THR C 552 -10.02 33.12 -3.88
N HIS C 553 -8.96 33.18 -3.06
CA HIS C 553 -7.99 32.09 -3.03
C HIS C 553 -8.61 30.89 -2.36
N GLU C 554 -8.88 29.87 -3.13
CA GLU C 554 -9.63 28.70 -2.64
C GLU C 554 -8.89 27.87 -1.60
N GLY C 555 -7.56 27.88 -1.69
CA GLY C 555 -6.70 27.16 -0.72
C GLY C 555 -6.73 27.81 0.65
N VAL C 556 -6.57 29.13 0.67
CA VAL C 556 -6.66 29.93 1.92
C VAL C 556 -8.04 29.76 2.56
N GLN C 557 -9.07 29.90 1.74
CA GLN C 557 -10.46 29.77 2.17
C GLN C 557 -10.74 28.42 2.85
N ASP C 558 -10.34 27.34 2.18
CA ASP C 558 -10.52 25.99 2.70
C ASP C 558 -9.74 25.77 4.00
N MET C 559 -8.52 26.27 4.02
CA MET C 559 -7.66 26.16 5.21
C MET C 559 -8.25 26.92 6.40
N ALA C 560 -8.92 28.02 6.10
CA ALA C 560 -9.61 28.83 7.13
C ALA C 560 -10.71 28.03 7.84
N CYS C 561 -11.50 27.32 7.06
CA CYS C 561 -12.52 26.41 7.59
C CYS C 561 -11.93 25.28 8.43
N ASP C 562 -10.87 24.66 7.93
CA ASP C 562 -10.22 23.58 8.69
C ASP C 562 -9.61 24.10 9.99
N THR C 563 -9.00 25.26 9.94
CA THR C 563 -8.34 25.86 11.13
C THR C 563 -9.39 26.27 12.18
N PHE C 564 -10.50 26.79 11.69
CA PHE C 564 -11.64 27.16 12.55
C PHE C 564 -12.06 25.95 13.40
N ILE C 565 -12.33 24.83 12.74
CA ILE C 565 -12.75 23.62 13.47
C ILE C 565 -11.61 23.04 14.33
N LYS C 566 -10.39 23.06 13.81
CA LYS C 566 -9.22 22.61 14.59
C LYS C 566 -9.11 23.39 15.92
N ILE C 567 -9.30 24.70 15.85
CA ILE C 567 -9.26 25.57 17.03
C ILE C 567 -10.44 25.28 17.95
N VAL C 568 -11.62 25.18 17.35
CA VAL C 568 -12.84 24.93 18.10
C VAL C 568 -12.79 23.59 18.86
N GLN C 569 -12.26 22.55 18.22
CA GLN C 569 -12.13 21.24 18.87
C GLN C 569 -11.39 21.33 20.21
N LYS C 570 -10.46 22.26 20.32
CA LYS C 570 -9.66 22.42 21.53
C LYS C 570 -10.13 23.54 22.45
N CYS C 571 -10.72 24.59 21.88
CA CYS C 571 -11.03 25.81 22.62
C CYS C 571 -12.52 26.09 22.83
N LYS C 572 -13.37 25.14 22.46
CA LYS C 572 -14.83 25.34 22.43
C LYS C 572 -15.44 25.97 23.70
N TYR C 573 -14.91 25.62 24.87
CA TYR C 573 -15.42 26.15 26.14
C TYR C 573 -15.46 27.69 26.15
N HIS C 574 -14.46 28.31 25.55
CA HIS C 574 -14.32 29.78 25.49
C HIS C 574 -15.27 30.47 24.55
N PHE C 575 -15.98 29.68 23.76
CA PHE C 575 -17.02 30.15 22.84
C PHE C 575 -18.41 30.07 23.46
N VAL C 576 -18.55 29.19 24.44
CA VAL C 576 -19.86 28.94 25.06
C VAL C 576 -20.12 29.84 26.30
N ILE C 577 -19.05 30.23 27.00
CA ILE C 577 -19.21 31.15 28.14
C ILE C 577 -19.28 32.59 27.64
N GLN C 578 -19.81 33.46 28.48
CA GLN C 578 -19.77 34.90 28.24
C GLN C 578 -18.45 35.43 28.82
N GLN C 579 -17.61 35.95 27.95
CA GLN C 579 -16.28 36.39 28.35
C GLN C 579 -16.37 37.76 28.99
N PRO C 580 -15.43 38.08 29.89
CA PRO C 580 -15.43 39.44 30.43
C PRO C 580 -15.46 40.47 29.29
N ARG C 581 -16.26 41.50 29.47
CA ARG C 581 -16.32 42.63 28.51
C ARG C 581 -17.06 42.35 27.19
N GLU C 582 -17.62 41.15 27.05
CA GLU C 582 -18.53 40.83 25.93
C GLU C 582 -19.97 40.85 26.43
N SER C 583 -20.90 41.17 25.53
CA SER C 583 -22.34 41.21 25.84
C SER C 583 -23.04 39.85 25.70
N GLU C 584 -22.41 38.97 24.94
CA GLU C 584 -22.97 37.62 24.67
C GLU C 584 -21.84 36.60 24.55
N PRO C 585 -22.15 35.32 24.84
CA PRO C 585 -21.23 34.25 24.46
C PRO C 585 -20.93 34.34 22.97
N PHE C 586 -19.70 34.04 22.57
CA PHE C 586 -19.34 34.17 21.15
C PHE C 586 -20.12 33.22 20.24
N ILE C 587 -20.56 32.10 20.78
CA ILE C 587 -21.43 31.20 20.00
C ILE C 587 -22.69 31.92 19.50
N GLN C 588 -23.23 32.84 20.29
CA GLN C 588 -24.44 33.58 19.87
CA GLN C 588 -24.45 33.58 19.88
C GLN C 588 -24.10 34.50 18.69
N THR C 589 -22.95 35.14 18.79
CA THR C 589 -22.46 36.05 17.73
C THR C 589 -22.27 35.31 16.43
N ILE C 590 -21.67 34.14 16.53
CA ILE C 590 -21.43 33.26 15.37
C ILE C 590 -22.74 32.86 14.69
N ILE C 591 -23.65 32.30 15.48
CA ILE C 591 -24.93 31.82 14.95
C ILE C 591 -25.74 32.96 14.32
N ARG C 592 -25.78 34.11 14.98
CA ARG C 592 -26.55 35.28 14.49
C ARG C 592 -26.10 35.70 13.09
N ASP C 593 -24.84 35.50 12.79
CA ASP C 593 -24.27 36.02 11.54
C ASP C 593 -23.82 34.92 10.56
N ILE C 594 -24.34 33.71 10.78
CA ILE C 594 -23.93 32.51 10.04
C ILE C 594 -24.20 32.55 8.51
N GLN C 595 -25.29 33.19 8.12
CA GLN C 595 -25.64 33.33 6.69
C GLN C 595 -24.56 34.17 5.98
N LYS C 596 -24.26 35.34 6.53
CA LYS C 596 -23.18 36.21 6.00
C LYS C 596 -21.82 35.50 5.98
N THR C 597 -21.46 34.85 7.08
CA THR C 597 -20.10 34.30 7.24
C THR C 597 -19.81 33.17 6.25
N THR C 598 -20.83 32.40 5.95
CA THR C 598 -20.69 31.20 5.12
C THR C 598 -21.17 31.38 3.67
N ALA C 599 -21.51 32.61 3.29
CA ALA C 599 -22.15 32.88 1.98
C ALA C 599 -21.32 32.40 0.80
N ASP C 600 -20.00 32.53 0.92
CA ASP C 600 -19.07 32.22 -0.19
C ASP C 600 -18.46 30.83 -0.11
N LEU C 601 -18.87 30.05 0.87
CA LEU C 601 -18.31 28.71 1.07
C LEU C 601 -19.02 27.72 0.17
N GLN C 602 -18.32 26.64 -0.20
CA GLN C 602 -18.95 25.50 -0.85
C GLN C 602 -19.80 24.77 0.20
N PRO C 603 -20.85 24.08 -0.24
CA PRO C 603 -21.71 23.35 0.70
C PRO C 603 -20.94 22.53 1.75
N GLN C 604 -19.94 21.76 1.33
CA GLN C 604 -19.24 20.89 2.29
C GLN C 604 -18.49 21.71 3.36
N GLN C 605 -18.04 22.89 2.98
CA GLN C 605 -17.38 23.80 3.92
C GLN C 605 -18.40 24.42 4.88
N VAL C 606 -19.59 24.73 4.38
CA VAL C 606 -20.71 25.15 5.22
C VAL C 606 -21.00 24.07 6.28
N HIS C 607 -21.01 22.82 5.85
CA HIS C 607 -21.29 21.71 6.79
C HIS C 607 -20.24 21.60 7.87
N THR C 608 -18.97 21.71 7.50
CA THR C 608 -17.87 21.79 8.47
C THR C 608 -18.07 22.93 9.48
N PHE C 609 -18.49 24.09 8.98
CA PHE C 609 -18.75 25.25 9.83
C PHE C 609 -19.85 24.93 10.85
N TYR C 610 -20.95 24.39 10.35
CA TYR C 610 -22.05 23.89 11.21
C TYR C 610 -21.59 22.83 12.21
N LYS C 611 -20.77 21.91 11.75
CA LYS C 611 -20.22 20.88 12.64
C LYS C 611 -19.42 21.52 13.80
N ALA C 612 -18.60 22.51 13.49
CA ALA C 612 -17.82 23.22 14.52
C ALA C 612 -18.77 23.87 15.56
N CYS C 613 -19.86 24.45 15.07
CA CYS C 613 -20.85 25.08 15.95
C CYS C 613 -21.46 24.05 16.91
N GLY C 614 -21.70 22.84 16.42
CA GLY C 614 -22.21 21.75 17.27
C GLY C 614 -21.27 21.35 18.40
N ILE C 615 -19.97 21.38 18.11
CA ILE C 615 -18.94 21.11 19.13
C ILE C 615 -19.11 22.08 20.30
N ILE C 616 -19.25 23.36 19.97
CA ILE C 616 -19.41 24.44 20.96
C ILE C 616 -20.68 24.24 21.79
N ILE C 617 -21.76 23.96 21.08
CA ILE C 617 -23.08 23.88 21.68
C ILE C 617 -23.17 22.71 22.68
N SER C 618 -22.48 21.63 22.36
CA SER C 618 -22.43 20.47 23.25
C SER C 618 -21.63 20.74 24.54
N GLU C 619 -20.89 21.83 24.58
CA GLU C 619 -20.30 22.30 25.85
C GLU C 619 -21.33 22.77 26.87
N GLU C 620 -22.49 23.18 26.40
CA GLU C 620 -23.56 23.67 27.29
C GLU C 620 -24.29 22.46 27.88
N ARG C 621 -24.12 22.25 29.18
CA ARG C 621 -24.69 21.03 29.79
C ARG C 621 -26.11 21.23 30.32
N SER C 622 -26.53 22.47 30.46
CA SER C 622 -27.93 22.73 30.80
C SER C 622 -28.80 22.47 29.56
N VAL C 623 -29.70 21.50 29.67
CA VAL C 623 -30.49 21.00 28.53
CA VAL C 623 -30.50 21.00 28.54
C VAL C 623 -31.35 22.09 27.88
N ALA C 624 -32.01 22.91 28.69
CA ALA C 624 -32.89 23.97 28.17
C ALA C 624 -32.09 24.88 27.26
N GLU C 625 -30.99 25.38 27.81
N GLU C 625 -30.98 25.42 27.77
CA GLU C 625 -30.10 26.33 27.12
CA GLU C 625 -30.17 26.37 26.98
C GLU C 625 -29.42 25.69 25.89
C GLU C 625 -29.42 25.68 25.83
N ARG C 626 -29.03 24.43 26.03
CA ARG C 626 -28.38 23.70 24.93
C ARG C 626 -29.34 23.47 23.76
N ASN C 627 -30.55 23.02 24.07
CA ASN C 627 -31.62 22.80 23.06
C ASN C 627 -31.98 24.09 22.35
N ARG C 628 -31.96 25.18 23.10
CA ARG C 628 -32.20 26.51 22.52
C ARG C 628 -31.10 26.87 21.52
N LEU C 629 -29.85 26.68 21.93
CA LEU C 629 -28.73 26.93 21.03
C LEU C 629 -28.83 26.07 19.77
N LEU C 630 -29.13 24.79 19.94
CA LEU C 630 -29.31 23.88 18.80
C LEU C 630 -30.39 24.37 17.82
N SER C 631 -31.52 24.76 18.38
CA SER C 631 -32.64 25.32 17.62
C SER C 631 -32.21 26.56 16.81
N ASP C 632 -31.49 27.45 17.46
CA ASP C 632 -30.95 28.67 16.81
C ASP C 632 -29.99 28.31 15.67
N LEU C 633 -29.09 27.37 15.94
CA LEU C 633 -28.12 26.93 14.93
C LEU C 633 -28.83 26.38 13.69
N MET C 634 -29.86 25.57 13.89
CA MET C 634 -30.53 24.89 12.79
C MET C 634 -31.63 25.74 12.15
N GLN C 635 -31.66 27.03 12.47
CA GLN C 635 -32.78 27.88 12.04
C GLN C 635 -32.89 27.93 10.51
N LEU C 636 -31.78 28.26 9.86
CA LEU C 636 -31.75 28.36 8.39
C LEU C 636 -32.12 27.04 7.68
N PRO C 637 -31.44 25.92 8.02
CA PRO C 637 -31.86 24.66 7.40
C PRO C 637 -33.29 24.22 7.76
N ASN C 638 -33.73 24.51 8.98
CA ASN C 638 -35.11 24.18 9.40
C ASN C 638 -36.18 24.99 8.67
N MET C 639 -35.86 26.24 8.36
CA MET C 639 -36.78 27.11 7.61
C MET C 639 -36.87 26.68 6.14
N ALA C 640 -35.73 26.38 5.53
CA ALA C 640 -35.69 25.79 4.18
C ALA C 640 -36.42 24.44 4.13
N TRP C 641 -36.22 23.64 5.15
CA TRP C 641 -36.89 22.35 5.26
C TRP C 641 -38.39 22.52 5.26
N ASP C 642 -38.88 23.35 6.16
CA ASP C 642 -40.33 23.56 6.32
C ASP C 642 -41.01 23.93 5.00
N THR C 643 -40.34 24.78 4.23
CA THR C 643 -40.94 25.24 2.96
C THR C 643 -40.94 24.10 1.92
N ILE C 644 -39.91 23.27 1.93
CA ILE C 644 -39.87 22.06 1.06
C ILE C 644 -40.91 21.00 1.44
N VAL C 645 -41.13 20.83 2.74
CA VAL C 645 -42.18 19.91 3.23
C VAL C 645 -43.59 20.36 2.79
N GLU C 646 -43.77 21.66 2.57
CA GLU C 646 -45.05 22.17 2.03
C GLU C 646 -45.17 21.85 0.55
N GLN C 647 -44.10 22.10 -0.17
CA GLN C 647 -44.04 21.84 -1.62
C GLN C 647 -44.04 20.34 -1.98
N SER C 648 -43.82 19.49 -0.97
CA SER C 648 -44.00 18.04 -1.14
C SER C 648 -45.40 17.63 -0.70
N THR C 649 -45.78 18.07 0.49
CA THR C 649 -47.16 17.90 1.00
C THR C 649 -48.23 18.23 -0.06
N ALA C 650 -47.94 19.21 -0.91
CA ALA C 650 -48.78 19.56 -2.08
C ALA C 650 -48.08 19.18 -3.38
N ASN C 651 -48.10 17.89 -3.69
CA ASN C 651 -47.41 17.33 -4.87
C ASN C 651 -46.93 15.90 -4.65
N PRO C 652 -45.87 15.52 -5.34
CA PRO C 652 -45.29 14.17 -5.18
C PRO C 652 -45.50 13.26 -6.37
N LEU C 654 -44.59 17.43 -8.69
CA LEU C 654 -44.39 15.99 -8.62
C LEU C 654 -42.94 15.60 -8.43
N LEU C 655 -42.29 15.26 -9.53
CA LEU C 655 -40.85 14.90 -9.56
C LEU C 655 -40.02 16.16 -9.27
N LEU C 656 -39.28 16.10 -8.18
CA LEU C 656 -38.50 17.23 -7.68
C LEU C 656 -37.49 17.66 -8.73
N ASP C 657 -37.39 18.95 -9.00
CA ASP C 657 -36.36 19.43 -9.94
C ASP C 657 -34.98 19.34 -9.30
N SER C 658 -33.95 19.41 -10.13
CA SER C 658 -32.58 19.19 -9.63
C SER C 658 -32.16 20.21 -8.57
N GLU C 659 -32.63 21.44 -8.69
N GLU C 659 -32.63 21.44 -8.72
CA GLU C 659 -32.29 22.50 -7.72
CA GLU C 659 -32.35 22.53 -7.76
C GLU C 659 -32.84 22.16 -6.33
C GLU C 659 -32.85 22.15 -6.36
N THR C 660 -34.09 21.69 -6.31
CA THR C 660 -34.74 21.27 -5.04
C THR C 660 -34.06 20.03 -4.43
N VAL C 661 -33.69 19.11 -5.30
CA VAL C 661 -32.97 17.89 -4.86
C VAL C 661 -31.66 18.25 -4.17
N LYS C 662 -30.95 19.21 -4.74
CA LYS C 662 -29.69 19.67 -4.15
C LYS C 662 -29.88 20.33 -2.80
N ILE C 663 -30.86 21.22 -2.75
CA ILE C 663 -31.27 21.89 -1.49
C ILE C 663 -31.59 20.89 -0.39
N ILE C 664 -32.39 19.89 -0.72
CA ILE C 664 -32.78 18.85 0.24
C ILE C 664 -31.55 18.08 0.74
N ALA C 665 -30.69 17.67 -0.18
CA ALA C 665 -29.48 16.92 0.15
C ALA C 665 -28.60 17.75 1.09
N ASN C 666 -28.48 19.03 0.80
CA ASN C 666 -27.64 19.90 1.62
C ASN C 666 -28.22 20.15 3.02
N ILE C 667 -29.55 20.22 3.10
CA ILE C 667 -30.22 20.33 4.41
C ILE C 667 -29.88 19.12 5.28
N ILE C 668 -30.02 17.93 4.70
CA ILE C 668 -29.79 16.68 5.42
CA ILE C 668 -29.79 16.68 5.42
C ILE C 668 -28.31 16.56 5.79
N LYS C 669 -27.45 16.94 4.86
CA LYS C 669 -25.98 16.91 5.11
C LYS C 669 -25.60 17.82 6.28
N THR C 670 -26.29 18.94 6.39
CA THR C 670 -26.08 19.90 7.49
C THR C 670 -26.47 19.27 8.83
N ASN C 671 -27.64 18.65 8.85
CA ASN C 671 -28.08 17.81 9.99
C ASN C 671 -27.04 16.71 10.34
N VAL C 672 -26.54 16.00 9.32
CA VAL C 672 -25.51 14.96 9.55
C VAL C 672 -24.30 15.57 10.26
N ALA C 673 -23.85 16.73 9.76
CA ALA C 673 -22.64 17.39 10.24
C ALA C 673 -22.81 17.76 11.73
N VAL C 674 -23.93 18.37 12.06
CA VAL C 674 -24.20 18.78 13.44
C VAL C 674 -24.39 17.57 14.36
N CYS C 675 -25.02 16.52 13.84
CA CYS C 675 -25.25 15.29 14.60
C CYS C 675 -23.92 14.60 14.95
N THR C 676 -23.00 14.68 14.00
CA THR C 676 -21.65 14.12 14.14
C THR C 676 -20.92 14.68 15.36
N SER C 677 -20.99 15.99 15.57
CA SER C 677 -20.33 16.62 16.74
C SER C 677 -21.17 16.62 18.04
N MET C 678 -22.49 16.65 17.92
CA MET C 678 -23.37 16.69 19.11
C MET C 678 -23.80 15.31 19.63
N GLY C 679 -23.79 14.30 18.78
CA GLY C 679 -24.16 12.96 19.20
C GLY C 679 -25.51 12.86 19.88
N ALA C 680 -25.51 12.33 21.09
CA ALA C 680 -26.76 12.15 21.87
C ALA C 680 -27.54 13.46 22.06
N ASP C 681 -26.82 14.57 22.11
CA ASP C 681 -27.45 15.92 22.28
C ASP C 681 -28.29 16.34 21.08
N PHE C 682 -28.06 15.71 19.93
CA PHE C 682 -28.76 16.05 18.68
C PHE C 682 -30.24 15.68 18.66
N TYR C 683 -30.67 14.82 19.56
CA TYR C 683 -32.03 14.24 19.51
C TYR C 683 -33.20 15.21 19.22
N PRO C 684 -33.31 16.34 19.95
CA PRO C 684 -34.43 17.23 19.72
C PRO C 684 -34.56 17.72 18.25
N GLN C 685 -33.43 17.94 17.61
CA GLN C 685 -33.40 18.35 16.19
C GLN C 685 -33.82 17.19 15.26
N LEU C 686 -33.32 16.00 15.55
CA LEU C 686 -33.71 14.79 14.81
C LEU C 686 -35.22 14.58 14.92
N GLY C 687 -35.72 14.68 16.14
CA GLY C 687 -37.16 14.52 16.39
C GLY C 687 -37.99 15.56 15.66
N HIS C 688 -37.42 16.75 15.53
CA HIS C 688 -38.10 17.83 14.82
C HIS C 688 -38.37 17.53 13.36
N ILE C 689 -37.44 16.85 12.69
CA ILE C 689 -37.60 16.62 11.25
C ILE C 689 -38.03 15.19 10.90
N TYR C 690 -38.06 14.31 11.90
CA TYR C 690 -38.01 12.86 11.66
C TYR C 690 -39.16 12.30 10.82
N TYR C 691 -40.38 12.63 11.24
CA TYR C 691 -41.58 12.14 10.58
C TYR C 691 -41.57 12.55 9.12
N ASN C 692 -41.41 13.85 8.88
CA ASN C 692 -41.39 14.39 7.51
C ASN C 692 -40.19 13.87 6.71
N MET C 693 -39.08 13.63 7.41
CA MET C 693 -37.89 13.11 6.74
C MET C 693 -38.13 11.70 6.18
N LEU C 694 -38.80 10.84 6.95
CA LEU C 694 -39.13 9.48 6.50
C LEU C 694 -40.21 9.47 5.41
N GLN C 695 -41.17 10.38 5.51
CA GLN C 695 -42.11 10.62 4.43
C GLN C 695 -41.36 11.01 3.16
N LEU C 696 -40.39 11.90 3.30
CA LEU C 696 -39.58 12.33 2.13
C LEU C 696 -38.77 11.15 1.53
N TYR C 697 -38.20 10.33 2.40
CA TYR C 697 -37.53 9.07 1.99
C TYR C 697 -38.46 8.23 1.08
N ARG C 698 -39.70 8.03 1.50
CA ARG C 698 -40.67 7.27 0.70
C ARG C 698 -40.99 7.97 -0.63
N ALA C 699 -41.23 9.27 -0.59
CA ALA C 699 -41.52 10.03 -1.83
C ALA C 699 -40.36 9.91 -2.84
N VAL C 700 -39.14 10.14 -2.38
CA VAL C 700 -37.95 10.04 -3.25
CA VAL C 700 -37.98 10.05 -3.30
C VAL C 700 -37.78 8.60 -3.77
N SER C 701 -38.06 7.64 -2.90
CA SER C 701 -38.04 6.22 -3.30
C SER C 701 -38.99 5.94 -4.48
N SER C 702 -40.22 6.42 -4.38
CA SER C 702 -41.18 6.28 -5.48
C SER C 702 -40.69 6.98 -6.74
N MET C 703 -40.06 8.13 -6.59
CA MET C 703 -39.49 8.84 -7.76
C MET C 703 -38.43 8.00 -8.46
N ILE C 704 -37.52 7.42 -7.67
CA ILE C 704 -36.43 6.57 -8.22
C ILE C 704 -37.01 5.36 -8.98
N SER C 705 -37.91 4.65 -8.32
CA SER C 705 -38.59 3.50 -8.93
C SER C 705 -39.29 3.86 -10.21
N ALA C 706 -40.05 4.95 -10.19
CA ALA C 706 -40.77 5.41 -11.38
C ALA C 706 -39.81 5.74 -12.54
N GLN C 707 -38.68 6.32 -12.19
CA GLN C 707 -37.66 6.64 -13.18
C GLN C 707 -37.05 5.38 -13.82
N VAL C 708 -36.70 4.40 -12.99
CA VAL C 708 -36.15 3.12 -13.51
C VAL C 708 -37.19 2.44 -14.40
N ALA C 709 -38.45 2.51 -14.00
CA ALA C 709 -39.55 1.89 -14.80
C ALA C 709 -39.70 2.55 -16.18
N ALA C 710 -39.57 3.87 -16.22
CA ALA C 710 -39.78 4.63 -17.46
C ALA C 710 -38.56 4.68 -18.37
N GLU C 711 -37.36 4.65 -17.79
CA GLU C 711 -36.12 4.88 -18.55
C GLU C 711 -35.18 3.69 -18.65
N GLY C 712 -35.43 2.67 -17.83
CA GLY C 712 -34.51 1.53 -17.69
C GLY C 712 -33.49 1.67 -16.57
N LEU C 713 -32.66 0.64 -16.41
CA LEU C 713 -31.55 0.63 -15.41
C LEU C 713 -30.61 1.80 -15.58
N ILE C 714 -30.47 2.25 -16.81
CA ILE C 714 -29.60 3.40 -17.15
C ILE C 714 -30.01 4.66 -16.36
N ALA C 715 -31.28 4.75 -16.00
CA ALA C 715 -31.78 5.84 -15.14
C ALA C 715 -30.92 6.04 -13.88
N THR C 716 -30.42 4.93 -13.32
CA THR C 716 -29.61 4.97 -12.08
C THR C 716 -28.27 5.72 -12.24
N LYS C 717 -27.86 5.93 -13.48
CA LYS C 717 -26.63 6.68 -13.80
C LYS C 717 -26.87 8.18 -13.96
N THR C 718 -28.12 8.56 -14.10
CA THR C 718 -28.46 9.94 -14.41
C THR C 718 -28.19 10.83 -13.19
N PRO C 719 -27.81 12.10 -13.42
CA PRO C 719 -27.70 13.06 -12.33
C PRO C 719 -28.97 13.17 -11.47
N LYS C 720 -30.14 13.15 -12.08
CA LYS C 720 -31.39 13.17 -11.28
C LYS C 720 -31.52 11.99 -10.31
N VAL C 721 -31.44 10.77 -10.81
CA VAL C 721 -31.56 9.58 -9.93
C VAL C 721 -30.43 9.52 -8.87
N ARG C 722 -29.20 9.80 -9.28
CA ARG C 722 -28.08 9.88 -8.33
C ARG C 722 -28.35 10.92 -7.23
N GLY C 723 -28.91 12.06 -7.62
CA GLY C 723 -29.30 13.11 -6.66
C GLY C 723 -30.38 12.64 -5.67
N LEU C 724 -31.38 11.95 -6.18
CA LEU C 724 -32.45 11.37 -5.33
C LEU C 724 -31.90 10.31 -4.36
N ARG C 725 -30.98 9.49 -4.84
CA ARG C 725 -30.37 8.47 -3.98
C ARG C 725 -29.46 9.07 -2.90
N THR C 726 -28.80 10.17 -3.24
CA THR C 726 -28.04 10.95 -2.26
C THR C 726 -28.95 11.35 -1.08
N ILE C 727 -30.18 11.77 -1.38
CA ILE C 727 -31.14 12.11 -0.30
C ILE C 727 -31.36 10.91 0.61
N LYS C 728 -31.64 9.76 -0.01
CA LYS C 728 -31.83 8.52 0.73
C LYS C 728 -30.59 8.13 1.55
N LYS C 729 -29.42 8.18 0.91
CA LYS C 729 -28.17 7.83 1.60
C LYS C 729 -27.88 8.75 2.80
N GLU C 730 -28.12 10.04 2.63
CA GLU C 730 -27.86 11.01 3.72
C GLU C 730 -28.85 10.87 4.88
N ILE C 731 -30.11 10.60 4.54
CA ILE C 731 -31.12 10.24 5.55
C ILE C 731 -30.66 9.02 6.36
N LEU C 732 -30.22 7.98 5.67
CA LEU C 732 -29.72 6.77 6.32
C LEU C 732 -28.50 7.10 7.19
N LYS C 733 -27.61 7.92 6.64
CA LYS C 733 -26.39 8.32 7.37
C LYS C 733 -26.75 9.11 8.63
N LEU C 734 -27.74 9.99 8.52
CA LEU C 734 -28.18 10.79 9.68
C LEU C 734 -28.70 9.90 10.81
N VAL C 735 -29.55 8.95 10.44
CA VAL C 735 -30.15 8.03 11.42
C VAL C 735 -29.07 7.14 12.05
N GLU C 736 -28.18 6.61 11.22
CA GLU C 736 -27.08 5.77 11.68
C GLU C 736 -26.17 6.54 12.62
N THR C 737 -25.85 7.77 12.25
CA THR C 737 -24.95 8.64 13.04
C THR C 737 -25.53 8.88 14.43
N TYR C 738 -26.80 9.30 14.46
CA TYR C 738 -27.50 9.49 15.73
C TYR C 738 -27.55 8.20 16.57
N ILE C 739 -28.08 7.12 16.00
CA ILE C 739 -28.23 5.87 16.75
C ILE C 739 -26.88 5.36 17.28
N SER C 740 -25.82 5.54 16.49
CA SER C 740 -24.49 5.08 16.92
C SER C 740 -24.03 5.79 18.19
N LYS C 741 -24.55 6.99 18.43
CA LYS C 741 -24.12 7.81 19.58
C LYS C 741 -25.22 7.98 20.65
N ALA C 742 -26.40 7.42 20.40
CA ALA C 742 -27.55 7.64 21.28
C ALA C 742 -27.31 7.12 22.68
N ARG C 743 -27.77 7.86 23.67
CA ARG C 743 -27.71 7.40 25.06
C ARG C 743 -29.07 6.96 25.56
N ASN C 744 -30.13 7.55 25.01
CA ASN C 744 -31.50 7.11 25.32
C ASN C 744 -32.01 6.08 24.32
N LEU C 745 -31.75 4.82 24.63
CA LEU C 745 -32.07 3.69 23.77
C LEU C 745 -33.56 3.37 23.78
N ASP C 746 -34.23 3.72 24.87
CA ASP C 746 -35.70 3.55 24.94
C ASP C 746 -36.41 4.35 23.84
N ASP C 747 -35.99 5.61 23.66
CA ASP C 747 -36.54 6.48 22.60
C ASP C 747 -36.18 5.96 21.20
N VAL C 748 -34.94 5.50 21.05
CA VAL C 748 -34.50 4.89 19.79
C VAL C 748 -35.50 3.79 19.38
N VAL C 749 -35.74 2.86 20.28
CA VAL C 749 -36.67 1.75 20.05
C VAL C 749 -38.15 2.20 19.87
N LYS C 750 -38.64 3.01 20.79
CA LYS C 750 -40.07 3.43 20.83
CA LYS C 750 -40.07 3.38 20.81
C LYS C 750 -40.44 4.43 19.76
N VAL C 751 -39.51 5.32 19.42
CA VAL C 751 -39.77 6.45 18.50
C VAL C 751 -39.14 6.31 17.11
N LEU C 752 -37.89 5.88 17.06
CA LEU C 752 -37.13 5.88 15.80
C LEU C 752 -37.25 4.58 14.98
N VAL C 753 -37.21 3.43 15.64
CA VAL C 753 -37.00 2.15 14.93
C VAL C 753 -38.16 1.70 14.02
N GLU C 754 -39.39 1.69 14.53
CA GLU C 754 -40.55 1.20 13.75
CA GLU C 754 -40.55 1.21 13.74
C GLU C 754 -40.76 2.04 12.47
N PRO C 755 -40.81 3.37 12.61
CA PRO C 755 -40.92 4.15 11.36
C PRO C 755 -39.74 3.95 10.38
N LEU C 756 -38.52 3.86 10.89
CA LEU C 756 -37.34 3.58 10.04
C LEU C 756 -37.51 2.28 9.25
N LEU C 757 -37.80 1.19 9.94
CA LEU C 757 -37.93 -0.13 9.31
C LEU C 757 -39.05 -0.12 8.26
N ASN C 758 -40.20 0.41 8.68
CA ASN C 758 -41.35 0.63 7.80
C ASN C 758 -40.98 1.38 6.50
N ALA C 759 -40.18 2.44 6.66
CA ALA C 759 -39.77 3.25 5.50
C ALA C 759 -38.70 2.62 4.62
N VAL C 760 -37.81 1.80 5.17
CA VAL C 760 -36.60 1.40 4.42
C VAL C 760 -36.57 -0.03 3.89
N LEU C 761 -37.17 -0.96 4.65
CA LEU C 761 -36.97 -2.39 4.42
C LEU C 761 -37.68 -2.93 3.17
N GLU C 762 -38.98 -2.69 3.08
CA GLU C 762 -39.77 -3.15 1.94
C GLU C 762 -39.26 -2.49 0.64
N ASP C 763 -38.94 -1.21 0.74
CA ASP C 763 -38.37 -0.46 -0.38
C ASP C 763 -37.06 -1.08 -0.90
N TYR C 764 -36.18 -1.50 -0.01
CA TYR C 764 -34.94 -2.21 -0.39
C TYR C 764 -35.28 -3.56 -1.05
N MET C 765 -36.07 -4.37 -0.35
CA MET C 765 -36.49 -5.70 -0.83
C MET C 765 -37.12 -5.66 -2.23
N ASN C 766 -38.01 -4.68 -2.44
CA ASN C 766 -38.84 -4.65 -3.66
C ASN C 766 -38.32 -3.80 -4.83
N ASN C 767 -37.13 -3.23 -4.69
CA ASN C 767 -36.43 -2.53 -5.78
C ASN C 767 -35.60 -3.56 -6.54
N VAL C 768 -35.35 -3.29 -7.82
CA VAL C 768 -34.39 -4.09 -8.58
C VAL C 768 -32.99 -3.91 -7.94
N PRO C 769 -32.13 -4.93 -8.10
CA PRO C 769 -30.77 -4.91 -7.54
C PRO C 769 -29.99 -3.63 -7.69
N ASP C 770 -29.96 -3.07 -8.89
CA ASP C 770 -29.19 -1.83 -9.18
C ASP C 770 -29.74 -0.56 -8.52
N ALA C 771 -30.94 -0.65 -7.98
CA ALA C 771 -31.55 0.50 -7.27
C ALA C 771 -31.46 0.39 -5.76
N ARG C 772 -30.94 -0.74 -5.27
CA ARG C 772 -30.79 -0.97 -3.82
C ARG C 772 -29.58 -0.25 -3.23
N ASP C 773 -29.78 0.49 -2.15
CA ASP C 773 -28.68 1.21 -1.48
C ASP C 773 -28.02 0.31 -0.43
N ALA C 774 -26.72 0.06 -0.59
CA ALA C 774 -25.94 -0.70 0.42
C ALA C 774 -25.98 -0.01 1.79
N GLU C 775 -26.19 1.29 1.78
CA GLU C 775 -26.29 2.10 3.00
C GLU C 775 -27.46 1.66 3.93
N VAL C 776 -28.49 1.04 3.35
CA VAL C 776 -29.58 0.45 4.15
C VAL C 776 -28.99 -0.62 5.08
N LEU C 777 -28.13 -1.46 4.52
CA LEU C 777 -27.48 -2.55 5.28
C LEU C 777 -26.63 -1.95 6.39
N ASN C 778 -25.87 -0.91 6.06
CA ASN C 778 -25.01 -0.23 7.03
C ASN C 778 -25.81 0.40 8.16
N CYS C 779 -26.91 1.05 7.81
CA CYS C 779 -27.81 1.59 8.85
C CYS C 779 -28.37 0.49 9.77
N MET C 780 -28.84 -0.59 9.17
CA MET C 780 -29.36 -1.74 9.96
C MET C 780 -28.32 -2.37 10.89
N THR C 781 -27.06 -2.41 10.47
CA THR C 781 -25.99 -2.93 11.32
C THR C 781 -25.89 -2.13 12.64
N THR C 782 -25.90 -0.82 12.54
CA THR C 782 -25.88 0.05 13.76
C THR C 782 -27.14 -0.13 14.60
N VAL C 783 -28.29 -0.22 13.94
CA VAL C 783 -29.54 -0.49 14.65
C VAL C 783 -29.43 -1.78 15.50
N VAL C 784 -28.95 -2.85 14.87
CA VAL C 784 -28.84 -4.16 15.55
C VAL C 784 -27.78 -4.07 16.65
N GLU C 785 -26.67 -3.44 16.34
CA GLU C 785 -25.57 -3.26 17.31
C GLU C 785 -26.04 -2.54 18.59
N LYS C 786 -26.78 -1.47 18.41
CA LYS C 786 -27.17 -0.61 19.55
C LYS C 786 -28.42 -1.08 20.26
N VAL C 787 -29.43 -1.51 19.51
CA VAL C 787 -30.72 -1.87 20.14
C VAL C 787 -31.27 -3.25 19.78
N GLY C 788 -30.48 -4.05 19.10
CA GLY C 788 -30.91 -5.37 18.64
C GLY C 788 -31.49 -6.25 19.75
N HIS C 789 -30.83 -6.25 20.89
CA HIS C 789 -31.31 -6.99 22.08
C HIS C 789 -32.72 -6.62 22.49
N MET C 790 -33.15 -5.40 22.17
CA MET C 790 -34.49 -4.88 22.55
C MET C 790 -35.57 -5.04 21.46
N ILE C 791 -35.15 -5.38 20.25
CA ILE C 791 -36.08 -5.50 19.08
C ILE C 791 -36.01 -6.87 18.36
N PRO C 792 -36.24 -7.98 19.08
CA PRO C 792 -36.10 -9.29 18.44
C PRO C 792 -36.97 -9.47 17.18
N GLN C 793 -38.18 -8.96 17.21
CA GLN C 793 -39.06 -9.05 16.03
C GLN C 793 -38.56 -8.13 14.91
N GLY C 794 -38.05 -6.97 15.30
CA GLY C 794 -37.42 -6.05 14.36
C GLY C 794 -36.26 -6.67 13.58
N VAL C 795 -35.42 -7.42 14.29
CA VAL C 795 -34.26 -8.07 13.69
C VAL C 795 -34.72 -9.13 12.70
N ILE C 796 -35.78 -9.83 13.06
CA ILE C 796 -36.35 -10.85 12.19
C ILE C 796 -36.81 -10.19 10.88
N LEU C 797 -37.49 -9.06 11.02
CA LEU C 797 -37.98 -8.33 9.86
C LEU C 797 -36.84 -7.86 8.93
N ILE C 798 -35.74 -7.42 9.54
CA ILE C 798 -34.56 -6.99 8.79
C ILE C 798 -34.01 -8.15 7.97
N LEU C 799 -33.80 -9.29 8.63
CA LEU C 799 -33.34 -10.50 7.93
C LEU C 799 -34.26 -10.92 6.76
N GLN C 800 -35.56 -10.96 7.01
CA GLN C 800 -36.55 -11.34 5.98
C GLN C 800 -36.47 -10.40 4.78
N SER C 801 -36.24 -9.13 5.08
CA SER C 801 -36.26 -8.11 4.05
C SER C 801 -34.98 -8.06 3.18
N VAL C 802 -33.83 -8.38 3.75
CA VAL C 802 -32.55 -8.11 3.07
C VAL C 802 -31.68 -9.34 2.84
N PHE C 803 -31.98 -10.44 3.54
CA PHE C 803 -31.06 -11.59 3.57
C PHE C 803 -30.99 -12.30 2.21
N GLU C 804 -32.11 -12.89 1.82
CA GLU C 804 -32.12 -13.69 0.59
C GLU C 804 -31.86 -12.84 -0.67
N CYS C 805 -32.47 -11.67 -0.75
CA CYS C 805 -32.30 -10.84 -1.96
C CYS C 805 -30.85 -10.33 -2.07
N THR C 806 -30.24 -9.95 -0.96
CA THR C 806 -28.85 -9.48 -1.01
C THR C 806 -27.92 -10.65 -1.35
N LEU C 807 -28.14 -11.80 -0.74
CA LEU C 807 -27.34 -12.99 -1.04
C LEU C 807 -27.34 -13.28 -2.55
N ASP C 808 -28.52 -13.22 -3.16
CA ASP C 808 -28.64 -13.48 -4.60
C ASP C 808 -27.88 -12.48 -5.51
N MET C 809 -27.71 -11.25 -5.02
CA MET C 809 -26.89 -10.24 -5.72
C MET C 809 -25.40 -10.57 -5.75
N ILE C 810 -24.93 -11.20 -4.67
CA ILE C 810 -23.48 -11.36 -4.41
C ILE C 810 -22.95 -12.80 -4.56
N ASN C 811 -23.82 -13.73 -4.91
CA ASN C 811 -23.41 -15.16 -4.92
C ASN C 811 -23.17 -15.76 -6.33
N LYS C 812 -23.01 -14.89 -7.31
CA LYS C 812 -22.72 -15.28 -8.69
C LYS C 812 -21.22 -15.14 -9.01
N ASP C 813 -20.60 -14.16 -8.39
CA ASP C 813 -19.14 -13.98 -8.49
C ASP C 813 -18.62 -13.24 -7.26
N PHE C 814 -17.34 -12.92 -7.24
CA PHE C 814 -16.73 -12.29 -6.05
C PHE C 814 -16.64 -10.76 -6.09
N THR C 815 -17.06 -10.19 -7.20
CA THR C 815 -16.77 -8.77 -7.52
C THR C 815 -17.99 -7.85 -7.65
N GLU C 816 -19.09 -8.36 -8.19
CA GLU C 816 -20.27 -7.51 -8.39
C GLU C 816 -20.85 -7.02 -7.03
N TYR C 817 -21.39 -5.81 -7.03
CA TYR C 817 -21.96 -5.17 -5.83
C TYR C 817 -21.02 -5.19 -4.61
N PRO C 818 -19.79 -4.65 -4.76
CA PRO C 818 -18.76 -4.74 -3.72
C PRO C 818 -19.16 -4.16 -2.36
N GLU C 819 -19.90 -3.06 -2.37
CA GLU C 819 -20.35 -2.43 -1.12
C GLU C 819 -21.42 -3.28 -0.42
N HIS C 820 -22.35 -3.80 -1.20
CA HIS C 820 -23.42 -4.66 -0.67
C HIS C 820 -22.82 -5.86 0.00
N ARG C 821 -21.85 -6.44 -0.68
CA ARG C 821 -21.06 -7.59 -0.22
C ARG C 821 -20.47 -7.34 1.17
N VAL C 822 -19.72 -6.25 1.29
CA VAL C 822 -19.08 -5.91 2.55
C VAL C 822 -20.09 -5.59 3.66
N GLU C 823 -21.08 -4.76 3.36
CA GLU C 823 -22.10 -4.43 4.39
C GLU C 823 -22.96 -5.65 4.79
N PHE C 824 -23.26 -6.48 3.80
CA PHE C 824 -24.06 -7.71 4.04
C PHE C 824 -23.44 -8.54 5.18
N TYR C 825 -22.14 -8.76 5.10
CA TYR C 825 -21.47 -9.64 6.09
C TYR C 825 -21.24 -8.97 7.43
N LYS C 826 -21.08 -7.65 7.43
CA LYS C 826 -21.10 -6.89 8.70
C LYS C 826 -22.45 -7.03 9.41
N LEU C 827 -23.53 -7.03 8.64
CA LEU C 827 -24.89 -7.14 9.20
C LEU C 827 -25.12 -8.52 9.80
N LEU C 828 -24.83 -9.56 9.02
CA LEU C 828 -24.94 -10.94 9.51
C LEU C 828 -24.07 -11.14 10.75
N LYS C 829 -22.87 -10.56 10.76
CA LYS C 829 -21.97 -10.66 11.94
C LYS C 829 -22.61 -10.14 13.22
N VAL C 830 -23.21 -8.96 13.15
CA VAL C 830 -23.77 -8.32 14.35
C VAL C 830 -25.06 -9.05 14.75
N ILE C 831 -25.85 -9.49 13.78
CA ILE C 831 -27.07 -10.28 14.08
C ILE C 831 -26.73 -11.58 14.79
N ASN C 832 -25.70 -12.26 14.29
CA ASN C 832 -25.22 -13.52 14.87
C ASN C 832 -24.69 -13.31 16.31
N GLU C 833 -24.00 -12.18 16.49
CA GLU C 833 -23.46 -11.75 17.81
CA GLU C 833 -23.47 -11.79 17.82
C GLU C 833 -24.55 -11.34 18.79
N LYS C 834 -25.43 -10.45 18.35
CA LYS C 834 -26.41 -9.82 19.27
C LYS C 834 -27.81 -10.44 19.31
N SER C 835 -28.25 -11.06 18.23
CA SER C 835 -29.63 -11.57 18.13
CA SER C 835 -29.62 -11.56 18.12
C SER C 835 -29.68 -12.92 17.46
N PHE C 836 -28.87 -13.83 17.95
CA PHE C 836 -28.78 -15.18 17.37
C PHE C 836 -30.15 -15.82 17.19
N ALA C 837 -31.07 -15.54 18.10
CA ALA C 837 -32.45 -16.03 18.03
C ALA C 837 -33.09 -15.77 16.67
N ALA C 838 -32.76 -14.63 16.06
CA ALA C 838 -33.22 -14.35 14.68
C ALA C 838 -32.91 -15.49 13.69
N PHE C 839 -31.73 -16.09 13.80
CA PHE C 839 -31.36 -17.20 12.91
C PHE C 839 -32.05 -18.52 13.29
N LEU C 840 -32.25 -18.74 14.58
CA LEU C 840 -33.03 -19.90 15.08
C LEU C 840 -34.45 -19.90 14.52
N GLU C 841 -34.98 -18.72 14.26
CA GLU C 841 -36.36 -18.56 13.75
C GLU C 841 -36.48 -18.80 12.25
N LEU C 842 -35.36 -18.71 11.54
CA LEU C 842 -35.39 -18.91 10.08
C LEU C 842 -35.93 -20.31 9.74
N PRO C 843 -36.66 -20.42 8.62
CA PRO C 843 -36.96 -21.75 8.12
C PRO C 843 -35.66 -22.46 7.72
N PRO C 844 -35.62 -23.81 7.85
CA PRO C 844 -34.46 -24.65 7.55
C PRO C 844 -33.80 -24.38 6.20
N ALA C 845 -34.61 -24.10 5.19
CA ALA C 845 -34.09 -23.79 3.85
C ALA C 845 -33.27 -22.49 3.91
N ALA C 846 -33.77 -21.52 4.68
CA ALA C 846 -33.07 -20.23 4.82
C ALA C 846 -31.84 -20.36 5.70
N PHE C 847 -31.94 -21.18 6.73
CA PHE C 847 -30.77 -21.42 7.58
C PHE C 847 -29.62 -22.07 6.77
N LYS C 848 -30.00 -22.92 5.82
CA LYS C 848 -29.03 -23.54 4.89
C LYS C 848 -28.34 -22.49 4.01
N LEU C 849 -29.12 -21.53 3.51
CA LEU C 849 -28.55 -20.40 2.74
C LEU C 849 -27.58 -19.59 3.59
N PHE C 850 -27.90 -19.46 4.87
CA PHE C 850 -27.03 -18.78 5.84
C PHE C 850 -25.68 -19.49 5.94
N VAL C 851 -25.71 -20.81 6.13
CA VAL C 851 -24.46 -21.60 6.17
C VAL C 851 -23.69 -21.43 4.85
N ASP C 852 -24.40 -21.57 3.74
CA ASP C 852 -23.80 -21.34 2.40
C ASP C 852 -23.16 -19.94 2.30
N ALA C 853 -23.88 -18.94 2.78
CA ALA C 853 -23.40 -17.54 2.74
C ALA C 853 -22.07 -17.38 3.51
N ILE C 854 -21.99 -18.01 4.67
CA ILE C 854 -20.78 -17.96 5.51
C ILE C 854 -19.57 -18.60 4.80
N CYS C 855 -19.79 -19.74 4.18
CA CYS C 855 -18.72 -20.46 3.47
C CYS C 855 -18.29 -19.72 2.22
N TRP C 856 -19.24 -19.04 1.59
CA TRP C 856 -18.99 -18.19 0.45
C TRP C 856 -18.09 -17.05 0.84
N ALA C 857 -18.35 -16.47 2.01
CA ALA C 857 -17.49 -15.43 2.54
C ALA C 857 -16.05 -15.93 2.67
N PHE C 858 -15.87 -17.14 3.19
CA PHE C 858 -14.57 -17.77 3.34
C PHE C 858 -13.74 -17.66 2.10
N LYS C 859 -14.40 -17.82 0.96
CA LYS C 859 -13.72 -18.02 -0.29
C LYS C 859 -13.32 -16.72 -0.95
N HIS C 860 -13.73 -15.61 -0.38
CA HIS C 860 -13.31 -14.31 -0.90
C HIS C 860 -11.84 -14.09 -0.63
N ASN C 861 -11.19 -13.37 -1.51
CA ASN C 861 -9.84 -12.87 -1.25
C ASN C 861 -9.88 -11.47 -0.70
N ASN C 862 -11.03 -10.85 -0.89
CA ASN C 862 -11.36 -9.58 -0.26
C ASN C 862 -11.35 -9.70 1.27
N ARG C 863 -10.39 -9.02 1.89
CA ARG C 863 -10.23 -9.05 3.37
C ARG C 863 -11.45 -8.52 4.11
N ASP C 864 -12.06 -7.50 3.55
CA ASP C 864 -13.31 -6.92 4.09
C ASP C 864 -14.49 -7.92 4.15
N VAL C 865 -14.41 -9.03 3.43
CA VAL C 865 -15.45 -10.08 3.46
C VAL C 865 -14.98 -11.35 4.18
N GLU C 866 -13.78 -11.79 3.81
CA GLU C 866 -13.18 -13.05 4.29
C GLU C 866 -13.09 -13.10 5.83
N VAL C 867 -12.61 -12.02 6.40
CA VAL C 867 -12.40 -11.92 7.85
C VAL C 867 -13.73 -12.05 8.61
N ASN C 868 -14.74 -11.34 8.14
CA ASN C 868 -16.08 -11.44 8.74
C ASN C 868 -16.71 -12.82 8.57
N GLY C 869 -16.50 -13.43 7.43
CA GLY C 869 -16.97 -14.80 7.17
C GLY C 869 -16.41 -15.77 8.19
N LEU C 870 -15.10 -15.70 8.40
CA LEU C 870 -14.42 -16.57 9.37
C LEU C 870 -14.93 -16.29 10.79
N GLN C 871 -15.08 -15.03 11.14
CA GLN C 871 -15.59 -14.65 12.47
C GLN C 871 -17.02 -15.14 12.70
N ILE C 872 -17.85 -15.00 11.69
CA ILE C 872 -19.24 -15.47 11.79
C ILE C 872 -19.27 -16.98 12.01
N ALA C 873 -18.44 -17.69 11.24
CA ALA C 873 -18.32 -19.16 11.37
C ALA C 873 -17.94 -19.54 12.80
N LEU C 874 -16.93 -18.87 13.32
CA LEU C 874 -16.46 -19.10 14.69
C LEU C 874 -17.55 -18.76 15.74
N ASP C 875 -18.19 -17.61 15.57
CA ASP C 875 -19.26 -17.14 16.48
C ASP C 875 -20.47 -18.06 16.42
N LEU C 876 -20.79 -18.51 15.21
CA LEU C 876 -21.91 -19.44 15.01
C LEU C 876 -21.69 -20.76 15.79
N VAL C 877 -20.49 -21.29 15.68
CA VAL C 877 -20.11 -22.52 16.38
C VAL C 877 -20.24 -22.35 17.91
N LYS C 878 -19.74 -21.21 18.39
CA LYS C 878 -19.91 -20.85 19.81
C LYS C 878 -21.38 -20.72 20.17
N ASN C 879 -22.17 -20.04 19.33
CA ASN C 879 -23.63 -19.92 19.57
C ASN C 879 -24.33 -21.28 19.67
N ILE C 880 -23.97 -22.19 18.78
CA ILE C 880 -24.56 -23.55 18.80
C ILE C 880 -24.14 -24.31 20.05
N GLU C 881 -22.85 -24.26 20.36
CA GLU C 881 -22.31 -24.96 21.53
C GLU C 881 -22.99 -24.47 22.83
N ARG C 882 -23.23 -23.18 22.88
CA ARG C 882 -23.86 -22.55 24.07
CA ARG C 882 -23.90 -22.48 24.02
C ARG C 882 -25.29 -23.08 24.32
N MET C 883 -25.93 -23.61 23.29
CA MET C 883 -27.31 -24.18 23.40
C MET C 883 -27.39 -25.52 24.15
N GLY C 884 -26.25 -26.19 24.26
CA GLY C 884 -26.19 -27.51 24.88
C GLY C 884 -26.88 -28.58 24.06
N ASN C 885 -27.15 -29.69 24.71
CA ASN C 885 -27.75 -30.87 24.05
C ASN C 885 -29.24 -30.65 23.84
N VAL C 886 -29.55 -29.86 22.82
CA VAL C 886 -30.95 -29.67 22.40
C VAL C 886 -31.05 -30.02 20.92
N PRO C 887 -32.27 -30.30 20.45
CA PRO C 887 -32.46 -30.75 19.07
C PRO C 887 -31.90 -29.81 17.98
N PHE C 888 -31.98 -28.51 18.17
CA PHE C 888 -31.43 -27.59 17.16
C PHE C 888 -29.92 -27.77 16.97
N ALA C 889 -29.21 -27.89 18.08
CA ALA C 889 -27.75 -28.07 18.07
C ALA C 889 -27.36 -29.43 17.50
N ASN C 890 -28.09 -30.46 17.90
CA ASN C 890 -27.84 -31.81 17.39
C ASN C 890 -27.99 -31.85 15.88
N GLU C 891 -29.08 -31.27 15.40
CA GLU C 891 -29.36 -31.19 13.96
C GLU C 891 -28.35 -30.30 13.24
N PHE C 892 -27.91 -29.25 13.93
CA PHE C 892 -26.92 -28.35 13.34
C PHE C 892 -25.65 -29.14 13.03
N HIS C 893 -25.15 -29.84 14.03
CA HIS C 893 -23.94 -30.66 13.85
C HIS C 893 -24.12 -31.73 12.81
N LYS C 894 -25.23 -32.45 12.88
CA LYS C 894 -25.51 -33.49 11.88
C LYS C 894 -25.50 -32.93 10.47
N ASN C 895 -26.10 -31.76 10.28
CA ASN C 895 -26.20 -31.16 8.95
C ASN C 895 -24.94 -30.48 8.45
N TYR C 896 -24.23 -29.83 9.38
CA TYR C 896 -23.22 -28.81 9.01
C TYR C 896 -21.81 -28.96 9.59
N PHE C 897 -21.60 -29.84 10.57
CA PHE C 897 -20.25 -29.93 11.17
C PHE C 897 -19.20 -30.21 10.08
N PHE C 898 -19.43 -31.24 9.28
CA PHE C 898 -18.48 -31.64 8.24
C PHE C 898 -18.40 -30.66 7.08
N ILE C 899 -19.48 -29.95 6.80
CA ILE C 899 -19.44 -28.87 5.82
C ILE C 899 -18.44 -27.79 6.27
N PHE C 900 -18.51 -27.39 7.53
CA PHE C 900 -17.56 -26.38 8.03
C PHE C 900 -16.11 -26.89 8.04
N VAL C 901 -15.93 -28.14 8.46
CA VAL C 901 -14.58 -28.77 8.49
C VAL C 901 -13.95 -28.78 7.08
N SER C 902 -14.70 -29.29 6.11
CA SER C 902 -14.16 -29.46 4.75
C SER C 902 -13.95 -28.10 4.07
N GLU C 903 -14.90 -27.17 4.26
CA GLU C 903 -14.81 -25.84 3.66
C GLU C 903 -13.61 -25.09 4.21
N THR C 904 -13.37 -25.24 5.51
CA THR C 904 -12.21 -24.61 6.17
C THR C 904 -10.90 -25.24 5.67
N PHE C 905 -10.87 -26.56 5.61
CA PHE C 905 -9.71 -27.27 5.01
C PHE C 905 -9.43 -26.81 3.59
N PHE C 906 -10.49 -26.62 2.81
CA PHE C 906 -10.35 -26.21 1.41
C PHE C 906 -9.61 -24.88 1.26
N VAL C 907 -10.04 -23.86 2.00
CA VAL C 907 -9.39 -22.53 1.92
C VAL C 907 -8.00 -22.54 2.58
N LEU C 908 -7.81 -23.38 3.59
CA LEU C 908 -6.47 -23.58 4.15
C LEU C 908 -5.47 -24.12 3.11
N THR C 909 -5.93 -25.05 2.27
CA THR C 909 -5.02 -25.79 1.38
C THR C 909 -4.94 -25.35 -0.07
N ASP C 910 -5.77 -24.41 -0.50
CA ASP C 910 -5.81 -24.09 -1.95
C ASP C 910 -4.80 -23.03 -2.38
N SER C 911 -4.00 -22.53 -1.46
CA SER C 911 -2.97 -21.52 -1.77
C SER C 911 -3.51 -20.19 -2.30
N ASP C 912 -4.81 -19.98 -2.24
CA ASP C 912 -5.41 -18.71 -2.69
C ASP C 912 -5.98 -17.89 -1.54
N HIS C 913 -5.81 -18.36 -0.31
CA HIS C 913 -6.39 -17.65 0.84
C HIS C 913 -5.42 -17.55 1.98
N LYS C 914 -4.18 -17.18 1.66
CA LYS C 914 -3.10 -17.21 2.65
C LYS C 914 -3.29 -16.13 3.73
N SER C 915 -3.92 -15.03 3.37
CA SER C 915 -4.17 -13.95 4.37
C SER C 915 -5.04 -14.41 5.55
N GLY C 916 -5.91 -15.40 5.32
CA GLY C 916 -6.83 -15.85 6.38
C GLY C 916 -6.30 -17.01 7.21
N PHE C 917 -5.03 -17.36 7.05
CA PHE C 917 -4.46 -18.56 7.70
C PHE C 917 -4.76 -18.64 9.20
N SER C 918 -4.40 -17.60 9.94
CA SER C 918 -4.61 -17.58 11.40
C SER C 918 -6.05 -17.83 11.81
N LYS C 919 -6.98 -17.16 11.14
CA LYS C 919 -8.40 -17.32 11.51
C LYS C 919 -8.99 -18.64 11.04
N GLN C 920 -8.54 -19.14 9.89
CA GLN C 920 -8.92 -20.49 9.43
C GLN C 920 -8.44 -21.54 10.44
N ALA C 921 -7.20 -21.39 10.91
CA ALA C 921 -6.62 -22.38 11.85
C ALA C 921 -7.39 -22.40 13.15
N LEU C 922 -7.70 -21.20 13.63
CA LEU C 922 -8.53 -21.03 14.84
C LEU C 922 -9.85 -21.79 14.71
N LEU C 923 -10.53 -21.58 13.60
CA LEU C 923 -11.84 -22.21 13.35
C LEU C 923 -11.71 -23.71 13.28
N LEU C 924 -10.69 -24.19 12.57
CA LEU C 924 -10.47 -25.63 12.46
C LEU C 924 -10.19 -26.23 13.84
N MET C 925 -9.39 -25.52 14.62
CA MET C 925 -9.04 -26.01 15.95
C MET C 925 -10.31 -26.09 16.81
N LYS C 926 -11.15 -25.06 16.75
CA LYS C 926 -12.42 -25.11 17.49
C LYS C 926 -13.25 -26.34 17.10
N LEU C 927 -13.43 -26.52 15.80
CA LEU C 927 -14.21 -27.66 15.27
C LEU C 927 -13.65 -29.02 15.71
N ILE C 928 -12.35 -29.19 15.56
CA ILE C 928 -11.70 -30.46 15.98
C ILE C 928 -11.84 -30.66 17.49
N SER C 929 -11.63 -29.59 18.25
CA SER C 929 -11.73 -29.65 19.71
C SER C 929 -13.16 -29.98 20.19
N LEU C 930 -14.18 -29.62 19.42
CA LEU C 930 -15.57 -29.99 19.76
C LEU C 930 -15.73 -31.51 19.83
N VAL C 931 -15.12 -32.20 18.89
CA VAL C 931 -15.20 -33.67 18.87
C VAL C 931 -14.24 -34.26 19.90
N TYR C 932 -13.01 -33.78 19.88
CA TYR C 932 -11.98 -34.20 20.85
C TYR C 932 -12.44 -34.05 22.31
N ASP C 933 -13.24 -33.02 22.60
CA ASP C 933 -13.82 -32.82 23.94
C ASP C 933 -15.21 -33.46 24.15
N ASN C 934 -15.63 -34.30 23.22
CA ASN C 934 -16.96 -34.96 23.29
C ASN C 934 -18.15 -34.01 23.48
N LYS C 935 -17.96 -32.77 23.05
CA LYS C 935 -19.01 -31.72 23.13
C LYS C 935 -20.12 -31.87 22.10
N ILE C 936 -19.99 -32.83 21.19
CA ILE C 936 -21.08 -33.16 20.26
C ILE C 936 -21.79 -34.41 20.74
N SER C 937 -23.05 -34.25 21.12
CA SER C 937 -23.82 -35.31 21.81
C SER C 937 -24.28 -36.46 20.90
N VAL C 938 -24.60 -36.14 19.65
CA VAL C 938 -25.12 -37.15 18.69
C VAL C 938 -24.02 -37.72 17.78
N PRO C 939 -24.24 -38.92 17.22
CA PRO C 939 -23.30 -39.43 16.23
C PRO C 939 -23.29 -38.56 15.00
N LEU C 940 -22.11 -38.31 14.50
CA LEU C 940 -21.93 -37.49 13.28
C LEU C 940 -22.09 -38.33 12.01
N TYR C 941 -22.16 -39.63 12.18
CA TYR C 941 -22.32 -40.60 11.08
C TYR C 941 -23.74 -41.15 11.11
N GLN C 942 -24.07 -42.03 10.18
CA GLN C 942 -25.36 -42.77 10.24
C GLN C 942 -25.17 -44.26 10.29
N ALA C 944 -25.92 -47.23 10.31
CA ALA C 944 -24.77 -48.12 10.43
C ALA C 944 -23.84 -48.03 9.22
N GLU C 945 -23.40 -46.81 8.91
CA GLU C 945 -22.31 -46.61 7.93
C GLU C 945 -20.97 -46.98 8.58
N VAL C 946 -21.00 -47.07 9.91
CA VAL C 946 -19.86 -47.53 10.70
C VAL C 946 -20.45 -48.27 11.91
N PRO C 947 -19.64 -49.09 12.62
CA PRO C 947 -20.21 -49.81 13.77
C PRO C 947 -20.88 -48.88 14.79
N GLN C 948 -22.06 -49.29 15.24
CA GLN C 948 -22.80 -48.50 16.25
C GLN C 948 -22.02 -48.47 17.57
N GLY C 949 -21.97 -47.30 18.18
CA GLY C 949 -21.14 -47.05 19.36
C GLY C 949 -19.78 -46.44 19.02
N THR C 950 -19.49 -46.34 17.72
CA THR C 950 -18.24 -45.71 17.26
C THR C 950 -18.18 -44.26 17.71
N SER C 951 -17.07 -43.88 18.33
CA SER C 951 -16.93 -42.53 18.86
C SER C 951 -16.81 -41.53 17.71
N ASN C 952 -17.24 -40.30 17.96
CA ASN C 952 -17.11 -39.24 16.96
C ASN C 952 -15.63 -38.94 16.66
N GLN C 953 -14.77 -39.12 17.65
CA GLN C 953 -13.32 -39.00 17.47
C GLN C 953 -12.86 -39.94 16.36
N VAL C 954 -13.23 -41.19 16.52
CA VAL C 954 -12.83 -42.21 15.56
C VAL C 954 -13.38 -41.89 14.17
N TYR C 955 -14.66 -41.51 14.11
CA TYR C 955 -15.27 -41.22 12.81
C TYR C 955 -14.66 -39.99 12.15
N LEU C 956 -14.30 -39.01 12.96
CA LEU C 956 -13.69 -37.76 12.48
C LEU C 956 -12.39 -38.06 11.74
N SER C 957 -11.55 -38.90 12.34
CA SER C 957 -10.28 -39.28 11.74
C SER C 957 -10.51 -39.98 10.41
N GLN C 958 -11.47 -40.87 10.42
CA GLN C 958 -11.83 -41.65 9.23
C GLN C 958 -12.32 -40.75 8.11
N TYR C 959 -13.21 -39.84 8.45
CA TYR C 959 -13.74 -38.89 7.48
C TYR C 959 -12.60 -38.06 6.91
N LEU C 960 -11.73 -37.56 7.77
CA LEU C 960 -10.66 -36.66 7.34
C LEU C 960 -9.62 -37.38 6.50
N ALA C 961 -9.27 -38.60 6.91
CA ALA C 961 -8.26 -39.38 6.19
C ALA C 961 -8.77 -39.64 4.77
N ASN C 962 -10.02 -40.07 4.67
CA ASN C 962 -10.68 -40.26 3.37
C ASN C 962 -10.72 -38.98 2.53
N MET C 963 -11.11 -37.89 3.17
CA MET C 963 -11.18 -36.57 2.50
C MET C 963 -9.83 -36.19 1.90
N LEU C 964 -8.78 -36.28 2.72
CA LEU C 964 -7.44 -35.89 2.29
C LEU C 964 -6.86 -36.87 1.27
N SER C 965 -7.12 -38.16 1.47
CA SER C 965 -6.71 -39.21 0.52
C SER C 965 -7.23 -38.92 -0.90
N ASN C 966 -8.48 -38.50 -1.00
CA ASN C 966 -9.10 -38.23 -2.31
C ASN C 966 -8.69 -36.87 -2.88
N ALA C 967 -8.54 -35.87 -2.01
CA ALA C 967 -8.18 -34.50 -2.42
C ALA C 967 -6.69 -34.37 -2.75
N PHE C 968 -5.87 -35.17 -2.07
CA PHE C 968 -4.40 -35.15 -2.27
C PHE C 968 -3.85 -36.56 -2.48
N PRO C 969 -4.16 -37.17 -3.65
CA PRO C 969 -3.81 -38.57 -3.86
C PRO C 969 -2.31 -38.86 -3.91
N HIS C 970 -1.50 -37.82 -4.05
CA HIS C 970 -0.02 -38.01 -4.10
C HIS C 970 0.61 -38.26 -2.74
N LEU C 971 -0.14 -38.00 -1.68
CA LEU C 971 0.29 -38.28 -0.30
C LEU C 971 0.17 -39.77 -0.01
N THR C 972 1.07 -40.31 0.81
CA THR C 972 0.93 -41.68 1.30
C THR C 972 -0.13 -41.70 2.40
N SER C 973 -0.68 -42.88 2.64
CA SER C 973 -1.62 -43.07 3.78
C SER C 973 -0.97 -42.71 5.11
N GLU C 974 0.30 -43.05 5.29
CA GLU C 974 1.01 -42.76 6.56
CA GLU C 974 1.00 -42.76 6.55
C GLU C 974 1.22 -41.26 6.75
N GLN C 975 1.53 -40.56 5.67
CA GLN C 975 1.59 -39.10 5.72
C GLN C 975 0.29 -38.52 6.27
N ILE C 976 -0.82 -38.99 5.71
CA ILE C 976 -2.16 -38.49 6.10
C ILE C 976 -2.46 -38.89 7.56
N ALA C 977 -2.23 -40.15 7.89
CA ALA C 977 -2.48 -40.65 9.24
C ALA C 977 -1.63 -39.91 10.30
N SER C 978 -0.36 -39.71 10.01
CA SER C 978 0.55 -38.99 10.94
C SER C 978 0.15 -37.54 11.10
N PHE C 979 -0.23 -36.90 10.00
CA PHE C 979 -0.65 -35.50 10.02
C PHE C 979 -1.85 -35.36 10.96
N LEU C 980 -2.85 -36.20 10.74
CA LEU C 980 -4.12 -36.14 11.52
C LEU C 980 -3.93 -36.45 13.00
N SER C 981 -3.06 -37.41 13.30
CA SER C 981 -2.72 -37.77 14.68
CA SER C 981 -2.75 -37.76 14.70
C SER C 981 -2.15 -36.55 15.42
N ALA C 982 -1.21 -35.88 14.76
CA ALA C 982 -0.55 -34.71 15.33
C ALA C 982 -1.57 -33.59 15.50
N LEU C 983 -2.32 -33.32 14.44
CA LEU C 983 -3.29 -32.23 14.41
C LEU C 983 -4.36 -32.37 15.51
N THR C 984 -4.90 -33.58 15.63
CA THR C 984 -5.93 -33.85 16.63
CA THR C 984 -5.92 -33.85 16.63
C THR C 984 -5.38 -33.75 18.06
N LYS C 985 -4.19 -34.29 18.27
CA LYS C 985 -3.50 -34.20 19.57
C LYS C 985 -3.22 -32.75 19.97
N GLN C 986 -3.03 -31.90 18.98
CA GLN C 986 -2.59 -30.51 19.21
C GLN C 986 -3.73 -29.49 19.21
N CYS C 987 -4.97 -29.98 19.28
CA CYS C 987 -6.16 -29.09 19.13
C CYS C 987 -6.45 -28.16 20.34
N LYS C 988 -5.63 -28.25 21.38
CA LYS C 988 -5.68 -27.29 22.50
C LYS C 988 -4.50 -26.32 22.51
N ASP C 989 -3.62 -26.42 21.53
CA ASP C 989 -2.40 -25.60 21.49
C ASP C 989 -2.23 -24.96 20.11
N LEU C 990 -2.83 -23.78 19.95
CA LEU C 990 -2.92 -23.11 18.65
C LEU C 990 -1.59 -22.89 17.93
N VAL C 991 -0.57 -22.53 18.69
CA VAL C 991 0.74 -22.22 18.08
C VAL C 991 1.33 -23.49 17.47
N VAL C 992 1.21 -24.61 18.17
CA VAL C 992 1.73 -25.90 17.70
C VAL C 992 0.85 -26.44 16.55
N PHE C 993 -0.46 -26.40 16.75
CA PHE C 993 -1.49 -26.75 15.75
C PHE C 993 -1.22 -26.05 14.40
N LYS C 994 -0.93 -24.77 14.45
CA LYS C 994 -0.63 -24.00 13.23
C LYS C 994 0.68 -24.43 12.58
N GLY C 995 1.67 -24.75 13.40
CA GLY C 995 2.93 -25.31 12.92
C GLY C 995 2.69 -26.57 12.09
N THR C 996 1.81 -27.42 12.61
CA THR C 996 1.46 -28.69 11.97
C THR C 996 0.69 -28.46 10.66
N LEU C 997 -0.22 -27.51 10.67
CA LEU C 997 -0.88 -27.07 9.41
C LEU C 997 0.13 -26.57 8.38
N ARG C 998 1.09 -25.76 8.83
CA ARG C 998 2.12 -25.21 7.93
C ARG C 998 2.99 -26.31 7.34
N ASP C 999 3.30 -27.32 8.15
CA ASP C 999 4.07 -28.47 7.69
C ASP C 999 3.30 -29.27 6.63
N PHE C 1000 2.00 -29.44 6.84
CA PHE C 1000 1.14 -30.11 5.84
C PHE C 1000 1.13 -29.33 4.51
N LEU C 1001 1.02 -28.00 4.60
CA LEU C 1001 1.04 -27.15 3.39
C LEU C 1001 2.33 -27.29 2.60
N VAL C 1002 3.46 -27.44 3.28
CA VAL C 1002 4.73 -27.76 2.60
C VAL C 1002 4.67 -29.14 1.93
N GLN C 1003 4.26 -30.14 2.70
CA GLN C 1003 4.29 -31.52 2.21
C GLN C 1003 3.36 -31.76 1.01
N ILE C 1004 2.22 -31.08 0.97
CA ILE C 1004 1.32 -31.30 -0.19
C ILE C 1004 1.87 -30.77 -1.50
N LYS C 1005 2.89 -29.94 -1.43
CA LYS C 1005 3.49 -29.38 -2.64
C LYS C 1005 4.56 -30.28 -3.25
N GLU C 1006 4.90 -31.37 -2.56
CA GLU C 1006 5.90 -32.30 -3.08
C GLU C 1006 5.45 -33.74 -2.93
N VAL C 1007 6.29 -34.66 -3.42
CA VAL C 1007 6.09 -36.09 -3.24
C VAL C 1007 7.07 -36.64 -2.21
N GLY C 1008 6.58 -37.56 -1.39
CA GLY C 1008 7.44 -38.36 -0.51
C GLY C 1008 7.82 -37.65 0.78
N GLY C 1009 7.05 -36.65 1.17
CA GLY C 1009 7.29 -35.97 2.44
C GLY C 1009 7.35 -36.98 3.58
N ASP C 1010 8.27 -36.76 4.50
CA ASP C 1010 8.51 -37.69 5.63
C ASP C 1010 7.40 -37.57 6.68
N PRO C 1011 6.68 -38.68 6.94
CA PRO C 1011 5.59 -38.65 7.90
C PRO C 1011 5.99 -38.36 9.35
N THR C 1012 7.23 -38.67 9.72
CA THR C 1012 7.73 -38.42 11.07
C THR C 1012 7.90 -36.90 11.34
N ASP C 1013 7.86 -36.09 10.29
CA ASP C 1013 7.93 -34.64 10.44
C ASP C 1013 6.83 -34.13 11.36
N TYR C 1014 5.70 -34.82 11.40
CA TYR C 1014 4.58 -34.36 12.24
C TYR C 1014 4.79 -34.66 13.73
N LEU C 1015 5.89 -35.33 14.06
CA LEU C 1015 6.30 -35.53 15.47
C LEU C 1015 7.14 -34.36 16.02
N PHE C 1016 7.42 -33.39 15.18
CA PHE C 1016 8.29 -32.28 15.60
C PHE C 1016 7.83 -31.67 16.93
N ALA C 1017 8.77 -31.42 17.82
CA ALA C 1017 8.42 -30.71 19.08
C ALA C 1017 9.64 -30.05 19.71
PG GNP D . -1.22 -10.73 -11.77
O1G GNP D . -2.04 -11.93 -11.44
O2G GNP D . -1.18 -10.46 -13.33
O3G GNP D . 0.25 -10.77 -11.13
N3B GNP D . -2.04 -9.44 -11.01
PB GNP D . -1.51 -7.80 -11.17
O1B GNP D . -1.08 -7.51 -12.54
O2B GNP D . -0.40 -7.44 -10.07
O3A GNP D . -2.83 -6.98 -10.76
PA GNP D . -3.79 -6.23 -11.81
O1A GNP D . -4.46 -7.27 -12.65
O2A GNP D . -3.06 -5.06 -12.41
O5' GNP D . -4.83 -5.55 -10.77
C5' GNP D . -5.59 -6.31 -9.83
C4' GNP D . -6.80 -5.53 -9.32
O4' GNP D . -6.35 -4.44 -8.51
C3' GNP D . -7.66 -4.93 -10.44
O3' GNP D . -9.04 -5.07 -10.12
C2' GNP D . -7.26 -3.47 -10.47
O2' GNP D . -8.29 -2.61 -10.97
C1' GNP D . -6.94 -3.23 -9.01
N9 GNP D . -5.98 -2.13 -8.82
C8 GNP D . -4.80 -1.96 -9.45
N7 GNP D . -4.18 -0.83 -9.02
C5 GNP D . -4.99 -0.28 -8.09
C6 GNP D . -4.98 0.90 -7.22
O6 GNP D . -4.03 1.70 -7.27
N1 GNP D . -6.01 1.11 -6.40
C2 GNP D . -7.06 0.27 -6.32
N2 GNP D . -8.05 0.55 -5.46
N3 GNP D . -7.15 -0.84 -7.09
C4 GNP D . -6.18 -1.14 -7.96
MG MG E . -0.87 -8.74 -14.22
C1 EDO F . -21.48 8.98 -41.88
O1 EDO F . -21.57 7.55 -41.87
C2 EDO F . -22.82 9.60 -41.50
O2 EDO F . -23.65 8.62 -40.87
C1 EDO G . 7.00 -16.72 -4.01
O1 EDO G . 6.68 -15.54 -3.25
C2 EDO G . 7.45 -16.33 -5.41
O2 EDO G . 8.73 -15.69 -5.36
C1 RJA H . -2.79 41.10 9.13
O1 RJA H . -2.64 41.66 10.24
C2 RJA H . -1.57 40.74 8.31
O2 RJA H . -1.98 36.55 7.03
C3 RJA H . -1.70 39.39 7.60
O3 RJA H . -4.03 41.74 19.09
C4 RJA H . -2.23 38.37 8.60
O4 RJA H . 1.13 42.08 19.79
C5 RJA H . -2.91 37.19 7.89
O5 RJA H . -2.09 40.64 20.09
C6 RJA H . -3.49 36.17 8.85
C7 RJA H . -3.67 36.38 10.15
C8 RJA H . -4.25 35.31 10.97
C9 RJA H . -4.38 35.45 12.29
O1' RJA H . -3.92 40.85 8.68
C10 RJA H . -3.92 36.71 12.98
C11 RJA H . -5.11 37.41 13.63
C12 RJA H . -4.62 38.72 14.17
C13 RJA H . -4.33 38.82 15.46
C14 RJA H . -3.83 40.05 16.03
C15 RJA H . -3.70 40.10 17.34
C16 RJA H . -3.15 41.30 18.06
C17 RJA H . -1.88 40.75 18.69
C18 RJA H . -0.69 41.62 18.37
C19 RJA H . 0.56 41.04 19.01
C20 RJA H . 0.24 39.90 19.95
C21 RJA H . -0.93 40.28 20.84
C22 RJA H . -1.28 39.13 21.77
C23 RJA H . -1.55 39.41 23.03
C24 RJA H . -1.90 38.33 24.00
C25 RJA H . -4.73 34.03 10.36
C26 RJA H . -2.88 36.34 14.02
C27 RJA H . -4.46 39.88 13.23
C28 RJA H . 0.02 38.60 19.21
C1 GOL I . 38.28 -20.78 15.87
O1 GOL I . 38.83 -20.91 14.56
C2 GOL I . 36.76 -20.96 15.78
O2 GOL I . 36.37 -22.28 16.20
C3 GOL I . 36.07 -19.92 16.64
O3 GOL I . 35.94 -20.35 18.01
C1 GOL J . 18.64 -11.89 -1.62
O1 GOL J . 19.09 -10.65 -1.03
C2 GOL J . 19.84 -12.48 -2.37
O2 GOL J . 20.90 -12.66 -1.43
C3 GOL J . 19.53 -13.81 -3.08
O3 GOL J . 20.71 -14.60 -3.31
C1 GOL K . -22.31 -19.53 -3.82
O1 GOL K . -22.35 -20.51 -4.87
C2 GOL K . -23.26 -19.93 -2.71
O2 GOL K . -22.71 -20.97 -1.89
C3 GOL K . -23.59 -18.73 -1.82
O3 GOL K . -25.00 -18.47 -1.95
C1 EDO L . 23.24 5.46 26.03
O1 EDO L . 24.22 5.34 27.08
C2 EDO L . 22.93 6.94 25.80
O2 EDO L . 23.43 7.38 24.52
C1 EDO M . -9.33 -37.97 17.02
O1 EDO M . -10.20 -37.64 15.93
C2 EDO M . -9.67 -37.19 18.30
O2 EDO M . -10.54 -36.07 18.05
CL CL N . 1.87 -45.37 3.60
CL CL O . -11.92 24.43 25.79
CL CL P . 21.67 -17.51 -19.18
#